data_9GKN
#
_entry.id   9GKN
#
_cell.length_a   1.00
_cell.length_b   1.00
_cell.length_c   1.00
_cell.angle_alpha   90.00
_cell.angle_beta   90.00
_cell.angle_gamma   90.00
#
_symmetry.space_group_name_H-M   'P 1'
#
loop_
_entity.id
_entity.type
_entity.pdbx_description
1 polymer Ubiquitin
2 polymer Polyubiquitin-C
3 polymer 'Isoform 3 of E3 ubiquitin-protein ligase TRIP12'
4 non-polymer 5-azanylpentan-2-one
#
loop_
_entity_poly.entity_id
_entity_poly.type
_entity_poly.pdbx_seq_one_letter_code
_entity_poly.pdbx_strand_id
1 'polypeptide(L)' MQIFVKTLTGKTITLEVEPSDTIENVKAKIQDKEGIPPDQQRLIFAGKQLEDGRTLSDYNIQKESTLHLVLRLRG B
2 'polypeptide(L)' GPMQIFVKTLTGKTITLEVEPSDTIENVKACIQDKEGIPPDQQRLIFAGKQLEDGRTLSDYNIQKESTLHLVLRLRGG C
3 'polypeptide(L)'
;GSTIGSGASSKAQQLLQGLQASDESQQLQAVIEMCQLLVMGNEETLGGFPVKSVVPALITLLQMEHNFDIMNHACRALTY
MMEALPRSSAVVVDAIPVFLEKLQVIQCIDVAEQALTALEMLSRRHSKAILQAGGLADCLLYLEFFSINAQRNALAIAAN
CCQSITPDEFHFVADSLPLLTQRLTHQDKKSVESTCLCFARLVDNFQHEENLLQQVASKDLLTNVQQLLVVTPPILSSGM
FIMVVRMFSLMCSNCPTLAVQLMKQNIAETLHFLLCGASNGSCQEQIDLVPRSPQELYELTSLICELMPCLPKEGIFAVD
TMLKKGNAQNTDGAIWQWRDDRGLWHPYNRIDSRIIEQINEDTGTARAIQRKPNPLANSNTSGYSESKKDDARAQLMKED
PELAKSFIKTLFGVLYEVYSSSAGPAVRHKCLRAILRIIYFADAELLKDVLKNHAVSSHIASMLSSQDLKIVVGALQMAE
ILMQKLPDIFSVYFRREGVMHQVKHLAESESLLTSPPKACTNGSGSMGSTTSVSSGTATAATHAAADLGSPSLQHSRDDS
LDLSPQGRLSDVLKRKRLPKRGPRRPKYSPPRDDDKVDNQAKSPTTTQSPKSSFLASLNPKTWGRLSTQSNSNNIEPART
AGGSGLARAASKDTISNNREKIKGWIKEQAHKFVERYFSSENMDGSNPALNVLQRLCAATEQLNLQVDGGAECLVEIRSI
VSESDVSSFEIQHSGFVKQLLLYLTSKSEKDAVSREIRLKRFLHVFFSSPLPGEEPIGRVEPVGNAPLLALVHKMNNCLS
QMEQFPVKVHDFPSGNGTGGSFSLNRGSQALKFFNTHQLKCQLQRHPDCANVKQWKGGPVKIDPLALVQAIERYLVVRGY
GRVREDDEDSDDDGSDEEIDESLAAQFLNSGNVRHRLQFYIGEHLLPYNMTVYQAVRQFSIQAEDERESTDDESNPLGRA
GIWTKTHTIWYKPVREDEESNKDCVGGKRGRAQTAPTKTSPRNAKKHDELWHDGVCPSVSNPLEVYLIPTPPENITFEDP
SLDVILLLRVLHAISRYWYYLYDNAMCKEIIPTSEFINSKLTAKANRQLQDPLVIMTGNIPTWLTELGKTCPFFFPFDTR
QMLFYVTAFDRDRAMQRLLDTNPEINQSDSQDSRVAPRLDRKKRTVNREELLKQAESVMQDLGSSRAMLEIQYENEVGTG
LGPTLEFYALVSQELQRADLGLWRGEEVTLSNPKGSQEGTKYIQNLQGLFALPFGRTAKPAHIAKVKMKFRFLGKLMAKA
IMDFRLVDLPLGLPFYKWMLRQETSLTSHDLFDIDPVVARSVYHLEDIVRQKKRLEQDKSQTKESLQYALETLTMNGCSV
EDLGLDFTLPGFPNIELKKGGKDIPVTIHNLEEYLRLVIFWALNEGVSRQFDSFRDGFESVFPLSHLQYFYPEELDQLLC
GSKADTWDAKTLMECCRPDHGYTHDSRAVKFLFEILSSFDNEQQRLFLQFVTGSPRLPVGGFRSLNPPLTIVRKTFESTE
NPDDFLPSVMTCVNYLKLPDYSSIEIMREKLLIAAREGQQSFHLS
;
A
#
# COMPACT_ATOMS: atom_id res chain seq x y z
N MET A 1 0.02 -53.75 27.74
CA MET A 1 -0.96 -52.68 27.86
C MET A 1 -0.28 -51.35 28.16
N GLN A 2 0.73 -51.04 27.35
CA GLN A 2 1.57 -49.86 27.51
C GLN A 2 1.64 -49.09 26.19
N ILE A 3 0.48 -48.79 25.63
CA ILE A 3 0.35 -48.18 24.30
C ILE A 3 1.20 -46.93 24.18
N PHE A 4 1.65 -46.65 22.95
CA PHE A 4 2.56 -45.55 22.66
C PHE A 4 1.76 -44.41 22.02
N VAL A 5 1.97 -43.19 22.50
CA VAL A 5 1.34 -42.01 21.95
C VAL A 5 2.43 -41.13 21.38
N LYS A 6 2.34 -40.80 20.10
CA LYS A 6 3.35 -40.03 19.40
C LYS A 6 2.84 -38.62 19.15
N THR A 7 3.64 -37.64 19.52
CA THR A 7 3.33 -36.24 19.26
C THR A 7 3.66 -35.92 17.81
N LEU A 8 3.64 -34.65 17.44
CA LEU A 8 3.87 -34.28 16.05
C LEU A 8 5.32 -34.48 15.66
N THR A 9 6.24 -33.77 16.32
CA THR A 9 7.63 -33.76 15.88
C THR A 9 8.32 -35.11 15.99
N GLY A 10 8.64 -35.54 17.20
CA GLY A 10 9.32 -36.82 17.36
C GLY A 10 9.08 -37.59 18.63
N LYS A 11 8.28 -37.05 19.55
CA LYS A 11 8.22 -37.57 20.91
C LYS A 11 7.26 -38.75 20.99
N THR A 12 7.66 -39.78 21.72
CA THR A 12 6.84 -40.96 21.97
C THR A 12 6.73 -41.17 23.48
N ILE A 13 5.50 -41.33 23.97
CA ILE A 13 5.22 -41.50 25.39
C ILE A 13 4.55 -42.84 25.60
N THR A 14 5.10 -43.65 26.49
CA THR A 14 4.46 -44.89 26.91
C THR A 14 3.37 -44.57 27.92
N LEU A 15 2.27 -45.31 27.86
CA LEU A 15 1.16 -45.06 28.78
C LEU A 15 0.50 -46.37 29.15
N GLU A 16 0.59 -46.74 30.43
CA GLU A 16 -0.11 -47.93 30.90
C GLU A 16 -1.61 -47.69 30.90
N VAL A 17 -2.36 -48.67 30.40
CA VAL A 17 -3.80 -48.50 30.22
C VAL A 17 -4.49 -49.83 30.47
N GLU A 18 -5.68 -49.77 31.07
CA GLU A 18 -6.54 -50.93 31.28
C GLU A 18 -7.40 -51.16 30.05
N PRO A 19 -7.89 -52.39 29.85
CA PRO A 19 -8.73 -52.65 28.67
C PRO A 19 -9.98 -51.79 28.61
N SER A 20 -10.79 -51.79 29.67
CA SER A 20 -12.04 -51.01 29.70
C SER A 20 -11.77 -49.60 30.24
N ASP A 21 -10.98 -48.84 29.48
CA ASP A 21 -10.62 -47.48 29.82
C ASP A 21 -11.20 -46.53 28.78
N THR A 22 -11.86 -45.48 29.25
CA THR A 22 -12.42 -44.47 28.37
C THR A 22 -11.33 -43.54 27.86
N ILE A 23 -11.67 -42.76 26.83
CA ILE A 23 -10.74 -41.79 26.27
C ILE A 23 -10.39 -40.71 27.28
N GLU A 24 -11.33 -40.39 28.18
CA GLU A 24 -11.08 -39.34 29.17
C GLU A 24 -9.93 -39.73 30.10
N ASN A 25 -9.88 -41.00 30.53
CA ASN A 25 -8.79 -41.43 31.40
C ASN A 25 -7.44 -41.34 30.68
N VAL A 26 -7.40 -41.74 29.41
CA VAL A 26 -6.16 -41.66 28.64
C VAL A 26 -5.72 -40.21 28.49
N LYS A 27 -6.67 -39.31 28.21
CA LYS A 27 -6.34 -37.89 28.10
C LYS A 27 -5.82 -37.33 29.42
N ALA A 28 -6.42 -37.75 30.53
CA ALA A 28 -5.96 -37.30 31.84
C ALA A 28 -4.54 -37.78 32.13
N LYS A 29 -4.26 -39.04 31.78
CA LYS A 29 -2.91 -39.57 31.96
C LYS A 29 -1.90 -38.81 31.09
N ILE A 30 -2.28 -38.49 29.86
CA ILE A 30 -1.40 -37.73 28.97
C ILE A 30 -1.16 -36.33 29.54
N GLN A 31 -2.20 -35.72 30.11
CA GLN A 31 -2.02 -34.42 30.76
C GLN A 31 -1.06 -34.51 31.93
N ASP A 32 -1.19 -35.56 32.74
CA ASP A 32 -0.31 -35.74 33.89
C ASP A 32 1.14 -35.93 33.45
N LYS A 33 1.35 -36.68 32.36
CA LYS A 33 2.71 -37.03 31.95
C LYS A 33 3.35 -36.01 31.01
N GLU A 34 2.56 -35.13 30.40
CA GLU A 34 3.13 -34.18 29.44
C GLU A 34 2.74 -32.73 29.71
N GLY A 35 1.52 -32.48 30.19
CA GLY A 35 1.09 -31.14 30.54
C GLY A 35 0.02 -30.55 29.64
N ILE A 36 -0.32 -31.18 28.53
CA ILE A 36 -1.33 -30.64 27.63
C ILE A 36 -2.71 -30.84 28.26
N PRO A 37 -3.54 -29.81 28.32
CA PRO A 37 -4.84 -29.94 29.00
C PRO A 37 -5.72 -30.92 28.27
N PRO A 38 -6.61 -31.62 28.98
CA PRO A 38 -7.52 -32.56 28.31
C PRO A 38 -8.70 -31.86 27.68
N ASP A 39 -8.44 -30.79 26.94
CA ASP A 39 -9.48 -30.06 26.24
C ASP A 39 -8.97 -29.76 24.84
N GLN A 40 -7.65 -29.71 24.70
CA GLN A 40 -6.99 -29.44 23.43
C GLN A 40 -6.19 -30.64 22.93
N GLN A 41 -6.58 -31.84 23.33
CA GLN A 41 -6.00 -33.07 22.83
C GLN A 41 -6.99 -33.75 21.90
N ARG A 42 -6.52 -34.12 20.71
CA ARG A 42 -7.35 -34.80 19.71
C ARG A 42 -6.60 -36.06 19.28
N LEU A 43 -7.06 -37.21 19.76
CA LEU A 43 -6.39 -38.47 19.48
C LEU A 43 -6.90 -39.07 18.18
N ILE A 44 -5.97 -39.55 17.35
CA ILE A 44 -6.27 -40.14 16.05
C ILE A 44 -5.64 -41.53 16.02
N PHE A 45 -6.46 -42.54 15.73
CA PHE A 45 -6.01 -43.92 15.62
C PHE A 45 -6.26 -44.43 14.22
N ALA A 46 -5.25 -45.07 13.64
CA ALA A 46 -5.27 -45.47 12.23
C ALA A 46 -5.50 -44.24 11.37
N GLY A 47 -6.76 -43.99 11.00
CA GLY A 47 -7.10 -42.79 10.25
C GLY A 47 -8.38 -42.14 10.73
N LYS A 48 -8.81 -42.49 11.94
CA LYS A 48 -10.07 -42.03 12.49
C LYS A 48 -9.84 -41.22 13.76
N GLN A 49 -10.71 -40.24 13.97
CA GLN A 49 -10.69 -39.40 15.15
C GLN A 49 -11.41 -40.11 16.28
N LEU A 50 -10.69 -40.40 17.36
CA LEU A 50 -11.26 -41.17 18.46
C LEU A 50 -12.31 -40.34 19.18
N GLU A 51 -13.58 -40.72 19.04
CA GLU A 51 -14.65 -40.04 19.74
C GLU A 51 -14.60 -40.35 21.23
N ASP A 52 -15.15 -39.43 22.03
CA ASP A 52 -15.18 -39.58 23.48
C ASP A 52 -16.51 -40.17 23.91
N GLY A 53 -16.46 -41.19 24.75
CA GLY A 53 -17.66 -41.85 25.22
C GLY A 53 -17.65 -43.35 25.00
N ARG A 54 -16.48 -43.89 24.66
CA ARG A 54 -16.33 -45.31 24.39
C ARG A 54 -15.02 -45.78 25.02
N THR A 55 -14.59 -46.98 24.65
CA THR A 55 -13.39 -47.59 25.19
C THR A 55 -12.46 -47.99 24.07
N LEU A 56 -11.19 -48.21 24.43
CA LEU A 56 -10.19 -48.64 23.44
C LEU A 56 -10.50 -50.01 22.85
N SER A 57 -11.25 -50.85 23.58
CA SER A 57 -11.60 -52.16 23.06
C SER A 57 -12.54 -52.04 21.87
N ASP A 58 -13.38 -51.00 21.84
CA ASP A 58 -14.31 -50.83 20.72
C ASP A 58 -13.55 -50.52 19.43
N TYR A 59 -12.44 -49.81 19.53
CA TYR A 59 -11.66 -49.43 18.36
C TYR A 59 -10.59 -50.45 18.01
N ASN A 60 -10.60 -51.61 18.65
CA ASN A 60 -9.62 -52.68 18.40
C ASN A 60 -8.20 -52.18 18.61
N ILE A 61 -7.99 -51.43 19.68
CA ILE A 61 -6.67 -50.95 20.07
C ILE A 61 -6.09 -51.92 21.09
N GLN A 62 -4.88 -52.42 20.80
CA GLN A 62 -4.29 -53.47 21.63
C GLN A 62 -2.92 -53.05 22.13
N LYS A 63 -2.18 -53.99 22.72
CA LYS A 63 -0.86 -53.71 23.23
C LYS A 63 0.11 -53.38 22.10
N GLU A 64 1.10 -52.55 22.42
CA GLU A 64 2.13 -52.12 21.47
C GLU A 64 1.51 -51.44 20.24
N SER A 65 0.42 -50.73 20.47
CA SER A 65 -0.21 -49.92 19.43
C SER A 65 0.29 -48.48 19.51
N THR A 66 0.13 -47.76 18.41
CA THR A 66 0.60 -46.39 18.29
C THR A 66 -0.57 -45.47 17.98
N LEU A 67 -0.70 -44.39 18.76
CA LEU A 67 -1.71 -43.36 18.53
C LEU A 67 -1.01 -42.05 18.20
N HIS A 68 -1.74 -41.15 17.54
CA HIS A 68 -1.20 -39.86 17.13
C HIS A 68 -1.91 -38.75 17.90
N LEU A 69 -1.14 -37.79 18.39
CA LEU A 69 -1.69 -36.67 19.15
C LEU A 69 -1.52 -35.38 18.35
N VAL A 70 -2.63 -34.69 18.10
CA VAL A 70 -2.65 -33.42 17.39
C VAL A 70 -3.39 -32.40 18.24
N LEU A 71 -2.82 -31.21 18.39
CA LEU A 71 -3.37 -30.18 19.26
C LEU A 71 -4.39 -29.33 18.52
N ARG A 72 -5.42 -28.89 19.26
CA ARG A 72 -6.52 -28.11 18.72
C ARG A 72 -6.35 -26.65 19.13
N LEU A 73 -5.50 -25.94 18.39
CA LEU A 73 -5.17 -24.58 18.79
C LEU A 73 -5.38 -23.54 17.70
N ARG A 74 -5.10 -23.87 16.44
CA ARG A 74 -5.08 -22.87 15.39
C ARG A 74 -6.45 -22.71 14.74
N GLY A 75 -6.56 -21.78 13.81
CA GLY A 75 -7.82 -21.52 13.12
C GLY A 75 -7.68 -20.74 11.82
N PRO B 2 -13.02 -24.17 23.09
CA PRO B 2 -13.48 -24.85 21.88
C PRO B 2 -14.92 -25.31 21.98
N MET B 3 -15.81 -24.62 21.28
CA MET B 3 -17.24 -24.92 21.31
C MET B 3 -17.78 -24.88 19.89
N GLN B 4 -18.92 -25.54 19.68
CA GLN B 4 -19.57 -25.57 18.39
C GLN B 4 -20.98 -25.01 18.51
N ILE B 5 -21.34 -24.15 17.55
CA ILE B 5 -22.65 -23.52 17.51
C ILE B 5 -23.22 -23.69 16.10
N PHE B 6 -24.54 -23.55 16.01
CA PHE B 6 -25.27 -23.72 14.76
C PHE B 6 -25.88 -22.40 14.34
N VAL B 7 -25.60 -21.98 13.11
CA VAL B 7 -26.23 -20.81 12.50
C VAL B 7 -27.24 -21.32 11.48
N LYS B 8 -28.49 -20.88 11.61
CA LYS B 8 -29.60 -21.39 10.81
C LYS B 8 -30.27 -20.23 10.09
N THR B 9 -30.49 -20.40 8.79
CA THR B 9 -31.09 -19.36 7.96
C THR B 9 -32.58 -19.59 7.79
N LEU B 10 -33.22 -18.69 7.03
CA LEU B 10 -34.67 -18.76 6.84
C LEU B 10 -35.06 -19.89 5.89
N THR B 11 -34.30 -20.07 4.81
CA THR B 11 -34.59 -21.15 3.87
C THR B 11 -34.40 -22.51 4.52
N GLY B 12 -33.50 -22.61 5.48
CA GLY B 12 -33.28 -23.84 6.22
C GLY B 12 -31.92 -24.46 5.93
N LYS B 13 -30.97 -24.19 6.80
CA LYS B 13 -29.62 -24.77 6.72
C LYS B 13 -29.12 -24.97 8.15
N THR B 14 -27.86 -25.38 8.27
CA THR B 14 -27.21 -25.47 9.57
C THR B 14 -25.71 -25.39 9.35
N ILE B 15 -25.15 -24.20 9.56
CA ILE B 15 -23.71 -23.99 9.45
C ILE B 15 -23.14 -24.22 10.86
N THR B 16 -22.29 -25.23 10.98
CA THR B 16 -21.70 -25.59 12.26
C THR B 16 -20.38 -24.85 12.42
N LEU B 17 -20.42 -23.72 13.11
CA LEU B 17 -19.22 -22.94 13.36
C LEU B 17 -18.55 -23.41 14.64
N GLU B 18 -17.27 -23.73 14.55
CA GLU B 18 -16.47 -24.12 15.70
C GLU B 18 -15.63 -22.92 16.12
N VAL B 19 -16.00 -22.30 17.23
CA VAL B 19 -15.41 -21.05 17.68
C VAL B 19 -15.05 -21.17 19.15
N GLU B 20 -14.54 -20.08 19.70
CA GLU B 20 -14.16 -19.96 21.10
C GLU B 20 -14.90 -18.81 21.75
N PRO B 21 -15.12 -18.86 23.07
CA PRO B 21 -15.97 -17.83 23.71
C PRO B 21 -15.45 -16.42 23.55
N SER B 22 -14.15 -16.23 23.39
CA SER B 22 -13.54 -14.91 23.35
C SER B 22 -13.48 -14.33 21.94
N ASP B 23 -14.33 -14.79 21.02
CA ASP B 23 -14.32 -14.30 19.66
C ASP B 23 -15.26 -13.12 19.49
N THR B 24 -14.95 -12.27 18.52
CA THR B 24 -15.76 -11.11 18.20
C THR B 24 -16.87 -11.49 17.22
N ILE B 25 -18.02 -10.83 17.37
CA ILE B 25 -19.16 -11.13 16.51
C ILE B 25 -18.83 -10.77 15.06
N GLU B 26 -18.05 -9.70 14.86
CA GLU B 26 -17.68 -9.32 13.50
C GLU B 26 -16.87 -10.41 12.82
N ASN B 27 -15.98 -11.08 13.57
CA ASN B 27 -15.23 -12.19 12.99
C ASN B 27 -16.15 -13.34 12.59
N VAL B 28 -17.17 -13.61 13.40
CA VAL B 28 -18.14 -14.65 13.07
C VAL B 28 -18.87 -14.30 11.78
N LYS B 29 -19.27 -13.04 11.64
CA LYS B 29 -19.95 -12.62 10.42
C LYS B 29 -19.01 -12.71 9.21
N ALA B 30 -17.74 -12.40 9.40
CA ALA B 30 -16.77 -12.56 8.31
C ALA B 30 -16.61 -14.01 7.91
N CYS B 31 -16.57 -14.92 8.88
CA CYS B 31 -16.47 -16.34 8.57
C CYS B 31 -17.71 -16.84 7.83
N ILE B 32 -18.89 -16.36 8.24
CA ILE B 32 -20.11 -16.71 7.52
C ILE B 32 -20.07 -16.19 6.09
N GLN B 33 -19.51 -14.99 5.90
CA GLN B 33 -19.31 -14.47 4.55
C GLN B 33 -18.41 -15.38 3.74
N ASP B 34 -17.30 -15.82 4.35
CA ASP B 34 -16.35 -16.68 3.64
C ASP B 34 -16.98 -18.04 3.30
N LYS B 35 -17.89 -18.52 4.13
CA LYS B 35 -18.45 -19.85 3.96
C LYS B 35 -19.75 -19.87 3.14
N GLU B 36 -20.40 -18.72 2.97
CA GLU B 36 -21.69 -18.72 2.28
C GLU B 36 -21.74 -17.66 1.18
N GLY B 37 -21.00 -16.55 1.35
CA GLY B 37 -20.94 -15.51 0.36
C GLY B 37 -21.75 -14.27 0.67
N ILE B 38 -22.53 -14.26 1.73
CA ILE B 38 -23.32 -13.08 2.10
C ILE B 38 -22.38 -11.98 2.56
N PRO B 39 -22.51 -10.75 2.06
CA PRO B 39 -21.61 -9.68 2.50
C PRO B 39 -21.79 -9.43 3.99
N PRO B 40 -20.72 -9.01 4.67
CA PRO B 40 -20.81 -8.80 6.13
C PRO B 40 -21.40 -7.45 6.48
N ASP B 41 -22.48 -7.07 5.80
CA ASP B 41 -23.22 -5.87 6.13
C ASP B 41 -24.73 -6.04 6.05
N GLN B 42 -25.23 -7.08 5.38
CA GLN B 42 -26.65 -7.36 5.31
C GLN B 42 -27.11 -8.31 6.41
N GLN B 43 -26.19 -8.87 7.17
CA GLN B 43 -26.53 -9.86 8.19
C GLN B 43 -27.01 -9.18 9.47
N ARG B 44 -27.96 -9.82 10.14
CA ARG B 44 -28.48 -9.33 11.41
C ARG B 44 -28.74 -10.55 12.31
N LEU B 45 -27.74 -10.87 13.14
CA LEU B 45 -27.82 -12.07 13.96
C LEU B 45 -28.76 -11.88 15.15
N ILE B 46 -29.56 -12.92 15.43
CA ILE B 46 -30.60 -12.88 16.43
C ILE B 46 -30.37 -14.00 17.43
N PHE B 47 -30.29 -13.66 18.71
CA PHE B 47 -30.11 -14.63 19.77
C PHE B 47 -31.09 -14.32 20.91
N ALA B 48 -31.84 -15.35 21.32
CA ALA B 48 -32.79 -15.23 22.43
C ALA B 48 -33.75 -14.06 22.24
N GLY B 49 -34.24 -13.91 21.01
CA GLY B 49 -35.16 -12.83 20.70
C GLY B 49 -34.55 -11.46 20.82
N LYS B 50 -33.24 -11.33 20.58
CA LYS B 50 -32.57 -10.03 20.61
C LYS B 50 -31.82 -9.82 19.31
N GLN B 51 -31.04 -8.74 19.25
CA GLN B 51 -30.21 -8.46 18.06
C GLN B 51 -28.77 -8.30 18.54
N LEU B 52 -27.89 -9.17 18.06
CA LEU B 52 -26.49 -9.05 18.44
C LEU B 52 -25.84 -7.84 17.78
N GLU B 53 -24.90 -7.24 18.49
CA GLU B 53 -24.24 -6.02 18.05
C GLU B 53 -22.75 -6.25 17.85
N ASP B 54 -22.18 -5.54 16.89
CA ASP B 54 -20.77 -5.65 16.61
C ASP B 54 -19.94 -4.99 17.71
N GLY B 55 -18.68 -5.40 17.81
CA GLY B 55 -17.77 -4.87 18.79
C GLY B 55 -17.77 -5.57 20.13
N ARG B 56 -18.60 -6.59 20.31
CA ARG B 56 -18.68 -7.35 21.56
C ARG B 56 -18.06 -8.72 21.36
N THR B 57 -18.14 -9.54 22.40
CA THR B 57 -17.66 -10.92 22.36
C THR B 57 -18.81 -11.86 22.68
N LEU B 58 -18.63 -13.13 22.29
CA LEU B 58 -19.67 -14.12 22.52
C LEU B 58 -19.88 -14.39 24.00
N SER B 59 -18.81 -14.31 24.81
CA SER B 59 -18.94 -14.57 26.24
C SER B 59 -19.77 -13.51 26.95
N ASP B 60 -19.93 -12.32 26.36
CA ASP B 60 -20.77 -11.30 26.96
C ASP B 60 -22.23 -11.73 26.99
N TYR B 61 -22.71 -12.38 25.94
CA TYR B 61 -24.09 -12.81 25.84
C TYR B 61 -24.31 -14.22 26.42
N ASN B 62 -23.27 -14.82 27.00
CA ASN B 62 -23.36 -16.16 27.60
C ASN B 62 -23.75 -17.22 26.56
N ILE B 63 -23.08 -17.17 25.42
CA ILE B 63 -23.29 -18.16 24.37
C ILE B 63 -22.50 -19.41 24.71
N GLN B 64 -23.16 -20.56 24.68
CA GLN B 64 -22.55 -21.80 25.13
C GLN B 64 -22.62 -22.91 24.08
N LYS B 65 -22.26 -24.12 24.48
CA LYS B 65 -22.21 -25.26 23.57
C LYS B 65 -23.59 -25.52 22.98
N GLU B 66 -23.61 -25.80 21.67
CA GLU B 66 -24.83 -26.18 20.96
C GLU B 66 -25.95 -25.15 21.13
N SER B 67 -25.60 -23.87 21.02
CA SER B 67 -26.57 -22.79 21.07
C SER B 67 -26.86 -22.34 19.65
N THR B 68 -28.14 -22.29 19.29
CA THR B 68 -28.56 -22.03 17.92
C THR B 68 -28.85 -20.55 17.74
N LEU B 69 -28.18 -19.94 16.78
CA LEU B 69 -28.43 -18.56 16.39
C LEU B 69 -29.32 -18.53 15.15
N HIS B 70 -29.70 -17.32 14.75
CA HIS B 70 -30.48 -17.11 13.53
C HIS B 70 -29.81 -16.04 12.69
N LEU B 71 -29.97 -16.16 11.38
CA LEU B 71 -29.35 -15.23 10.43
C LEU B 71 -30.44 -14.66 9.53
N VAL B 72 -30.88 -13.44 9.83
CA VAL B 72 -31.93 -12.77 9.08
C VAL B 72 -31.27 -11.63 8.29
N LEU B 73 -31.44 -11.65 6.98
CA LEU B 73 -30.79 -10.71 6.09
C LEU B 73 -31.65 -9.47 5.90
N ARG B 74 -30.99 -8.35 5.61
CA ARG B 74 -31.67 -7.10 5.33
C ARG B 74 -31.27 -6.61 3.94
N LEU B 75 -32.17 -5.85 3.32
CA LEU B 75 -31.96 -5.38 1.95
C LEU B 75 -31.71 -3.89 1.92
N SER C 9 -49.71 -11.79 8.88
CA SER C 9 -51.02 -11.26 8.56
C SER C 9 -52.10 -11.94 9.40
N SER C 10 -52.28 -13.25 9.18
CA SER C 10 -53.28 -13.99 9.94
C SER C 10 -52.99 -13.96 11.43
N LYS C 11 -51.73 -14.15 11.81
CA LYS C 11 -51.37 -13.99 13.22
C LYS C 11 -51.35 -12.53 13.63
N ALA C 12 -51.14 -11.62 12.67
CA ALA C 12 -51.14 -10.20 12.99
C ALA C 12 -52.51 -9.74 13.46
N GLN C 13 -53.57 -10.22 12.82
CA GLN C 13 -54.92 -9.86 13.26
C GLN C 13 -55.20 -10.38 14.67
N GLN C 14 -54.77 -11.62 14.97
CA GLN C 14 -54.96 -12.15 16.31
C GLN C 14 -54.19 -11.34 17.34
N LEU C 15 -52.97 -10.94 17.01
CA LEU C 15 -52.19 -10.11 17.92
C LEU C 15 -52.83 -8.74 18.12
N LEU C 16 -53.39 -8.16 17.06
CA LEU C 16 -54.06 -6.87 17.20
C LEU C 16 -55.29 -6.98 18.09
N GLN C 17 -56.08 -8.04 17.91
CA GLN C 17 -57.21 -8.26 18.79
C GLN C 17 -56.77 -8.47 20.23
N GLY C 18 -55.64 -9.14 20.43
CA GLY C 18 -55.11 -9.28 21.78
C GLY C 18 -54.69 -7.95 22.37
N LEU C 19 -54.08 -7.08 21.56
CA LEU C 19 -53.72 -5.75 22.03
C LEU C 19 -54.95 -4.97 22.44
N GLN C 20 -56.03 -5.04 21.64
CA GLN C 20 -57.29 -4.37 21.98
C GLN C 20 -58.10 -5.30 22.88
N ALA C 21 -57.76 -5.28 24.18
CA ALA C 21 -58.42 -6.12 25.15
C ALA C 21 -58.42 -5.39 26.50
N SER C 22 -58.72 -6.13 27.57
CA SER C 22 -58.79 -5.55 28.91
C SER C 22 -57.88 -6.25 29.91
N ASP C 23 -57.74 -7.57 29.83
CA ASP C 23 -56.95 -8.29 30.82
C ASP C 23 -55.46 -7.95 30.67
N GLU C 24 -54.82 -7.61 31.79
CA GLU C 24 -53.42 -7.20 31.74
C GLU C 24 -52.52 -8.33 31.26
N SER C 25 -52.76 -9.54 31.73
CA SER C 25 -51.95 -10.68 31.29
C SER C 25 -52.10 -10.90 29.78
N GLN C 26 -53.31 -10.70 29.26
CA GLN C 26 -53.50 -10.80 27.81
C GLN C 26 -52.66 -9.78 27.07
N GLN C 27 -52.62 -8.54 27.58
CA GLN C 27 -51.79 -7.51 26.95
C GLN C 27 -50.32 -7.90 26.99
N LEU C 28 -49.85 -8.40 28.13
CA LEU C 28 -48.44 -8.76 28.27
C LEU C 28 -48.06 -9.87 27.31
N GLN C 29 -48.89 -10.91 27.24
CA GLN C 29 -48.62 -12.01 26.31
C GLN C 29 -48.64 -11.51 24.87
N ALA C 30 -49.60 -10.65 24.52
CA ALA C 30 -49.71 -10.16 23.16
C ALA C 30 -48.50 -9.33 22.76
N VAL C 31 -48.03 -8.47 23.67
CA VAL C 31 -46.89 -7.62 23.30
C VAL C 31 -45.61 -8.45 23.21
N ILE C 32 -45.43 -9.45 24.07
CA ILE C 32 -44.25 -10.30 23.93
C ILE C 32 -44.30 -11.04 22.59
N GLU C 33 -45.47 -11.57 22.23
CA GLU C 33 -45.58 -12.26 20.95
C GLU C 33 -45.31 -11.32 19.77
N MET C 34 -45.82 -10.09 19.84
CA MET C 34 -45.61 -9.15 18.75
C MET C 34 -44.14 -8.77 18.61
N CYS C 35 -43.46 -8.53 19.73
CA CYS C 35 -42.03 -8.26 19.68
C CYS C 35 -41.26 -9.43 19.08
N GLN C 36 -41.59 -10.65 19.50
CA GLN C 36 -40.91 -11.82 18.96
C GLN C 36 -41.13 -11.97 17.47
N LEU C 37 -42.36 -11.73 17.00
CA LEU C 37 -42.64 -11.81 15.58
C LEU C 37 -41.90 -10.74 14.80
N LEU C 38 -41.73 -9.55 15.39
CA LEU C 38 -41.07 -8.47 14.68
C LEU C 38 -39.56 -8.65 14.60
N VAL C 39 -38.95 -9.30 15.61
CA VAL C 39 -37.49 -9.41 15.62
C VAL C 39 -36.99 -10.21 14.44
N MET C 40 -37.57 -11.39 14.21
CA MET C 40 -37.11 -12.28 13.14
C MET C 40 -37.71 -11.94 11.78
N GLY C 41 -38.52 -10.90 11.68
CA GLY C 41 -39.16 -10.56 10.43
C GLY C 41 -38.19 -9.93 9.44
N ASN C 42 -38.75 -9.57 8.28
CA ASN C 42 -37.98 -8.98 7.19
C ASN C 42 -38.97 -8.27 6.27
N GLU C 43 -38.42 -7.47 5.35
CA GLU C 43 -39.28 -6.74 4.44
C GLU C 43 -40.12 -7.68 3.58
N GLU C 44 -39.52 -8.74 3.06
CA GLU C 44 -40.25 -9.70 2.24
C GLU C 44 -41.14 -10.60 3.10
N THR C 45 -40.62 -11.06 4.24
CA THR C 45 -41.41 -11.97 5.09
C THR C 45 -42.60 -11.27 5.72
N LEU C 46 -42.42 -10.02 6.17
CA LEU C 46 -43.45 -9.29 6.88
C LEU C 46 -44.24 -8.36 5.97
N GLY C 47 -44.44 -8.75 4.71
CA GLY C 47 -45.26 -7.93 3.83
C GLY C 47 -46.70 -7.90 4.31
N GLY C 48 -47.35 -6.75 4.14
CA GLY C 48 -48.73 -6.60 4.54
C GLY C 48 -48.97 -6.49 6.03
N PHE C 49 -47.93 -6.26 6.82
CA PHE C 49 -48.11 -6.11 8.25
C PHE C 49 -48.90 -4.84 8.54
N PRO C 50 -49.97 -4.91 9.33
CA PRO C 50 -50.79 -3.72 9.56
C PRO C 50 -50.09 -2.69 10.45
N VAL C 51 -49.65 -1.59 9.86
CA VAL C 51 -49.00 -0.53 10.62
C VAL C 51 -49.96 0.62 10.94
N LYS C 52 -51.06 0.74 10.20
CA LYS C 52 -52.04 1.77 10.49
C LYS C 52 -52.91 1.44 11.70
N SER C 53 -52.91 0.18 12.13
CA SER C 53 -53.74 -0.26 13.26
C SER C 53 -52.93 -0.70 14.47
N VAL C 54 -51.81 -1.39 14.26
CA VAL C 54 -50.99 -1.83 15.39
C VAL C 54 -50.39 -0.64 16.12
N VAL C 55 -49.89 0.35 15.38
CA VAL C 55 -49.21 1.48 16.02
C VAL C 55 -50.11 2.25 16.97
N PRO C 56 -51.31 2.70 16.58
CA PRO C 56 -52.15 3.43 17.55
C PRO C 56 -52.47 2.62 18.79
N ALA C 57 -52.70 1.32 18.65
CA ALA C 57 -52.96 0.49 19.82
C ALA C 57 -51.75 0.43 20.73
N LEU C 58 -50.55 0.28 20.15
CA LEU C 58 -49.34 0.27 20.96
C LEU C 58 -49.14 1.60 21.66
N ILE C 59 -49.46 2.72 21.00
CA ILE C 59 -49.31 4.02 21.62
C ILE C 59 -50.27 4.16 22.80
N THR C 60 -51.53 3.74 22.59
CA THR C 60 -52.52 3.81 23.66
C THR C 60 -52.10 2.94 24.84
N LEU C 61 -51.47 1.79 24.55
CA LEU C 61 -50.97 0.93 25.62
C LEU C 61 -49.81 1.59 26.35
N LEU C 62 -48.94 2.28 25.62
CA LEU C 62 -47.79 2.96 26.24
C LEU C 62 -48.23 4.11 27.12
N GLN C 63 -49.31 4.80 26.75
CA GLN C 63 -49.79 5.92 27.56
C GLN C 63 -50.47 5.41 28.82
N MET C 64 -49.68 4.86 29.75
CA MET C 64 -50.19 4.33 31.01
C MET C 64 -49.33 4.84 32.16
N GLU C 65 -49.69 4.44 33.38
CA GLU C 65 -48.89 4.75 34.56
C GLU C 65 -48.79 3.60 35.55
N HIS C 66 -49.61 2.55 35.45
CA HIS C 66 -49.76 1.59 36.53
C HIS C 66 -48.73 0.46 36.50
N ASN C 67 -47.95 0.33 35.44
CA ASN C 67 -47.01 -0.77 35.32
C ASN C 67 -45.64 -0.26 34.88
N PHE C 68 -44.60 -0.95 35.36
CA PHE C 68 -43.22 -0.65 35.00
C PHE C 68 -42.57 -1.75 34.17
N ASP C 69 -43.38 -2.63 33.58
CA ASP C 69 -42.86 -3.74 32.78
C ASP C 69 -43.45 -3.79 31.38
N ILE C 70 -44.73 -3.44 31.23
CA ILE C 70 -45.36 -3.45 29.91
C ILE C 70 -44.74 -2.39 29.00
N MET C 71 -44.25 -1.29 29.58
CA MET C 71 -43.70 -0.21 28.76
C MET C 71 -42.37 -0.59 28.15
N ASN C 72 -41.56 -1.38 28.86
CA ASN C 72 -40.28 -1.81 28.33
C ASN C 72 -40.43 -2.67 27.08
N HIS C 73 -41.57 -3.33 26.91
CA HIS C 73 -41.87 -4.05 25.68
C HIS C 73 -42.64 -3.22 24.67
N ALA C 74 -43.48 -2.29 25.14
CA ALA C 74 -44.17 -1.40 24.21
C ALA C 74 -43.20 -0.55 23.42
N CYS C 75 -42.15 -0.05 24.07
CA CYS C 75 -41.11 0.68 23.35
C CYS C 75 -40.32 -0.22 22.40
N ARG C 76 -40.03 -1.45 22.84
CA ARG C 76 -39.25 -2.37 22.01
C ARG C 76 -40.00 -2.73 20.74
N ALA C 77 -41.32 -2.85 20.83
CA ALA C 77 -42.10 -3.18 19.63
C ALA C 77 -41.94 -2.11 18.55
N LEU C 78 -42.05 -0.83 18.93
CA LEU C 78 -41.90 0.24 17.97
C LEU C 78 -40.48 0.33 17.44
N THR C 79 -39.49 0.15 18.33
CA THR C 79 -38.10 0.15 17.88
C THR C 79 -37.86 -0.92 16.82
N TYR C 80 -38.34 -2.13 17.08
CA TYR C 80 -38.14 -3.22 16.14
C TYR C 80 -38.95 -3.03 14.86
N MET C 81 -40.11 -2.41 14.96
CA MET C 81 -40.89 -2.13 13.75
C MET C 81 -40.15 -1.15 12.85
N MET C 82 -39.55 -0.11 13.43
CA MET C 82 -38.73 0.79 12.61
C MET C 82 -37.51 0.07 12.05
N GLU C 83 -36.90 -0.83 12.83
CA GLU C 83 -35.72 -1.53 12.36
C GLU C 83 -36.04 -2.46 11.19
N ALA C 84 -37.16 -3.18 11.27
CA ALA C 84 -37.45 -4.20 10.26
C ALA C 84 -37.99 -3.59 8.97
N LEU C 85 -39.12 -2.89 9.06
CA LEU C 85 -39.69 -2.22 7.90
C LEU C 85 -39.25 -0.76 7.93
N PRO C 86 -38.33 -0.33 7.07
CA PRO C 86 -37.91 1.07 7.10
C PRO C 86 -38.85 1.98 6.31
N ARG C 87 -40.15 1.75 6.48
CA ARG C 87 -41.16 2.63 5.92
C ARG C 87 -42.34 2.83 6.87
N SER C 88 -42.34 2.18 8.03
CA SER C 88 -43.37 2.41 9.03
C SER C 88 -43.20 3.74 9.75
N SER C 89 -42.10 4.46 9.50
CA SER C 89 -41.85 5.74 10.13
C SER C 89 -42.64 6.83 9.44
N ALA C 90 -43.94 6.60 9.27
CA ALA C 90 -44.87 7.61 8.79
C ALA C 90 -46.11 7.52 9.67
N VAL C 91 -46.28 6.38 10.32
CA VAL C 91 -47.33 6.16 11.31
C VAL C 91 -46.66 6.02 12.67
N VAL C 92 -45.41 5.58 12.68
CA VAL C 92 -44.67 5.43 13.94
C VAL C 92 -44.45 6.77 14.60
N VAL C 93 -44.24 7.83 13.80
CA VAL C 93 -43.96 9.12 14.40
C VAL C 93 -45.28 9.80 14.75
N ASP C 94 -45.87 9.36 15.87
CA ASP C 94 -47.02 10.00 16.47
C ASP C 94 -46.94 10.05 17.99
N ALA C 95 -46.04 9.28 18.61
CA ALA C 95 -45.88 9.26 20.05
C ALA C 95 -44.61 9.97 20.49
N ILE C 96 -44.11 10.89 19.67
CA ILE C 96 -43.07 11.80 20.13
C ILE C 96 -43.53 12.55 21.38
N PRO C 97 -44.75 13.07 21.47
CA PRO C 97 -45.19 13.64 22.75
C PRO C 97 -45.13 12.65 23.90
N VAL C 98 -45.45 11.38 23.66
CA VAL C 98 -45.45 10.40 24.75
C VAL C 98 -44.03 10.11 25.22
N PHE C 99 -43.11 9.91 24.26
CA PHE C 99 -41.71 9.66 24.62
C PHE C 99 -41.13 10.86 25.37
N LEU C 100 -41.43 12.07 24.90
CA LEU C 100 -40.92 13.26 25.58
C LEU C 100 -41.52 13.42 26.96
N GLU C 101 -42.81 13.08 27.12
CA GLU C 101 -43.43 13.14 28.43
C GLU C 101 -42.79 12.15 29.40
N LYS C 102 -42.48 10.94 28.91
CA LYS C 102 -41.76 9.98 29.75
C LYS C 102 -40.37 10.47 30.09
N LEU C 103 -39.72 11.21 29.19
CA LEU C 103 -38.41 11.76 29.50
C LEU C 103 -38.49 12.90 30.50
N GLN C 104 -39.59 13.65 30.52
CA GLN C 104 -39.69 14.84 31.36
C GLN C 104 -39.61 14.49 32.84
N VAL C 105 -40.44 13.56 33.29
CA VAL C 105 -40.42 13.07 34.67
C VAL C 105 -40.06 11.59 34.65
N ILE C 106 -39.12 11.21 35.51
CA ILE C 106 -38.51 9.88 35.47
C ILE C 106 -39.07 9.03 36.60
N GLN C 107 -39.50 7.82 36.26
CA GLN C 107 -39.90 6.81 37.24
C GLN C 107 -39.08 5.54 37.12
N CYS C 108 -38.90 5.03 35.91
CA CYS C 108 -38.06 3.86 35.66
C CYS C 108 -36.96 4.25 34.68
N ILE C 109 -35.71 3.92 35.03
CA ILE C 109 -34.59 4.32 34.18
C ILE C 109 -34.60 3.56 32.86
N ASP C 110 -34.99 2.28 32.90
CA ASP C 110 -34.96 1.47 31.68
C ASP C 110 -35.97 1.97 30.65
N VAL C 111 -37.13 2.45 31.11
CA VAL C 111 -38.10 3.03 30.19
C VAL C 111 -37.50 4.25 29.49
N ALA C 112 -36.80 5.10 30.26
CA ALA C 112 -36.16 6.26 29.67
C ALA C 112 -35.09 5.87 28.67
N GLU C 113 -34.30 4.84 28.99
CA GLU C 113 -33.25 4.39 28.08
C GLU C 113 -33.85 3.87 26.77
N GLN C 114 -34.93 3.09 26.86
CA GLN C 114 -35.58 2.58 25.65
C GLN C 114 -36.20 3.71 24.84
N ALA C 115 -36.79 4.69 25.51
CA ALA C 115 -37.33 5.84 24.80
C ALA C 115 -36.22 6.60 24.07
N LEU C 116 -35.06 6.72 24.71
CA LEU C 116 -33.92 7.36 24.04
C LEU C 116 -33.48 6.58 22.82
N THR C 117 -33.45 5.24 22.92
CA THR C 117 -33.08 4.43 21.76
C THR C 117 -34.07 4.61 20.62
N ALA C 118 -35.36 4.61 20.94
CA ALA C 118 -36.39 4.79 19.91
C ALA C 118 -36.27 6.15 19.25
N LEU C 119 -36.06 7.21 20.05
CA LEU C 119 -35.92 8.55 19.49
C LEU C 119 -34.68 8.65 18.62
N GLU C 120 -33.57 8.03 19.04
CA GLU C 120 -32.36 8.05 18.24
C GLU C 120 -32.58 7.35 16.90
N MET C 121 -33.27 6.21 16.91
CA MET C 121 -33.52 5.52 15.66
C MET C 121 -34.49 6.29 14.77
N LEU C 122 -35.41 7.05 15.36
CA LEU C 122 -36.34 7.82 14.56
C LEU C 122 -35.72 9.08 13.99
N SER C 123 -34.75 9.68 14.68
CA SER C 123 -34.21 10.97 14.28
C SER C 123 -33.43 10.94 12.97
N ARG C 124 -33.06 9.76 12.48
CA ARG C 124 -32.28 9.68 11.25
C ARG C 124 -33.04 10.25 10.06
N ARG C 125 -34.37 10.27 10.12
CA ARG C 125 -35.19 10.74 9.02
C ARG C 125 -36.16 11.85 9.41
N HIS C 126 -36.55 11.94 10.67
CA HIS C 126 -37.50 12.96 11.13
C HIS C 126 -36.90 13.66 12.35
N SER C 127 -36.17 14.75 12.10
CA SER C 127 -35.61 15.57 13.17
C SER C 127 -36.35 16.86 13.38
N LYS C 128 -37.02 17.39 12.35
CA LYS C 128 -37.76 18.63 12.50
C LYS C 128 -38.90 18.48 13.50
N ALA C 129 -39.60 17.34 13.47
CA ALA C 129 -40.68 17.12 14.42
C ALA C 129 -40.17 17.13 15.85
N ILE C 130 -39.02 16.49 16.10
CA ILE C 130 -38.44 16.51 17.44
C ILE C 130 -38.04 17.93 17.81
N LEU C 131 -37.49 18.69 16.84
CA LEU C 131 -37.04 20.04 17.13
C LEU C 131 -38.20 20.93 17.56
N GLN C 132 -39.30 20.94 16.79
CA GLN C 132 -40.47 21.69 17.24
C GLN C 132 -41.16 21.04 18.43
N ALA C 133 -40.82 19.81 18.76
CA ALA C 133 -41.41 19.16 19.93
C ALA C 133 -40.72 19.53 21.23
N GLY C 134 -39.59 20.22 21.17
CA GLY C 134 -38.88 20.59 22.38
C GLY C 134 -38.08 19.48 23.02
N GLY C 135 -37.57 18.53 22.24
CA GLY C 135 -36.83 17.42 22.81
C GLY C 135 -35.38 17.73 23.13
N LEU C 136 -34.85 18.83 22.59
CA LEU C 136 -33.44 19.13 22.77
C LEU C 136 -33.12 19.39 24.24
N ALA C 137 -33.96 20.16 24.93
CA ALA C 137 -33.74 20.40 26.35
C ALA C 137 -34.17 19.20 27.19
N ASP C 138 -35.24 18.51 26.78
CA ASP C 138 -35.76 17.39 27.56
C ASP C 138 -34.75 16.25 27.63
N CYS C 139 -34.09 15.95 26.51
CA CYS C 139 -33.12 14.85 26.51
C CYS C 139 -31.94 15.16 27.43
N LEU C 140 -31.47 16.40 27.44
CA LEU C 140 -30.27 16.77 28.16
C LEU C 140 -30.54 17.29 29.57
N LEU C 141 -31.80 17.36 30.00
CA LEU C 141 -32.07 17.90 31.33
C LEU C 141 -31.60 16.95 32.42
N TYR C 142 -31.73 15.64 32.20
CA TYR C 142 -31.23 14.62 33.12
C TYR C 142 -30.07 13.84 32.53
N LEU C 143 -29.15 14.54 31.85
CA LEU C 143 -28.12 13.85 31.11
C LEU C 143 -27.14 13.13 32.02
N GLU C 144 -26.97 13.60 33.26
CA GLU C 144 -25.97 13.04 34.15
C GLU C 144 -26.46 11.81 34.91
N PHE C 145 -27.70 11.39 34.73
CA PHE C 145 -28.25 10.27 35.49
C PHE C 145 -28.24 8.95 34.74
N PHE C 146 -28.17 8.97 33.41
CA PHE C 146 -28.26 7.74 32.64
C PHE C 146 -26.91 7.04 32.58
N SER C 147 -26.84 5.97 31.81
CA SER C 147 -25.60 5.23 31.61
C SER C 147 -24.89 5.75 30.36
N ILE C 148 -23.86 5.03 29.91
CA ILE C 148 -23.05 5.50 28.79
C ILE C 148 -23.86 5.49 27.50
N ASN C 149 -24.56 4.39 27.23
CA ASN C 149 -25.25 4.25 25.95
C ASN C 149 -26.39 5.25 25.82
N ALA C 150 -27.13 5.49 26.90
CA ALA C 150 -28.19 6.47 26.85
C ALA C 150 -27.64 7.87 26.62
N GLN C 151 -26.50 8.20 27.24
CA GLN C 151 -25.86 9.49 26.99
C GLN C 151 -25.44 9.64 25.54
N ARG C 152 -24.85 8.58 24.97
CA ARG C 152 -24.45 8.64 23.57
C ARG C 152 -25.65 8.85 22.66
N ASN C 153 -26.75 8.14 22.94
CA ASN C 153 -27.96 8.30 22.13
C ASN C 153 -28.54 9.70 22.27
N ALA C 154 -28.50 10.27 23.48
CA ALA C 154 -29.01 11.63 23.69
C ALA C 154 -28.20 12.64 22.90
N LEU C 155 -26.86 12.49 22.92
CA LEU C 155 -26.03 13.42 22.16
C LEU C 155 -26.22 13.25 20.66
N ALA C 156 -26.44 12.01 20.20
CA ALA C 156 -26.75 11.80 18.79
C ALA C 156 -28.07 12.47 18.40
N ILE C 157 -29.07 12.37 19.26
CA ILE C 157 -30.34 13.06 19.01
C ILE C 157 -30.12 14.56 18.94
N ALA C 158 -29.31 15.10 19.85
CA ALA C 158 -29.02 16.54 19.83
C ALA C 158 -28.35 16.94 18.53
N ALA C 159 -27.38 16.16 18.07
CA ALA C 159 -26.68 16.47 16.83
C ALA C 159 -27.63 16.44 15.63
N ASN C 160 -28.47 15.40 15.55
CA ASN C 160 -29.39 15.28 14.44
C ASN C 160 -30.45 16.36 14.46
N CYS C 161 -30.83 16.84 15.65
CA CYS C 161 -31.78 17.93 15.74
C CYS C 161 -31.14 19.26 15.35
N CYS C 162 -29.88 19.48 15.74
CA CYS C 162 -29.19 20.72 15.39
C CYS C 162 -28.67 20.73 13.96
N GLN C 163 -28.74 19.61 13.25
CA GLN C 163 -28.33 19.59 11.85
C GLN C 163 -29.17 20.56 11.03
N SER C 164 -30.49 20.52 11.20
CA SER C 164 -31.42 21.38 10.46
C SER C 164 -32.05 22.35 11.44
N ILE C 165 -31.48 23.55 11.52
CA ILE C 165 -31.95 24.60 12.41
C ILE C 165 -32.09 25.88 11.61
N THR C 166 -32.90 26.80 12.14
CA THR C 166 -33.18 28.05 11.46
C THR C 166 -32.90 29.22 12.39
N PRO C 167 -32.54 30.39 11.85
CA PRO C 167 -32.29 31.55 12.72
C PRO C 167 -33.47 31.95 13.57
N ASP C 168 -34.70 31.78 13.06
CA ASP C 168 -35.88 32.14 13.86
C ASP C 168 -36.01 31.25 15.09
N GLU C 169 -35.72 29.96 14.95
CA GLU C 169 -35.83 29.00 16.04
C GLU C 169 -34.46 28.84 16.70
N PHE C 170 -34.25 29.57 17.78
CA PHE C 170 -32.99 29.51 18.52
C PHE C 170 -33.16 29.23 20.01
N HIS C 171 -34.34 29.46 20.58
CA HIS C 171 -34.54 29.25 22.01
C HIS C 171 -34.47 27.78 22.40
N PHE C 172 -34.51 26.85 21.44
CA PHE C 172 -34.40 25.44 21.75
C PHE C 172 -32.97 25.02 22.11
N VAL C 173 -31.97 25.83 21.76
CA VAL C 173 -30.58 25.49 22.03
C VAL C 173 -29.94 26.62 22.81
N ALA C 174 -30.66 27.74 22.92
CA ALA C 174 -30.11 28.92 23.60
C ALA C 174 -29.78 28.62 25.05
N ASP C 175 -30.67 27.92 25.75
CA ASP C 175 -30.44 27.59 27.15
C ASP C 175 -29.64 26.30 27.34
N SER C 176 -29.37 25.56 26.27
CA SER C 176 -28.67 24.29 26.36
C SER C 176 -27.22 24.37 25.90
N LEU C 177 -26.82 25.46 25.26
CA LEU C 177 -25.42 25.62 24.85
C LEU C 177 -24.41 25.43 25.97
N PRO C 178 -24.57 26.01 27.16
CA PRO C 178 -23.55 25.80 28.21
C PRO C 178 -23.34 24.35 28.60
N LEU C 179 -24.39 23.53 28.59
CA LEU C 179 -24.23 22.12 28.95
C LEU C 179 -23.33 21.41 27.95
N LEU C 180 -23.55 21.64 26.65
CA LEU C 180 -22.69 21.03 25.64
C LEU C 180 -21.27 21.58 25.74
N THR C 181 -21.12 22.88 25.98
CA THR C 181 -19.79 23.46 26.08
C THR C 181 -19.00 22.84 27.22
N GLN C 182 -19.64 22.68 28.38
CA GLN C 182 -18.98 22.03 29.51
C GLN C 182 -18.75 20.55 29.23
N ARG C 183 -19.60 19.93 28.41
CA ARG C 183 -19.43 18.54 28.01
C ARG C 183 -18.34 18.34 26.98
N LEU C 184 -17.85 19.41 26.36
CA LEU C 184 -16.85 19.29 25.30
C LEU C 184 -15.50 18.80 25.81
N THR C 185 -15.28 18.75 27.13
CA THR C 185 -13.99 18.35 27.67
C THR C 185 -14.08 17.03 28.43
N HIS C 186 -14.79 16.05 27.88
CA HIS C 186 -14.92 14.73 28.48
C HIS C 186 -13.85 13.78 27.94
N GLN C 187 -13.72 12.64 28.62
CA GLN C 187 -12.74 11.63 28.25
C GLN C 187 -13.35 10.49 27.42
N ASP C 188 -14.61 10.61 27.02
CA ASP C 188 -15.29 9.61 26.20
C ASP C 188 -15.26 10.06 24.75
N LYS C 189 -14.84 9.15 23.86
CA LYS C 189 -14.63 9.51 22.46
C LYS C 189 -15.95 9.90 21.78
N LYS C 190 -16.95 9.03 21.86
CA LYS C 190 -18.15 9.20 21.04
C LYS C 190 -18.96 10.43 21.48
N SER C 191 -19.02 10.68 22.79
CA SER C 191 -19.70 11.88 23.27
C SER C 191 -19.05 13.14 22.72
N VAL C 192 -17.71 13.19 22.74
CA VAL C 192 -16.98 14.32 22.19
C VAL C 192 -17.27 14.45 20.69
N GLU C 193 -17.28 13.33 19.97
CA GLU C 193 -17.53 13.37 18.55
C GLU C 193 -18.90 13.98 18.25
N SER C 194 -19.93 13.52 18.97
CA SER C 194 -21.27 14.02 18.74
C SER C 194 -21.40 15.50 19.08
N THR C 195 -20.81 15.92 20.20
CA THR C 195 -20.88 17.33 20.58
C THR C 195 -20.19 18.22 19.55
N CYS C 196 -19.04 17.76 19.04
CA CYS C 196 -18.32 18.53 18.03
C CYS C 196 -19.11 18.60 16.72
N LEU C 197 -19.77 17.51 16.33
CA LEU C 197 -20.67 17.58 15.18
C LEU C 197 -21.77 18.60 15.38
N CYS C 198 -22.36 18.63 16.58
CA CYS C 198 -23.42 19.58 16.85
C CYS C 198 -22.92 21.01 16.70
N PHE C 199 -21.74 21.30 17.26
CA PHE C 199 -21.19 22.64 17.16
C PHE C 199 -20.88 23.01 15.71
N ALA C 200 -20.30 22.08 14.95
CA ALA C 200 -19.98 22.37 13.55
C ALA C 200 -21.23 22.68 12.75
N ARG C 201 -22.29 21.89 12.95
CA ARG C 201 -23.52 22.12 12.20
C ARG C 201 -24.17 23.44 12.61
N LEU C 202 -24.14 23.77 13.90
CA LEU C 202 -24.67 25.06 14.34
C LEU C 202 -23.93 26.22 13.69
N VAL C 203 -22.59 26.14 13.68
CA VAL C 203 -21.80 27.22 13.10
C VAL C 203 -22.07 27.34 11.61
N ASP C 204 -22.17 26.21 10.91
CA ASP C 204 -22.44 26.24 9.47
C ASP C 204 -23.82 26.83 9.19
N ASN C 205 -24.82 26.50 10.01
CA ASN C 205 -26.16 27.03 9.77
C ASN C 205 -26.27 28.51 10.11
N PHE C 206 -25.51 28.97 11.09
CA PHE C 206 -25.59 30.35 11.55
C PHE C 206 -24.43 31.21 11.02
N GLN C 207 -23.95 30.93 9.80
CA GLN C 207 -22.74 31.59 9.33
C GLN C 207 -22.99 33.04 8.92
N HIS C 208 -24.20 33.39 8.49
CA HIS C 208 -24.50 34.74 8.05
C HIS C 208 -25.01 35.64 9.16
N GLU C 209 -25.02 35.17 10.40
CA GLU C 209 -25.48 35.97 11.53
C GLU C 209 -24.33 36.12 12.52
N GLU C 210 -23.73 37.31 12.55
CA GLU C 210 -22.59 37.56 13.42
C GLU C 210 -22.99 37.47 14.89
N ASN C 211 -24.15 38.02 15.24
CA ASN C 211 -24.60 37.99 16.63
C ASN C 211 -24.82 36.56 17.10
N LEU C 212 -25.40 35.71 16.26
CA LEU C 212 -25.60 34.32 16.63
C LEU C 212 -24.27 33.58 16.77
N LEU C 213 -23.30 33.88 15.90
CA LEU C 213 -21.98 33.28 16.05
C LEU C 213 -21.33 33.68 17.37
N GLN C 214 -21.45 34.96 17.73
CA GLN C 214 -20.90 35.41 19.01
C GLN C 214 -21.62 34.75 20.18
N GLN C 215 -22.93 34.54 20.06
CA GLN C 215 -23.66 33.81 21.10
C GLN C 215 -23.18 32.38 21.22
N VAL C 216 -22.97 31.70 20.08
CA VAL C 216 -22.59 30.29 20.11
C VAL C 216 -21.18 30.12 20.66
N ALA C 217 -20.24 30.93 20.17
CA ALA C 217 -18.83 30.71 20.51
C ALA C 217 -18.49 31.26 21.89
N SER C 218 -18.84 32.52 22.14
CA SER C 218 -18.59 33.20 23.43
C SER C 218 -17.09 33.17 23.68
N LYS C 219 -16.61 32.72 24.83
CA LYS C 219 -15.19 32.70 25.13
C LYS C 219 -14.70 31.39 25.74
N ASP C 220 -15.59 30.47 26.08
CA ASP C 220 -15.19 29.17 26.62
C ASP C 220 -15.13 28.07 25.58
N LEU C 221 -15.95 28.15 24.54
CA LEU C 221 -15.89 27.17 23.47
C LEU C 221 -14.53 27.18 22.78
N LEU C 222 -14.01 28.38 22.50
CA LEU C 222 -12.71 28.51 21.85
C LEU C 222 -11.62 27.87 22.71
N THR C 223 -11.63 28.17 24.01
CA THR C 223 -10.65 27.61 24.92
C THR C 223 -10.72 26.08 24.95
N ASN C 224 -11.93 25.55 25.14
CA ASN C 224 -12.09 24.11 25.29
C ASN C 224 -11.67 23.37 24.02
N VAL C 225 -12.09 23.86 22.86
CA VAL C 225 -11.70 23.19 21.62
C VAL C 225 -10.21 23.37 21.36
N GLN C 226 -9.62 24.48 21.84
CA GLN C 226 -8.20 24.69 21.65
C GLN C 226 -7.38 23.65 22.41
N GLN C 227 -7.73 23.36 23.66
CA GLN C 227 -7.01 22.26 24.29
C GLN C 227 -7.52 20.89 23.87
N LEU C 228 -8.67 20.80 23.22
CA LEU C 228 -9.08 19.53 22.64
C LEU C 228 -8.20 19.15 21.46
N LEU C 229 -7.85 20.14 20.63
CA LEU C 229 -7.08 19.87 19.42
C LEU C 229 -5.64 19.47 19.71
N VAL C 230 -5.11 19.77 20.89
CA VAL C 230 -3.69 19.60 21.14
C VAL C 230 -3.36 18.27 21.81
N VAL C 231 -4.29 17.72 22.60
CA VAL C 231 -3.99 16.54 23.41
C VAL C 231 -3.60 15.37 22.51
N THR C 232 -2.51 14.70 22.88
CA THR C 232 -2.02 13.52 22.18
C THR C 232 -1.96 12.33 23.14
N PRO C 233 -2.40 11.14 22.71
CA PRO C 233 -2.92 10.80 21.38
C PRO C 233 -4.28 11.43 21.08
N PRO C 234 -4.57 11.66 19.80
CA PRO C 234 -5.77 12.43 19.44
C PRO C 234 -7.04 11.68 19.81
N ILE C 235 -7.89 12.35 20.58
CA ILE C 235 -9.24 11.84 20.82
C ILE C 235 -10.03 11.81 19.53
N LEU C 236 -9.94 12.88 18.74
CA LEU C 236 -10.67 12.98 17.50
C LEU C 236 -10.04 12.08 16.42
N SER C 237 -10.80 11.86 15.35
CA SER C 237 -10.32 11.17 14.18
C SER C 237 -9.92 12.18 13.11
N SER C 238 -9.53 11.70 11.94
CA SER C 238 -9.05 12.60 10.89
C SER C 238 -10.18 13.46 10.33
N GLY C 239 -11.30 12.84 9.99
CA GLY C 239 -12.40 13.59 9.40
C GLY C 239 -12.95 14.64 10.35
N MET C 240 -13.04 14.30 11.64
CA MET C 240 -13.56 15.27 12.58
C MET C 240 -12.55 16.37 12.88
N PHE C 241 -11.25 16.04 12.83
CA PHE C 241 -10.23 17.08 12.87
C PHE C 241 -10.44 18.09 11.73
N ILE C 242 -10.66 17.57 10.52
CA ILE C 242 -10.91 18.44 9.38
C ILE C 242 -12.14 19.30 9.61
N MET C 243 -13.21 18.69 10.13
CA MET C 243 -14.45 19.43 10.35
C MET C 243 -14.26 20.54 11.37
N VAL C 244 -13.55 20.27 12.46
CA VAL C 244 -13.36 21.28 13.50
C VAL C 244 -12.51 22.43 12.98
N VAL C 245 -11.43 22.12 12.25
CA VAL C 245 -10.61 23.19 11.69
C VAL C 245 -11.40 24.03 10.70
N ARG C 246 -12.25 23.39 9.90
CA ARG C 246 -13.10 24.15 8.99
C ARG C 246 -14.08 25.01 9.75
N MET C 247 -14.55 24.55 10.92
CA MET C 247 -15.38 25.39 11.76
C MET C 247 -14.63 26.65 12.19
N PHE C 248 -13.38 26.50 12.61
CA PHE C 248 -12.57 27.68 12.94
C PHE C 248 -12.47 28.63 11.75
N SER C 249 -12.16 28.08 10.57
CA SER C 249 -11.96 28.93 9.40
C SER C 249 -13.22 29.72 9.07
N LEU C 250 -14.37 29.04 9.06
CA LEU C 250 -15.64 29.70 8.74
C LEU C 250 -15.96 30.76 9.78
N MET C 251 -15.78 30.44 11.07
CA MET C 251 -16.08 31.38 12.12
C MET C 251 -15.20 32.63 12.03
N CYS C 252 -13.90 32.44 11.78
CA CYS C 252 -13.00 33.58 11.68
C CYS C 252 -13.32 34.43 10.46
N SER C 253 -13.62 33.79 9.33
CA SER C 253 -13.92 34.55 8.11
C SER C 253 -15.20 35.37 8.25
N ASN C 254 -16.25 34.77 8.84
CA ASN C 254 -17.54 35.46 8.86
C ASN C 254 -17.60 36.61 9.87
N CYS C 255 -16.80 36.55 10.93
CA CYS C 255 -16.80 37.62 11.93
C CYS C 255 -15.37 37.91 12.39
N PRO C 256 -14.80 39.07 12.06
CA PRO C 256 -13.40 39.33 12.41
C PRO C 256 -13.14 39.45 13.90
N THR C 257 -14.16 39.71 14.72
CA THR C 257 -13.91 39.92 16.14
C THR C 257 -13.38 38.65 16.81
N LEU C 258 -13.95 37.50 16.47
CA LEU C 258 -13.42 36.25 17.01
C LEU C 258 -12.06 35.91 16.42
N ALA C 259 -11.78 36.37 15.19
CA ALA C 259 -10.42 36.24 14.66
C ALA C 259 -9.43 36.99 15.52
N VAL C 260 -9.78 38.22 15.90
CA VAL C 260 -8.94 39.00 16.82
C VAL C 260 -8.82 38.29 18.16
N GLN C 261 -9.92 37.76 18.67
CA GLN C 261 -9.90 37.11 19.98
C GLN C 261 -9.01 35.87 19.98
N LEU C 262 -9.06 35.07 18.92
CA LEU C 262 -8.17 33.92 18.82
C LEU C 262 -6.73 34.36 18.63
N MET C 263 -6.49 35.43 17.87
CA MET C 263 -5.14 35.91 17.70
C MET C 263 -4.56 36.43 19.01
N LYS C 264 -5.41 36.90 19.93
CA LYS C 264 -4.96 37.34 21.24
C LYS C 264 -4.88 36.22 22.26
N GLN C 265 -5.19 34.98 21.87
CA GLN C 265 -5.17 33.84 22.77
C GLN C 265 -4.18 32.77 22.31
N ASN C 266 -3.03 33.23 21.81
CA ASN C 266 -1.92 32.37 21.39
C ASN C 266 -2.38 31.14 20.60
N ILE C 267 -3.15 31.40 19.55
CA ILE C 267 -3.50 30.34 18.61
C ILE C 267 -2.30 29.96 17.76
N ALA C 268 -1.30 30.85 17.66
CA ALA C 268 -0.10 30.56 16.89
C ALA C 268 0.64 29.37 17.46
N GLU C 269 0.68 29.24 18.79
CA GLU C 269 1.33 28.08 19.40
C GLU C 269 0.64 26.79 19.02
N THR C 270 -0.70 26.79 19.01
CA THR C 270 -1.44 25.59 18.63
C THR C 270 -1.20 25.24 17.16
N LEU C 271 -1.22 26.23 16.28
CA LEU C 271 -0.98 25.96 14.87
C LEU C 271 0.44 25.44 14.63
N HIS C 272 1.42 26.03 15.31
CA HIS C 272 2.79 25.55 15.21
C HIS C 272 2.91 24.12 15.69
N PHE C 273 2.27 23.80 16.82
CA PHE C 273 2.33 22.44 17.35
C PHE C 273 1.69 21.44 16.40
N LEU C 274 0.54 21.80 15.83
CA LEU C 274 -0.12 20.90 14.89
C LEU C 274 0.70 20.69 13.63
N LEU C 275 1.34 21.75 13.13
CA LEU C 275 2.05 21.63 11.86
C LEU C 275 3.40 20.94 12.03
N CYS C 276 4.29 21.51 12.85
CA CYS C 276 5.65 20.95 12.94
C CYS C 276 5.75 19.92 14.05
N GLY C 277 5.42 20.29 15.28
CA GLY C 277 5.49 19.36 16.38
C GLY C 277 6.35 19.84 17.53
N ALA C 278 5.87 19.66 18.76
CA ALA C 278 6.59 20.02 19.98
C ALA C 278 6.85 21.52 20.07
N SER C 279 7.36 21.96 21.22
CA SER C 279 7.68 23.36 21.44
C SER C 279 9.17 23.57 21.75
N ASN C 280 10.01 22.59 21.42
CA ASN C 280 11.44 22.70 21.68
C ASN C 280 12.14 23.48 20.58
N ILE C 287 12.82 22.11 10.12
CA ILE C 287 11.42 21.97 10.51
C ILE C 287 10.87 20.65 10.00
N ASP C 288 10.92 19.63 10.86
CA ASP C 288 10.43 18.29 10.51
C ASP C 288 8.93 18.25 10.72
N LEU C 289 8.19 18.51 9.64
CA LEU C 289 6.73 18.50 9.71
C LEU C 289 6.20 17.09 9.94
N VAL C 290 5.20 16.98 10.81
CA VAL C 290 4.52 15.69 11.01
C VAL C 290 3.73 15.35 9.75
N PRO C 291 3.85 14.14 9.21
CA PRO C 291 3.11 13.80 7.98
C PRO C 291 1.60 13.81 8.23
N ARG C 292 0.88 14.56 7.39
CA ARG C 292 -0.55 14.67 7.48
C ARG C 292 -1.16 14.57 6.08
N SER C 293 -2.44 14.21 6.03
CA SER C 293 -3.14 14.11 4.77
C SER C 293 -3.28 15.48 4.12
N PRO C 294 -3.41 15.53 2.79
CA PRO C 294 -3.53 16.83 2.11
C PRO C 294 -4.70 17.66 2.58
N GLN C 295 -5.83 17.03 2.96
CA GLN C 295 -6.98 17.80 3.39
C GLN C 295 -6.70 18.54 4.70
N GLU C 296 -6.03 17.88 5.64
CA GLU C 296 -5.68 18.54 6.90
C GLU C 296 -4.77 19.73 6.67
N LEU C 297 -3.75 19.56 5.81
CA LEU C 297 -2.86 20.68 5.51
C LEU C 297 -3.60 21.81 4.84
N TYR C 298 -4.53 21.49 3.94
CA TYR C 298 -5.31 22.53 3.27
C TYR C 298 -6.16 23.29 4.28
N GLU C 299 -6.80 22.59 5.22
CA GLU C 299 -7.63 23.27 6.21
C GLU C 299 -6.78 24.15 7.13
N LEU C 300 -5.63 23.66 7.58
CA LEU C 300 -4.77 24.47 8.43
C LEU C 300 -4.25 25.71 7.70
N THR C 301 -3.87 25.54 6.43
CA THR C 301 -3.42 26.69 5.65
C THR C 301 -4.54 27.70 5.44
N SER C 302 -5.76 27.21 5.22
CA SER C 302 -6.91 28.10 5.09
C SER C 302 -7.13 28.89 6.37
N LEU C 303 -7.01 28.24 7.53
CA LEU C 303 -7.17 28.95 8.80
C LEU C 303 -6.08 30.02 8.97
N ILE C 304 -4.82 29.67 8.65
CA ILE C 304 -3.74 30.63 8.75
C ILE C 304 -4.00 31.83 7.85
N CYS C 305 -4.46 31.57 6.63
CA CYS C 305 -4.77 32.66 5.71
C CYS C 305 -5.90 33.53 6.24
N GLU C 306 -6.92 32.91 6.83
CA GLU C 306 -8.07 33.68 7.31
C GLU C 306 -7.74 34.53 8.53
N LEU C 307 -6.81 34.07 9.37
CA LEU C 307 -6.45 34.85 10.55
C LEU C 307 -5.76 36.17 10.21
N MET C 308 -5.27 36.33 8.97
CA MET C 308 -4.52 37.45 8.42
C MET C 308 -5.49 38.46 7.80
N PRO C 309 -5.15 39.74 7.76
CA PRO C 309 -6.03 40.72 7.11
C PRO C 309 -6.14 40.50 5.62
N CYS C 310 -7.26 40.93 5.06
CA CYS C 310 -7.53 40.77 3.64
C CYS C 310 -6.81 41.84 2.82
N LEU C 311 -6.55 41.50 1.54
CA LEU C 311 -5.83 42.39 0.64
C LEU C 311 -6.74 43.48 0.09
N PRO C 312 -6.19 44.64 -0.24
CA PRO C 312 -6.98 45.69 -0.88
C PRO C 312 -7.48 45.28 -2.25
N LYS C 313 -8.62 45.83 -2.63
CA LYS C 313 -9.26 45.48 -3.90
C LYS C 313 -8.87 46.42 -5.03
N GLU C 314 -7.97 47.36 -4.80
CA GLU C 314 -7.51 48.28 -5.83
C GLU C 314 -6.01 48.10 -6.03
N GLY C 315 -5.44 48.95 -6.88
CA GLY C 315 -4.02 48.85 -7.19
C GLY C 315 -3.71 47.71 -8.15
N ILE C 316 -2.61 47.00 -7.89
CA ILE C 316 -2.24 45.86 -8.73
C ILE C 316 -3.06 44.63 -8.44
N PHE C 317 -4.03 44.72 -7.54
CA PHE C 317 -4.89 43.59 -7.18
C PHE C 317 -6.23 43.62 -7.89
N ALA C 318 -6.39 44.51 -8.88
CA ALA C 318 -7.66 44.60 -9.59
C ALA C 318 -7.96 43.39 -10.45
N VAL C 319 -6.94 42.60 -10.79
CA VAL C 319 -7.14 41.48 -11.70
C VAL C 319 -7.71 40.26 -10.97
N ASP C 320 -7.57 40.21 -9.64
CA ASP C 320 -8.17 39.10 -8.88
C ASP C 320 -9.68 39.06 -9.02
N THR C 321 -10.32 40.19 -9.33
CA THR C 321 -11.75 40.18 -9.62
C THR C 321 -12.06 39.53 -10.96
N MET C 322 -11.05 39.29 -11.79
CA MET C 322 -11.22 38.57 -13.05
C MET C 322 -10.73 37.14 -13.03
N LEU C 323 -9.70 36.85 -12.22
CA LEU C 323 -9.26 35.46 -12.07
C LEU C 323 -10.34 34.57 -11.47
N LYS C 324 -11.27 35.15 -10.71
CA LYS C 324 -12.33 34.36 -10.09
C LYS C 324 -13.34 33.88 -11.14
N ASP C 391 -13.14 46.40 9.28
CA ASP C 391 -12.28 45.30 9.69
C ASP C 391 -11.83 45.47 11.13
N ALA C 392 -11.28 44.40 11.71
CA ALA C 392 -10.80 44.46 13.09
C ALA C 392 -9.35 44.01 13.17
N ARG C 393 -8.94 43.11 12.27
CA ARG C 393 -7.55 42.65 12.27
C ARG C 393 -6.60 43.78 11.90
N ALA C 394 -6.98 44.60 10.91
CA ALA C 394 -6.16 45.75 10.55
C ALA C 394 -6.09 46.76 11.69
N GLN C 395 -7.21 46.95 12.41
CA GLN C 395 -7.20 47.85 13.55
C GLN C 395 -6.28 47.32 14.66
N LEU C 396 -6.28 46.01 14.89
CA LEU C 396 -5.38 45.44 15.88
C LEU C 396 -3.92 45.61 15.45
N MET C 397 -3.64 45.44 14.15
CA MET C 397 -2.28 45.67 13.67
C MET C 397 -1.86 47.13 13.86
N LYS C 398 -2.77 48.07 13.60
CA LYS C 398 -2.47 49.47 13.89
C LYS C 398 -2.30 49.71 15.38
N GLU C 399 -2.91 48.86 16.20
CA GLU C 399 -2.68 48.87 17.64
C GLU C 399 -1.37 48.16 17.94
N ASP C 400 -1.14 47.77 19.19
CA ASP C 400 0.07 47.10 19.63
C ASP C 400 0.47 46.00 18.65
N PRO C 401 1.59 46.17 17.95
CA PRO C 401 1.99 45.20 16.90
C PRO C 401 2.87 44.06 17.38
N GLU C 402 3.13 43.94 18.68
CA GLU C 402 3.93 42.81 19.16
C GLU C 402 3.24 41.49 18.86
N LEU C 403 1.92 41.43 19.01
CA LEU C 403 1.19 40.20 18.72
C LEU C 403 1.31 39.81 17.26
N ALA C 404 1.13 40.79 16.35
CA ALA C 404 1.24 40.50 14.92
C ALA C 404 2.66 40.09 14.55
N LYS C 405 3.66 40.76 15.14
CA LYS C 405 5.05 40.40 14.86
C LYS C 405 5.33 38.97 15.30
N SER C 406 4.85 38.59 16.49
CA SER C 406 5.05 37.23 16.98
C SER C 406 4.36 36.23 16.06
N PHE C 407 3.14 36.55 15.62
CA PHE C 407 2.41 35.66 14.72
C PHE C 407 3.19 35.43 13.43
N ILE C 408 3.67 36.50 12.81
CA ILE C 408 4.37 36.38 11.54
C ILE C 408 5.67 35.61 11.72
N LYS C 409 6.45 35.97 12.74
CA LYS C 409 7.71 35.28 13.00
C LYS C 409 7.50 33.80 13.28
N THR C 410 6.39 33.45 13.92
CA THR C 410 6.15 32.06 14.27
C THR C 410 5.69 31.25 13.07
N LEU C 411 4.90 31.86 12.18
CA LEU C 411 4.24 31.05 11.15
C LEU C 411 4.87 31.13 9.76
N PHE C 412 5.73 32.10 9.48
CA PHE C 412 6.27 32.19 8.12
C PHE C 412 7.10 30.97 7.75
N GLY C 413 7.91 30.48 8.68
CA GLY C 413 8.77 29.35 8.38
C GLY C 413 7.98 28.10 8.05
N VAL C 414 6.97 27.78 8.86
CA VAL C 414 6.17 26.60 8.60
C VAL C 414 5.34 26.77 7.33
N LEU C 415 4.88 27.99 7.05
CA LEU C 415 4.16 28.23 5.80
C LEU C 415 5.03 27.94 4.60
N TYR C 416 6.27 28.46 4.62
CA TYR C 416 7.18 28.23 3.50
C TYR C 416 7.54 26.76 3.38
N GLU C 417 7.75 26.08 4.51
CA GLU C 417 8.08 24.67 4.46
C GLU C 417 6.94 23.84 3.88
N VAL C 418 5.70 24.16 4.25
CA VAL C 418 4.56 23.46 3.66
C VAL C 418 4.45 23.77 2.18
N TYR C 419 4.71 25.02 1.78
CA TYR C 419 4.60 25.40 0.38
C TYR C 419 5.63 24.67 -0.48
N SER C 420 6.85 24.51 0.02
CA SER C 420 7.94 23.93 -0.77
C SER C 420 7.96 22.41 -0.75
N SER C 421 7.04 21.76 -0.02
CA SER C 421 7.08 20.31 0.13
C SER C 421 5.72 19.66 -0.12
N SER C 422 4.83 20.34 -0.82
CA SER C 422 3.51 19.81 -1.13
C SER C 422 3.22 19.98 -2.61
N ALA C 423 2.63 18.95 -3.23
CA ALA C 423 2.29 18.97 -4.65
C ALA C 423 0.78 18.85 -4.78
N GLY C 424 0.11 20.00 -4.90
CA GLY C 424 -1.33 20.03 -5.03
C GLY C 424 -1.82 21.42 -5.42
N PRO C 425 -2.76 21.48 -6.35
CA PRO C 425 -3.24 22.78 -6.84
C PRO C 425 -3.92 23.64 -5.78
N ALA C 426 -4.42 23.05 -4.69
CA ALA C 426 -5.13 23.82 -3.68
C ALA C 426 -4.20 24.29 -2.56
N VAL C 427 -3.38 23.38 -2.03
CA VAL C 427 -2.46 23.73 -0.95
C VAL C 427 -1.48 24.81 -1.41
N ARG C 428 -0.93 24.65 -2.62
CA ARG C 428 0.02 25.63 -3.13
C ARG C 428 -0.63 27.00 -3.28
N HIS C 429 -1.83 27.05 -3.83
CA HIS C 429 -2.50 28.33 -4.03
C HIS C 429 -2.82 29.01 -2.70
N LYS C 430 -3.30 28.25 -1.72
CA LYS C 430 -3.60 28.83 -0.42
C LYS C 430 -2.35 29.36 0.26
N CYS C 431 -1.26 28.57 0.22
CA CYS C 431 0.00 29.04 0.80
C CYS C 431 0.49 30.30 0.10
N LEU C 432 0.32 30.37 -1.23
CA LEU C 432 0.74 31.55 -1.96
C LEU C 432 -0.04 32.78 -1.51
N ARG C 433 -1.36 32.66 -1.40
CA ARG C 433 -2.16 33.79 -0.96
C ARG C 433 -1.76 34.25 0.44
N ALA C 434 -1.53 33.28 1.34
CA ALA C 434 -1.09 33.63 2.69
C ALA C 434 0.23 34.37 2.67
N ILE C 435 1.16 33.93 1.82
CA ILE C 435 2.46 34.60 1.72
C ILE C 435 2.30 36.02 1.20
N LEU C 436 1.43 36.22 0.20
CA LEU C 436 1.20 37.58 -0.30
C LEU C 436 0.68 38.50 0.80
N ARG C 437 -0.31 38.04 1.57
CA ARG C 437 -0.86 38.94 2.58
C ARG C 437 0.15 39.20 3.71
N ILE C 438 0.93 38.18 4.09
CA ILE C 438 1.96 38.39 5.11
C ILE C 438 2.99 39.41 4.63
N ILE C 439 3.46 39.27 3.39
CA ILE C 439 4.46 40.21 2.89
C ILE C 439 3.87 41.62 2.76
N TYR C 440 2.63 41.72 2.30
CA TYR C 440 2.03 43.04 2.10
C TYR C 440 1.85 43.77 3.42
N PHE C 441 1.41 43.08 4.47
CA PHE C 441 1.07 43.77 5.71
C PHE C 441 2.23 43.87 6.69
N ALA C 442 3.43 43.45 6.30
CA ALA C 442 4.60 43.58 7.15
C ALA C 442 5.44 44.79 6.74
N ASP C 443 6.35 45.18 7.62
CA ASP C 443 7.21 46.32 7.37
C ASP C 443 8.58 45.85 6.90
N ALA C 444 9.52 46.80 6.78
CA ALA C 444 10.82 46.49 6.21
C ALA C 444 11.62 45.53 7.09
N GLU C 445 11.72 45.83 8.38
CA GLU C 445 12.60 45.05 9.26
C GLU C 445 12.09 43.63 9.46
N LEU C 446 10.77 43.47 9.57
CA LEU C 446 10.22 42.14 9.79
C LEU C 446 10.46 41.24 8.58
N LEU C 447 10.28 41.76 7.37
CA LEU C 447 10.63 40.98 6.19
C LEU C 447 12.13 40.74 6.11
N LYS C 448 12.93 41.72 6.52
CA LYS C 448 14.38 41.56 6.47
C LYS C 448 14.83 40.39 7.34
N ASP C 449 14.30 40.29 8.55
CA ASP C 449 14.75 39.24 9.46
C ASP C 449 13.90 37.98 9.41
N VAL C 450 12.85 37.96 8.59
CA VAL C 450 12.16 36.70 8.30
C VAL C 450 12.72 36.04 7.05
N LEU C 451 12.94 36.81 5.99
CA LEU C 451 13.45 36.29 4.72
C LEU C 451 14.99 36.31 4.70
N LYS C 452 15.58 35.51 5.58
CA LYS C 452 17.04 35.45 5.69
C LYS C 452 17.58 34.09 5.30
N ASN C 453 17.17 33.03 5.98
CA ASN C 453 17.58 31.67 5.63
C ASN C 453 16.53 31.00 4.74
N HIS C 454 16.26 31.63 3.60
CA HIS C 454 15.28 31.13 2.66
C HIS C 454 15.71 31.48 1.24
N ALA C 455 15.17 30.72 0.28
CA ALA C 455 15.41 30.95 -1.15
C ALA C 455 14.06 31.26 -1.79
N VAL C 456 13.78 32.54 -2.00
CA VAL C 456 12.48 32.98 -2.51
C VAL C 456 12.60 33.33 -3.98
N SER C 457 13.77 33.84 -4.38
CA SER C 457 13.98 34.26 -5.76
C SER C 457 13.87 33.07 -6.70
N SER C 458 14.44 31.93 -6.33
CA SER C 458 14.34 30.74 -7.16
C SER C 458 12.90 30.29 -7.33
N HIS C 459 12.11 30.35 -6.25
CA HIS C 459 10.70 29.96 -6.34
C HIS C 459 9.93 30.90 -7.25
N ILE C 460 10.16 32.22 -7.12
CA ILE C 460 9.46 33.16 -7.99
C ILE C 460 9.84 32.92 -9.44
N ALA C 461 11.14 32.73 -9.72
CA ALA C 461 11.58 32.50 -11.09
C ALA C 461 10.98 31.22 -11.66
N SER C 462 10.92 30.16 -10.85
CA SER C 462 10.32 28.91 -11.32
C SER C 462 8.85 29.08 -11.61
N MET C 463 8.13 29.81 -10.75
CA MET C 463 6.69 29.90 -10.91
C MET C 463 6.25 30.94 -11.91
N LEU C 464 7.14 31.84 -12.34
CA LEU C 464 6.79 32.74 -13.44
C LEU C 464 6.56 31.96 -14.74
N SER C 465 7.43 31.02 -15.06
CA SER C 465 7.35 30.28 -16.32
C SER C 465 6.42 29.07 -16.15
N SER C 466 5.14 29.37 -16.02
CA SER C 466 4.12 28.35 -15.86
C SER C 466 2.93 28.66 -16.77
N GLN C 467 2.19 27.63 -17.12
CA GLN C 467 1.09 27.77 -18.07
C GLN C 467 -0.15 28.39 -17.43
N ASP C 468 -0.38 28.14 -16.13
CA ASP C 468 -1.58 28.66 -15.47
C ASP C 468 -1.45 30.16 -15.26
N LEU C 469 -2.50 30.91 -15.61
CA LEU C 469 -2.51 32.36 -15.42
C LEU C 469 -3.12 32.75 -14.07
N LYS C 470 -2.67 32.08 -13.01
CA LYS C 470 -2.88 32.52 -11.64
C LYS C 470 -1.56 32.66 -10.91
N ILE C 471 -0.70 31.65 -11.03
CA ILE C 471 0.60 31.66 -10.38
C ILE C 471 1.48 32.76 -10.97
N VAL C 472 1.35 33.02 -12.28
CA VAL C 472 2.13 34.10 -12.90
C VAL C 472 1.77 35.44 -12.29
N VAL C 473 0.46 35.71 -12.13
CA VAL C 473 0.02 36.96 -11.54
C VAL C 473 0.49 37.07 -10.10
N GLY C 474 0.36 35.99 -9.33
CA GLY C 474 0.86 36.01 -7.97
C GLY C 474 2.34 36.31 -7.88
N ALA C 475 3.13 35.70 -8.76
CA ALA C 475 4.57 35.94 -8.77
C ALA C 475 4.89 37.38 -9.12
N LEU C 476 4.19 37.94 -10.11
CA LEU C 476 4.44 39.34 -10.45
C LEU C 476 4.14 40.26 -9.28
N GLN C 477 3.02 40.01 -8.58
CA GLN C 477 2.67 40.85 -7.44
C GLN C 477 3.69 40.72 -6.31
N MET C 478 4.16 39.50 -6.04
CA MET C 478 5.21 39.32 -5.03
C MET C 478 6.47 40.07 -5.41
N ALA C 479 6.86 39.99 -6.69
CA ALA C 479 8.07 40.69 -7.12
C ALA C 479 7.93 42.19 -6.95
N GLU C 480 6.77 42.74 -7.32
CA GLU C 480 6.56 44.18 -7.17
C GLU C 480 6.63 44.61 -5.71
N ILE C 481 5.97 43.86 -4.83
CA ILE C 481 5.97 44.24 -3.40
C ILE C 481 7.38 44.15 -2.83
N LEU C 482 8.10 43.07 -3.15
CA LEU C 482 9.46 42.92 -2.63
C LEU C 482 10.39 44.00 -3.15
N MET C 483 10.27 44.39 -4.43
CA MET C 483 11.11 45.46 -4.94
C MET C 483 10.79 46.78 -4.27
N GLN C 484 9.50 47.07 -4.04
CA GLN C 484 9.13 48.32 -3.40
C GLN C 484 9.64 48.37 -1.95
N LYS C 485 9.57 47.25 -1.23
CA LYS C 485 9.89 47.29 0.19
C LYS C 485 11.39 47.18 0.45
N LEU C 486 12.10 46.29 -0.24
CA LEU C 486 13.53 46.05 -0.02
C LEU C 486 14.26 46.16 -1.35
N PRO C 487 14.60 47.38 -1.78
CA PRO C 487 15.28 47.52 -3.07
C PRO C 487 16.73 47.04 -3.05
N ASP C 488 17.47 47.32 -1.98
CA ASP C 488 18.89 47.01 -1.97
C ASP C 488 19.15 45.51 -1.92
N ILE C 489 18.46 44.80 -1.02
CA ILE C 489 18.73 43.38 -0.85
C ILE C 489 18.29 42.60 -2.08
N PHE C 490 17.08 42.85 -2.57
CA PHE C 490 16.52 42.10 -3.69
C PHE C 490 16.74 42.85 -5.00
N SER C 491 18.01 43.13 -5.31
CA SER C 491 18.38 43.67 -6.60
C SER C 491 19.54 42.93 -7.26
N VAL C 492 20.28 42.12 -6.51
CA VAL C 492 21.31 41.28 -7.09
C VAL C 492 20.80 39.85 -7.18
N TYR C 493 19.92 39.46 -6.25
CA TYR C 493 19.39 38.10 -6.24
C TYR C 493 18.53 37.84 -7.47
N PHE C 494 17.66 38.80 -7.83
CA PHE C 494 16.80 38.63 -8.99
C PHE C 494 17.61 38.49 -10.26
N ARG C 495 18.67 39.30 -10.40
CA ARG C 495 19.53 39.21 -11.58
C ARG C 495 20.29 37.89 -11.61
N ARG C 496 20.76 37.42 -10.46
CA ARG C 496 21.55 36.19 -10.44
C ARG C 496 20.69 34.95 -10.63
N GLU C 497 19.40 35.00 -10.27
CA GLU C 497 18.55 33.81 -10.36
C GLU C 497 17.46 33.95 -11.43
N GLY C 498 17.67 34.83 -12.41
CA GLY C 498 16.85 34.83 -13.61
C GLY C 498 15.40 35.21 -13.46
N VAL C 499 15.12 36.27 -12.70
CA VAL C 499 13.77 36.81 -12.66
C VAL C 499 13.60 37.93 -13.67
N MET C 500 14.59 38.83 -13.76
CA MET C 500 14.54 39.89 -14.76
C MET C 500 14.49 39.32 -16.17
N HIS C 501 15.22 38.25 -16.42
CA HIS C 501 15.22 37.62 -17.74
C HIS C 501 13.83 37.11 -18.11
N GLN C 502 13.17 36.44 -17.17
CA GLN C 502 11.84 35.90 -17.45
C GLN C 502 10.81 37.01 -17.58
N VAL C 503 10.93 38.08 -16.79
CA VAL C 503 10.02 39.20 -16.93
C VAL C 503 10.20 39.88 -18.28
N LYS C 504 11.44 40.03 -18.73
CA LYS C 504 11.68 40.58 -20.06
C LYS C 504 11.10 39.68 -21.13
N HIS C 505 11.23 38.36 -20.96
CA HIS C 505 10.64 37.42 -21.91
C HIS C 505 9.12 37.60 -21.99
N LEU C 506 8.47 37.74 -20.84
CA LEU C 506 7.02 37.94 -20.85
C LEU C 506 6.64 39.30 -21.41
N ALA C 507 7.50 40.30 -21.25
CA ALA C 507 7.20 41.65 -21.70
C ALA C 507 7.60 41.92 -23.14
N GLU C 508 8.31 41.01 -23.79
CA GLU C 508 8.69 41.16 -25.19
C GLU C 508 7.98 40.15 -26.09
N SER C 509 8.10 38.87 -25.79
CA SER C 509 7.46 37.84 -26.61
C SER C 509 5.95 37.85 -26.43
N SER C 656 -14.40 34.32 -23.94
CA SER C 656 -13.30 34.59 -24.85
C SER C 656 -12.78 36.01 -24.69
N ASN C 657 -12.97 36.57 -23.51
CA ASN C 657 -12.53 37.92 -23.21
C ASN C 657 -11.69 38.00 -21.93
N ASN C 658 -12.01 37.18 -20.92
CA ASN C 658 -11.25 37.22 -19.67
C ASN C 658 -9.79 36.82 -19.89
N ARG C 659 -9.57 35.79 -20.71
CA ARG C 659 -8.19 35.36 -20.99
C ARG C 659 -7.41 36.47 -21.68
N GLU C 660 -8.01 37.13 -22.66
CA GLU C 660 -7.33 38.23 -23.34
C GLU C 660 -7.05 39.38 -22.37
N LYS C 661 -8.01 39.67 -21.49
CA LYS C 661 -7.81 40.77 -20.54
C LYS C 661 -6.67 40.48 -19.58
N ILE C 662 -6.61 39.25 -19.06
CA ILE C 662 -5.53 38.93 -18.12
C ILE C 662 -4.19 38.83 -18.84
N LYS C 663 -4.19 38.39 -20.10
CA LYS C 663 -2.97 38.48 -20.91
C LYS C 663 -2.49 39.91 -21.06
N GLY C 664 -3.42 40.83 -21.35
CA GLY C 664 -3.03 42.22 -21.48
C GLY C 664 -2.51 42.79 -20.18
N TRP C 665 -3.13 42.43 -19.05
CA TRP C 665 -2.65 42.88 -17.76
C TRP C 665 -1.25 42.37 -17.48
N ILE C 666 -0.99 41.10 -17.78
CA ILE C 666 0.34 40.53 -17.57
C ILE C 666 1.37 41.27 -18.41
N LYS C 667 1.03 41.52 -19.68
CA LYS C 667 1.97 42.19 -20.57
C LYS C 667 2.29 43.59 -20.06
N GLU C 668 1.26 44.36 -19.70
CA GLU C 668 1.49 45.73 -19.24
C GLU C 668 2.28 45.75 -17.93
N GLN C 669 1.95 44.86 -17.00
CA GLN C 669 2.65 44.84 -15.72
C GLN C 669 4.12 44.48 -15.89
N ALA C 670 4.42 43.47 -16.73
CA ALA C 670 5.80 43.10 -16.96
C ALA C 670 6.56 44.23 -17.65
N HIS C 671 5.92 44.88 -18.62
CA HIS C 671 6.56 46.01 -19.30
C HIS C 671 6.89 47.12 -18.32
N LYS C 672 5.95 47.45 -17.43
CA LYS C 672 6.19 48.51 -16.45
C LYS C 672 7.32 48.11 -15.48
N PHE C 673 7.32 46.86 -15.03
CA PHE C 673 8.36 46.40 -14.11
C PHE C 673 9.74 46.50 -14.76
N VAL C 674 9.85 46.05 -16.01
CA VAL C 674 11.14 46.12 -16.71
C VAL C 674 11.55 47.57 -16.92
N GLU C 675 10.62 48.43 -17.35
CA GLU C 675 10.96 49.82 -17.63
C GLU C 675 11.35 50.57 -16.36
N ARG C 676 10.81 50.18 -15.20
CA ARG C 676 11.08 50.91 -13.98
C ARG C 676 12.31 50.39 -13.24
N TYR C 677 12.36 49.10 -12.93
CA TYR C 677 13.36 48.62 -11.99
C TYR C 677 14.65 48.15 -12.67
N PHE C 678 14.56 47.47 -13.81
CA PHE C 678 15.74 46.91 -14.49
C PHE C 678 15.75 47.39 -15.93
N SER C 679 16.30 48.58 -16.15
CA SER C 679 16.36 49.19 -17.47
C SER C 679 17.78 49.41 -17.94
N SER C 680 18.61 50.07 -17.12
CA SER C 680 20.00 50.36 -17.47
C SER C 680 20.92 49.60 -16.54
N GLU C 681 21.88 48.88 -17.12
CA GLU C 681 22.83 48.10 -16.34
C GLU C 681 24.25 48.51 -16.65
N LEU C 690 29.99 39.01 -11.59
CA LEU C 690 29.91 38.57 -12.99
C LEU C 690 31.13 37.74 -13.37
N ASN C 691 31.86 37.27 -12.35
CA ASN C 691 33.05 36.45 -12.56
C ASN C 691 32.75 34.96 -12.57
N VAL C 692 31.48 34.56 -12.41
CA VAL C 692 31.11 33.16 -12.44
C VAL C 692 30.54 32.76 -13.80
N LEU C 693 29.64 33.57 -14.34
CA LEU C 693 29.03 33.24 -15.63
C LEU C 693 30.06 33.26 -16.75
N GLN C 694 30.93 34.28 -16.78
CA GLN C 694 31.95 34.36 -17.81
C GLN C 694 32.95 33.22 -17.68
N ARG C 695 33.32 32.87 -16.45
CA ARG C 695 34.25 31.76 -16.24
C ARG C 695 33.63 30.44 -16.68
N LEU C 696 32.35 30.24 -16.38
CA LEU C 696 31.67 29.02 -16.82
C LEU C 696 31.56 28.96 -18.34
N CYS C 697 31.29 30.09 -18.99
CA CYS C 697 31.25 30.11 -20.45
C CYS C 697 32.62 29.79 -21.03
N ALA C 698 33.69 30.35 -20.45
CA ALA C 698 35.03 30.06 -20.94
C ALA C 698 35.37 28.58 -20.77
N ALA C 699 34.99 27.99 -19.64
CA ALA C 699 35.24 26.57 -19.42
C ALA C 699 34.44 25.70 -20.39
N THR C 700 33.18 26.05 -20.64
CA THR C 700 32.34 25.24 -21.50
C THR C 700 32.64 25.43 -22.98
N GLU C 701 33.32 26.51 -23.36
CA GLU C 701 33.78 26.66 -24.73
C GLU C 701 34.98 25.78 -25.05
N GLN C 702 35.60 25.17 -24.04
CA GLN C 702 36.73 24.27 -24.23
C GLN C 702 36.33 22.81 -24.23
N LEU C 703 35.04 22.50 -24.14
CA LEU C 703 34.54 21.14 -24.26
C LEU C 703 34.02 20.84 -25.66
N ASN C 704 34.24 21.74 -26.61
CA ASN C 704 33.79 21.51 -27.98
C ASN C 704 34.54 20.31 -28.58
N LEU C 705 33.82 19.53 -29.40
CA LEU C 705 34.41 18.32 -29.95
C LEU C 705 35.48 18.64 -31.00
N GLN C 706 35.28 19.71 -31.76
CA GLN C 706 36.22 20.05 -32.83
C GLN C 706 37.54 20.62 -32.32
N VAL C 707 37.62 21.01 -31.05
CA VAL C 707 38.80 21.63 -30.48
C VAL C 707 39.26 20.81 -29.28
N ASP C 708 40.55 20.49 -29.25
CA ASP C 708 41.12 19.77 -28.12
C ASP C 708 41.03 20.62 -26.85
N GLY C 709 40.77 19.96 -25.73
CA GLY C 709 40.59 20.68 -24.49
C GLY C 709 41.52 20.24 -23.37
N GLY C 710 42.30 19.20 -23.61
CA GLY C 710 43.20 18.69 -22.59
C GLY C 710 42.43 18.22 -21.38
N ALA C 711 42.87 18.65 -20.19
CA ALA C 711 42.18 18.32 -18.94
C ALA C 711 41.99 19.54 -18.05
N GLU C 712 42.27 20.74 -18.55
CA GLU C 712 42.06 21.96 -17.76
C GLU C 712 40.60 22.36 -17.68
N CYS C 713 39.83 22.10 -18.74
CA CYS C 713 38.41 22.41 -18.70
C CYS C 713 37.70 21.63 -17.59
N LEU C 714 38.05 20.36 -17.44
CA LEU C 714 37.40 19.53 -16.43
C LEU C 714 37.72 20.01 -15.02
N VAL C 715 38.97 20.41 -14.76
CA VAL C 715 39.31 20.88 -13.41
C VAL C 715 38.66 22.24 -13.15
N GLU C 716 38.55 23.09 -14.17
CA GLU C 716 37.83 24.34 -14.00
C GLU C 716 36.37 24.09 -13.64
N ILE C 717 35.72 23.16 -14.35
CA ILE C 717 34.33 22.83 -14.06
C ILE C 717 34.20 22.25 -12.66
N ARG C 718 35.14 21.39 -12.26
CA ARG C 718 35.10 20.81 -10.92
C ARG C 718 35.22 21.88 -9.85
N SER C 719 36.12 22.84 -10.05
CA SER C 719 36.26 23.93 -9.08
C SER C 719 34.99 24.75 -8.99
N ILE C 720 34.40 25.10 -10.13
CA ILE C 720 33.18 25.91 -10.13
C ILE C 720 32.04 25.16 -9.43
N VAL C 721 31.89 23.87 -9.72
CA VAL C 721 30.78 23.12 -9.12
C VAL C 721 31.00 22.92 -7.62
N SER C 722 32.21 22.55 -7.21
CA SER C 722 32.44 22.19 -5.82
C SER C 722 32.51 23.43 -4.92
N GLU C 723 33.21 24.48 -5.34
CA GLU C 723 33.43 25.66 -4.49
C GLU C 723 33.06 26.92 -5.26
N SER C 724 31.79 27.29 -5.23
CA SER C 724 31.31 28.54 -5.80
C SER C 724 29.85 28.72 -5.37
N ASP C 725 29.23 29.78 -5.87
CA ASP C 725 27.84 30.09 -5.60
C ASP C 725 27.03 30.15 -6.89
N VAL C 726 27.29 29.19 -7.79
CA VAL C 726 26.61 29.18 -9.08
C VAL C 726 25.14 28.82 -8.87
N SER C 727 24.29 29.36 -9.75
CA SER C 727 22.85 29.17 -9.67
C SER C 727 22.37 28.26 -10.79
N SER C 728 21.10 27.86 -10.69
CA SER C 728 20.52 26.98 -11.69
C SER C 728 20.23 27.69 -13.01
N PHE C 729 20.09 29.01 -12.98
CA PHE C 729 19.86 29.77 -14.22
C PHE C 729 21.15 29.94 -15.02
N GLU C 730 22.29 30.10 -14.34
CA GLU C 730 23.55 30.27 -15.05
C GLU C 730 23.93 29.03 -15.83
N ILE C 731 23.68 27.85 -15.26
CA ILE C 731 23.94 26.60 -15.96
C ILE C 731 23.07 26.48 -17.20
N GLN C 732 21.84 26.99 -17.14
CA GLN C 732 20.98 27.00 -18.32
C GLN C 732 21.49 27.98 -19.37
N HIS C 733 21.85 29.19 -18.95
CA HIS C 733 22.23 30.23 -19.90
C HIS C 733 23.54 29.88 -20.61
N SER C 734 24.54 29.44 -19.85
CA SER C 734 25.80 28.99 -20.44
C SER C 734 25.67 27.50 -20.74
N GLY C 735 25.64 27.15 -22.02
CA GLY C 735 25.37 25.78 -22.40
C GLY C 735 26.37 24.83 -21.80
N PHE C 736 25.94 24.08 -20.79
CA PHE C 736 26.79 23.15 -20.08
C PHE C 736 26.30 21.72 -20.15
N VAL C 737 25.01 21.49 -19.89
CA VAL C 737 24.49 20.13 -19.88
C VAL C 737 24.55 19.52 -21.28
N LYS C 738 24.15 20.28 -22.31
CA LYS C 738 24.20 19.77 -23.67
C LYS C 738 25.63 19.50 -24.11
N GLN C 739 26.55 20.42 -23.79
CA GLN C 739 27.94 20.23 -24.18
C GLN C 739 28.55 19.02 -23.50
N LEU C 740 28.27 18.83 -22.21
CA LEU C 740 28.80 17.68 -21.51
C LEU C 740 28.20 16.37 -22.04
N LEU C 741 26.90 16.40 -22.36
CA LEU C 741 26.26 15.22 -22.93
C LEU C 741 26.90 14.83 -24.26
N LEU C 742 27.16 15.82 -25.11
CA LEU C 742 27.83 15.52 -26.38
C LEU C 742 29.28 15.11 -26.16
N TYR C 743 29.93 15.66 -25.14
CA TYR C 743 31.31 15.27 -24.83
C TYR C 743 31.40 13.81 -24.44
N LEU C 744 30.44 13.33 -23.64
CA LEU C 744 30.51 11.97 -23.15
C LEU C 744 29.91 10.96 -24.12
N THR C 745 28.96 11.37 -24.96
CA THR C 745 28.16 10.45 -25.75
C THR C 745 28.20 10.80 -27.24
N SER C 746 29.39 10.98 -27.80
CA SER C 746 29.53 11.23 -29.22
C SER C 746 30.57 10.29 -29.82
N LYS C 747 30.34 9.86 -31.05
CA LYS C 747 31.26 8.99 -31.77
C LYS C 747 31.10 9.28 -33.25
N SER C 748 32.02 10.07 -33.81
CA SER C 748 31.98 10.44 -35.21
C SER C 748 33.41 10.41 -35.75
N GLU C 749 33.58 10.90 -36.98
CA GLU C 749 34.89 10.96 -37.60
C GLU C 749 35.52 12.34 -37.61
N LYS C 750 34.74 13.39 -37.34
CA LYS C 750 35.25 14.74 -37.27
C LYS C 750 35.68 15.15 -35.86
N ASP C 751 35.49 14.28 -34.88
CA ASP C 751 35.91 14.58 -33.52
C ASP C 751 37.42 14.56 -33.40
N ALA C 752 37.98 15.50 -32.63
CA ALA C 752 39.43 15.58 -32.47
C ALA C 752 39.96 14.61 -31.43
N VAL C 753 39.11 14.04 -30.58
CA VAL C 753 39.53 13.09 -29.56
C VAL C 753 38.53 11.93 -29.54
N SER C 754 39.06 10.72 -29.39
CA SER C 754 38.22 9.53 -29.32
C SER C 754 37.41 9.51 -28.03
N ARG C 755 36.32 8.73 -28.05
CA ARG C 755 35.41 8.72 -26.90
C ARG C 755 36.06 8.09 -25.68
N GLU C 756 36.89 7.07 -25.88
CA GLU C 756 37.47 6.35 -24.75
C GLU C 756 38.37 7.26 -23.92
N ILE C 757 39.22 8.05 -24.58
CA ILE C 757 40.10 8.95 -23.87
C ILE C 757 39.31 10.01 -23.12
N ARG C 758 38.22 10.50 -23.73
CA ARG C 758 37.38 11.48 -23.07
C ARG C 758 36.74 10.90 -21.80
N LEU C 759 36.22 9.68 -21.89
CA LEU C 759 35.61 9.05 -20.72
C LEU C 759 36.64 8.83 -19.62
N LYS C 760 37.85 8.40 -19.99
CA LYS C 760 38.88 8.18 -18.97
C LYS C 760 39.35 9.48 -18.35
N ARG C 761 39.44 10.57 -19.13
CA ARG C 761 39.76 11.86 -18.55
C ARG C 761 38.69 12.31 -17.56
N PHE C 762 37.42 12.10 -17.92
CA PHE C 762 36.32 12.43 -17.02
C PHE C 762 36.42 11.64 -15.73
N LEU C 763 36.69 10.33 -15.83
CA LEU C 763 36.79 9.50 -14.63
C LEU C 763 38.07 9.76 -13.85
N HIS C 764 39.08 10.38 -14.47
CA HIS C 764 40.27 10.77 -13.72
C HIS C 764 40.05 12.07 -12.96
N VAL C 765 39.33 13.02 -13.57
CA VAL C 765 39.06 14.28 -12.88
C VAL C 765 38.01 14.10 -11.80
N PHE C 766 36.80 13.69 -12.20
CA PHE C 766 35.78 13.26 -11.25
C PHE C 766 36.00 11.78 -10.98
N PHE C 767 36.11 11.42 -9.69
CA PHE C 767 36.53 10.08 -9.26
C PHE C 767 38.01 9.94 -9.58
N SER C 768 38.68 8.91 -9.08
CA SER C 768 40.15 8.92 -9.13
C SER C 768 40.74 7.77 -9.93
N SER C 769 40.21 7.50 -11.10
CA SER C 769 40.74 6.46 -11.97
C SER C 769 42.02 6.94 -12.67
N PRO C 770 42.86 6.01 -13.11
CA PRO C 770 44.11 6.40 -13.77
C PRO C 770 43.88 7.05 -15.13
N LEU C 771 44.88 7.83 -15.55
CA LEU C 771 44.87 8.49 -16.85
C LEU C 771 45.02 7.46 -17.96
N PRO C 772 44.55 7.77 -19.17
CA PRO C 772 44.72 6.83 -20.28
C PRO C 772 46.18 6.53 -20.54
N GLY C 773 46.46 5.25 -20.83
CA GLY C 773 47.81 4.84 -21.14
C GLY C 773 48.74 4.74 -19.96
N GLU C 774 48.24 4.89 -18.73
CA GLU C 774 49.05 4.84 -17.52
C GLU C 774 48.40 3.94 -16.48
N GLU C 775 47.84 2.82 -16.93
CA GLU C 775 47.19 1.90 -16.00
C GLU C 775 48.24 1.18 -15.16
N PRO C 776 48.13 1.21 -13.83
CA PRO C 776 49.11 0.53 -12.98
C PRO C 776 48.98 -0.98 -13.07
N ILE C 777 50.03 -1.65 -12.61
CA ILE C 777 50.05 -3.12 -12.63
C ILE C 777 49.01 -3.69 -11.69
N GLY C 778 48.65 -2.96 -10.64
CA GLY C 778 47.72 -3.47 -9.64
C GLY C 778 46.27 -3.40 -10.08
N ARG C 779 45.38 -3.04 -9.16
CA ARG C 779 43.95 -2.99 -9.41
C ARG C 779 43.43 -1.57 -9.19
N VAL C 780 42.57 -1.12 -10.10
CA VAL C 780 42.00 0.23 -10.03
C VAL C 780 40.91 0.22 -8.98
N GLU C 781 41.23 0.72 -7.78
CA GLU C 781 40.29 0.78 -6.66
C GLU C 781 40.30 2.17 -6.03
N PRO C 782 39.86 3.19 -6.75
CA PRO C 782 39.88 4.55 -6.20
C PRO C 782 38.87 4.72 -5.08
N VAL C 783 39.13 5.71 -4.24
CA VAL C 783 38.35 5.96 -3.03
C VAL C 783 37.45 7.19 -3.18
N GLY C 784 38.02 8.32 -3.61
CA GLY C 784 37.28 9.56 -3.61
C GLY C 784 36.17 9.57 -4.67
N ASN C 785 34.99 10.04 -4.26
CA ASN C 785 33.87 10.19 -5.18
C ASN C 785 33.09 11.49 -4.95
N ALA C 786 33.64 12.43 -4.20
CA ALA C 786 32.89 13.64 -3.84
C ALA C 786 32.51 14.50 -5.03
N PRO C 787 33.40 14.80 -6.00
CA PRO C 787 32.99 15.71 -7.09
C PRO C 787 31.83 15.18 -7.91
N LEU C 788 31.77 13.86 -8.14
CA LEU C 788 30.63 13.31 -8.87
C LEU C 788 29.35 13.48 -8.08
N LEU C 789 29.40 13.32 -6.76
CA LEU C 789 28.23 13.52 -5.93
C LEU C 789 27.77 14.97 -5.96
N ALA C 790 28.73 15.92 -5.93
CA ALA C 790 28.37 17.32 -6.01
C ALA C 790 27.71 17.65 -7.34
N LEU C 791 28.26 17.13 -8.44
CA LEU C 791 27.65 17.37 -9.75
C LEU C 791 26.25 16.76 -9.83
N VAL C 792 26.07 15.57 -9.26
CA VAL C 792 24.76 14.93 -9.25
C VAL C 792 23.75 15.79 -8.49
N HIS C 793 24.16 16.30 -7.32
CA HIS C 793 23.24 17.12 -6.53
C HIS C 793 22.88 18.41 -7.25
N LYS C 794 23.86 19.06 -7.88
CA LYS C 794 23.55 20.28 -8.62
C LYS C 794 22.60 20.00 -9.78
N MET C 795 22.82 18.89 -10.49
CA MET C 795 21.93 18.55 -11.59
C MET C 795 20.52 18.25 -11.10
N ASN C 796 20.39 17.54 -9.97
CA ASN C 796 19.08 17.28 -9.41
C ASN C 796 18.36 18.57 -9.02
N ASN C 797 19.10 19.50 -8.40
CA ASN C 797 18.49 20.79 -8.04
C ASN C 797 18.02 21.55 -9.28
N CYS C 798 18.85 21.55 -10.33
CA CYS C 798 18.45 22.24 -11.55
C CYS C 798 17.22 21.60 -12.18
N LEU C 799 17.17 20.27 -12.19
CA LEU C 799 16.01 19.57 -12.74
C LEU C 799 14.75 19.89 -11.95
N SER C 800 14.86 19.92 -10.61
CA SER C 800 13.71 20.29 -9.80
C SER C 800 13.27 21.71 -10.05
N GLN C 801 14.23 22.63 -10.24
CA GLN C 801 13.87 24.02 -10.50
C GLN C 801 13.16 24.18 -11.84
N MET C 802 13.60 23.44 -12.86
CA MET C 802 13.12 23.70 -14.21
C MET C 802 11.87 22.94 -14.61
N GLU C 803 11.55 21.84 -13.93
CA GLU C 803 10.48 20.97 -14.38
C GLU C 803 9.10 21.64 -14.24
N GLN C 804 8.20 21.29 -15.16
CA GLN C 804 6.84 21.81 -15.17
C GLN C 804 5.84 20.71 -15.46
N PHE C 805 6.00 19.54 -14.85
CA PHE C 805 5.12 18.42 -15.11
C PHE C 805 3.76 18.63 -14.44
N PRO C 806 2.68 18.16 -15.07
CA PRO C 806 1.35 18.32 -14.48
C PRO C 806 0.93 17.14 -13.60
N VAL C 807 0.19 17.46 -12.55
CA VAL C 807 -0.40 16.47 -11.65
C VAL C 807 -1.90 16.71 -11.64
N LYS C 808 -2.67 15.70 -12.06
CA LYS C 808 -4.11 15.80 -12.21
C LYS C 808 -4.77 15.02 -11.08
N VAL C 809 -5.38 15.73 -10.14
CA VAL C 809 -6.10 15.13 -9.02
C VAL C 809 -7.41 15.88 -8.82
N HIS C 810 -8.47 15.14 -8.52
CA HIS C 810 -9.79 15.73 -8.32
C HIS C 810 -10.72 14.73 -7.63
N ALA C 830 -18.22 13.21 -9.72
CA ALA C 830 -17.01 12.44 -9.87
C ALA C 830 -17.28 10.95 -9.66
N LEU C 831 -16.97 10.47 -8.45
CA LEU C 831 -17.20 9.06 -8.14
C LEU C 831 -18.69 8.73 -8.21
N LYS C 832 -19.54 9.61 -7.68
CA LYS C 832 -20.97 9.38 -7.75
C LYS C 832 -21.47 9.35 -9.19
N PHE C 833 -20.98 10.28 -10.02
CA PHE C 833 -21.36 10.29 -11.43
C PHE C 833 -20.95 9.01 -12.12
N PHE C 834 -19.71 8.56 -11.87
CA PHE C 834 -19.21 7.34 -12.52
C PHE C 834 -19.99 6.11 -12.07
N ASN C 835 -20.32 6.03 -10.78
CA ASN C 835 -21.06 4.88 -10.27
C ASN C 835 -22.55 4.92 -10.61
N THR C 836 -23.08 6.09 -10.96
CA THR C 836 -24.50 6.18 -11.32
C THR C 836 -24.74 6.02 -12.82
N HIS C 837 -24.15 6.91 -13.62
CA HIS C 837 -24.48 6.88 -15.04
C HIS C 837 -23.72 5.76 -15.76
N GLN C 838 -24.31 5.28 -16.85
CA GLN C 838 -23.79 4.19 -17.63
C GLN C 838 -23.67 4.60 -19.09
N LEU C 839 -22.80 3.91 -19.82
CA LEU C 839 -22.53 4.28 -21.20
C LEU C 839 -23.59 3.73 -22.14
N LYS C 840 -23.64 4.30 -23.35
CA LYS C 840 -24.55 3.88 -24.39
C LYS C 840 -23.78 3.57 -25.65
N CYS C 841 -24.13 2.46 -26.32
CA CYS C 841 -23.46 2.04 -27.53
C CYS C 841 -24.46 1.49 -28.53
N GLN C 842 -24.07 1.56 -29.81
CA GLN C 842 -24.86 1.05 -30.92
C GLN C 842 -24.02 0.07 -31.72
N LEU C 843 -24.63 -1.05 -32.10
CA LEU C 843 -23.95 -2.11 -32.83
C LEU C 843 -24.37 -2.08 -34.29
N GLN C 844 -23.39 -2.01 -35.19
CA GLN C 844 -23.62 -2.02 -36.63
C GLN C 844 -22.74 -3.06 -37.28
N ARG C 845 -23.31 -3.81 -38.22
CA ARG C 845 -22.56 -4.86 -38.89
C ARG C 845 -21.52 -4.27 -39.83
N HIS C 846 -20.36 -4.91 -39.89
CA HIS C 846 -19.29 -4.42 -40.76
C HIS C 846 -19.65 -4.68 -42.22
N PRO C 847 -19.59 -3.67 -43.08
CA PRO C 847 -20.06 -3.86 -44.48
C PRO C 847 -19.29 -4.92 -45.25
N ASP C 848 -17.99 -5.09 -44.99
CA ASP C 848 -17.19 -5.99 -45.81
C ASP C 848 -17.66 -7.43 -45.71
N CYS C 849 -17.96 -7.90 -44.50
CA CYS C 849 -18.40 -9.27 -44.29
C CYS C 849 -19.73 -9.27 -43.55
N ALA C 850 -20.70 -10.01 -44.09
CA ALA C 850 -22.04 -10.09 -43.52
C ALA C 850 -22.49 -11.55 -43.54
N ASN C 851 -22.35 -12.22 -42.40
CA ASN C 851 -22.78 -13.60 -42.27
C ASN C 851 -23.70 -13.76 -41.06
N VAL C 852 -23.44 -12.99 -40.01
CA VAL C 852 -24.26 -13.01 -38.80
C VAL C 852 -25.48 -12.13 -39.02
N LYS C 853 -26.46 -12.25 -38.12
CA LYS C 853 -27.69 -11.48 -38.24
C LYS C 853 -27.42 -9.99 -38.03
N GLN C 854 -28.23 -9.16 -38.68
CA GLN C 854 -28.12 -7.72 -38.57
C GLN C 854 -28.73 -7.25 -37.25
N TRP C 855 -28.02 -6.35 -36.57
CA TRP C 855 -28.53 -5.82 -35.31
C TRP C 855 -29.65 -4.83 -35.54
N LYS C 856 -30.68 -4.90 -34.70
CA LYS C 856 -31.80 -3.97 -34.79
C LYS C 856 -32.29 -3.47 -33.45
N GLY C 857 -31.68 -3.90 -32.33
CA GLY C 857 -32.17 -3.48 -31.03
C GLY C 857 -31.99 -2.01 -30.76
N GLY C 858 -30.84 -1.45 -31.14
CA GLY C 858 -30.55 -0.06 -30.90
C GLY C 858 -29.52 0.12 -29.81
N PRO C 859 -29.91 0.79 -28.72
CA PRO C 859 -28.98 0.96 -27.60
C PRO C 859 -28.62 -0.37 -26.95
N VAL C 860 -27.39 -0.45 -26.45
CA VAL C 860 -26.87 -1.66 -25.82
C VAL C 860 -26.52 -1.35 -24.38
N LYS C 861 -26.86 -2.28 -23.49
CA LYS C 861 -26.47 -2.20 -22.07
C LYS C 861 -24.96 -2.17 -21.93
N ILE C 862 -24.41 -1.03 -21.51
CA ILE C 862 -22.96 -0.82 -21.47
C ILE C 862 -22.61 -0.23 -20.11
N ASP C 863 -22.11 -1.07 -19.21
CA ASP C 863 -21.54 -0.64 -17.94
C ASP C 863 -20.19 0.04 -18.17
N PRO C 864 -19.89 1.11 -17.43
CA PRO C 864 -18.61 1.81 -17.65
C PRO C 864 -17.38 0.95 -17.46
N LEU C 865 -17.40 0.02 -16.51
CA LEU C 865 -16.23 -0.81 -16.22
C LEU C 865 -16.33 -2.21 -16.80
N ALA C 866 -17.31 -2.47 -17.66
CA ALA C 866 -17.46 -3.79 -18.24
C ALA C 866 -16.36 -4.08 -19.25
N LEU C 867 -16.07 -5.36 -19.44
CA LEU C 867 -15.10 -5.79 -20.43
C LEU C 867 -15.80 -6.19 -21.72
N VAL C 868 -15.02 -6.22 -22.82
CA VAL C 868 -15.59 -6.62 -24.10
C VAL C 868 -15.95 -8.10 -24.12
N GLN C 869 -15.40 -8.89 -23.20
CA GLN C 869 -15.82 -10.29 -23.09
C GLN C 869 -17.29 -10.39 -22.75
N ALA C 870 -17.80 -9.46 -21.95
CA ALA C 870 -19.24 -9.44 -21.66
C ALA C 870 -20.04 -9.21 -22.93
N ILE C 871 -19.57 -8.30 -23.79
CA ILE C 871 -20.27 -8.03 -25.05
C ILE C 871 -20.25 -9.27 -25.93
N GLU C 872 -19.09 -9.94 -26.01
CA GLU C 872 -19.00 -11.15 -26.82
C GLU C 872 -19.93 -12.24 -26.30
N ARG C 873 -19.98 -12.42 -24.98
CA ARG C 873 -20.86 -13.41 -24.39
C ARG C 873 -22.32 -13.08 -24.67
N TYR C 874 -22.69 -11.80 -24.55
CA TYR C 874 -24.07 -11.40 -24.83
C TYR C 874 -24.43 -11.66 -26.29
N LEU C 875 -23.51 -11.36 -27.21
CA LEU C 875 -23.78 -11.63 -28.61
C LEU C 875 -23.93 -13.12 -28.89
N VAL C 876 -23.08 -13.94 -28.27
CA VAL C 876 -23.16 -15.38 -28.49
C VAL C 876 -24.48 -15.93 -27.93
N VAL C 877 -24.86 -15.51 -26.73
CA VAL C 877 -26.08 -16.02 -26.11
C VAL C 877 -27.31 -15.54 -26.86
N ARG C 878 -27.29 -14.30 -27.35
CA ARG C 878 -28.46 -13.73 -28.02
C ARG C 878 -28.80 -14.46 -29.32
N GLY C 879 -27.86 -15.23 -29.87
CA GLY C 879 -28.10 -15.97 -31.08
C GLY C 879 -27.51 -15.35 -32.34
N TYR C 880 -26.87 -14.18 -32.23
CA TYR C 880 -26.21 -13.59 -33.38
C TYR C 880 -25.00 -14.39 -33.83
N GLY C 881 -24.43 -15.22 -32.95
CA GLY C 881 -23.28 -16.02 -33.32
C GLY C 881 -23.61 -17.25 -34.14
N ARG C 882 -24.88 -17.57 -34.33
CA ARG C 882 -25.28 -18.73 -35.12
C ARG C 882 -25.14 -18.41 -36.59
N VAL C 883 -24.19 -19.05 -37.26
CA VAL C 883 -23.95 -18.81 -38.68
C VAL C 883 -25.00 -19.50 -39.53
N GLU C 898 -34.06 -17.51 -28.61
CA GLU C 898 -34.13 -18.12 -27.29
C GLU C 898 -32.77 -18.10 -26.59
N ILE C 899 -32.79 -18.06 -25.26
CA ILE C 899 -31.56 -18.02 -24.48
C ILE C 899 -31.02 -19.44 -24.36
N ASP C 900 -29.76 -19.63 -24.73
CA ASP C 900 -29.10 -20.92 -24.65
C ASP C 900 -27.83 -20.79 -23.80
N GLU C 901 -27.60 -21.77 -22.93
CA GLU C 901 -26.44 -21.76 -22.05
C GLU C 901 -25.36 -22.73 -22.49
N SER C 902 -25.63 -23.60 -23.46
CA SER C 902 -24.62 -24.54 -23.93
C SER C 902 -23.44 -23.81 -24.57
N LEU C 903 -23.72 -22.80 -25.38
CA LEU C 903 -22.65 -22.02 -26.00
C LEU C 903 -21.89 -21.21 -24.96
N ALA C 904 -22.60 -20.67 -23.96
CA ALA C 904 -21.95 -19.89 -22.92
C ALA C 904 -21.01 -20.76 -22.09
N ALA C 905 -21.44 -21.97 -21.76
CA ALA C 905 -20.62 -22.88 -20.96
C ALA C 905 -19.43 -23.39 -21.77
N VAL C 913 -10.17 -19.47 -23.65
CA VAL C 913 -11.12 -20.28 -24.40
C VAL C 913 -11.09 -19.90 -25.87
N ARG C 914 -11.73 -20.72 -26.70
CA ARG C 914 -11.77 -20.45 -28.13
C ARG C 914 -12.62 -19.21 -28.42
N HIS C 915 -12.14 -18.40 -29.36
CA HIS C 915 -12.82 -17.16 -29.73
C HIS C 915 -13.52 -17.34 -31.07
N ARG C 916 -14.82 -17.06 -31.10
CA ARG C 916 -15.62 -17.17 -32.31
C ARG C 916 -16.01 -15.84 -32.92
N LEU C 917 -16.12 -14.79 -32.10
CA LEU C 917 -16.49 -13.46 -32.58
C LEU C 917 -15.42 -12.46 -32.18
N GLN C 918 -15.35 -11.35 -32.90
CA GLN C 918 -14.35 -10.32 -32.68
C GLN C 918 -14.97 -8.95 -32.92
N PHE C 919 -14.43 -7.95 -32.22
CA PHE C 919 -14.92 -6.59 -32.28
C PHE C 919 -13.83 -5.67 -32.81
N TYR C 920 -14.24 -4.70 -33.63
CA TYR C 920 -13.33 -3.75 -34.24
C TYR C 920 -13.88 -2.34 -34.10
N ILE C 921 -12.99 -1.37 -34.01
CA ILE C 921 -13.32 0.05 -34.04
C ILE C 921 -12.31 0.74 -34.93
N GLY C 922 -12.77 1.21 -36.09
CA GLY C 922 -11.86 1.80 -37.05
C GLY C 922 -10.83 0.79 -37.52
N GLU C 923 -9.56 1.19 -37.50
CA GLU C 923 -8.45 0.34 -37.89
C GLU C 923 -7.70 -0.23 -36.68
N HIS C 924 -8.24 -0.09 -35.49
CA HIS C 924 -7.59 -0.54 -34.26
C HIS C 924 -8.31 -1.77 -33.72
N LEU C 925 -7.54 -2.81 -33.44
CA LEU C 925 -8.10 -4.04 -32.87
C LEU C 925 -8.36 -3.85 -31.38
N LEU C 926 -9.46 -4.45 -30.91
CA LEU C 926 -9.86 -4.31 -29.51
C LEU C 926 -9.37 -5.52 -28.73
N PRO C 927 -8.44 -5.36 -27.80
CA PRO C 927 -8.03 -6.49 -26.96
C PRO C 927 -9.18 -6.95 -26.07
N TYR C 928 -9.15 -8.24 -25.74
CA TYR C 928 -10.20 -8.81 -24.91
C TYR C 928 -10.15 -8.29 -23.48
N ASN C 929 -8.96 -7.93 -23.00
CA ASN C 929 -8.78 -7.43 -21.63
C ASN C 929 -8.74 -5.91 -21.63
N MET C 930 -9.84 -5.30 -22.05
CA MET C 930 -9.94 -3.85 -22.14
C MET C 930 -11.35 -3.41 -21.78
N THR C 931 -11.44 -2.31 -21.02
CA THR C 931 -12.74 -1.80 -20.61
C THR C 931 -13.38 -0.98 -21.72
N VAL C 932 -14.71 -0.96 -21.71
CA VAL C 932 -15.45 -0.23 -22.74
C VAL C 932 -15.19 1.27 -22.63
N TYR C 933 -15.00 1.77 -21.42
CA TYR C 933 -14.71 3.19 -21.23
C TYR C 933 -13.41 3.57 -21.93
N GLN C 934 -12.35 2.78 -21.72
CA GLN C 934 -11.09 3.06 -22.41
C GLN C 934 -11.21 2.85 -23.90
N ALA C 935 -11.99 1.84 -24.32
CA ALA C 935 -12.17 1.60 -25.74
C ALA C 935 -12.82 2.80 -26.42
N VAL C 936 -13.80 3.41 -25.78
CA VAL C 936 -14.41 4.62 -26.33
C VAL C 936 -13.45 5.81 -26.25
N ARG C 937 -12.74 5.95 -25.12
CA ARG C 937 -11.94 7.15 -24.91
C ARG C 937 -10.74 7.20 -25.86
N GLN C 938 -10.04 6.09 -26.04
CA GLN C 938 -8.81 6.11 -26.82
C GLN C 938 -9.09 6.14 -28.32
N PHE C 939 -9.73 5.09 -28.84
CA PHE C 939 -9.90 4.97 -30.28
C PHE C 939 -10.93 5.95 -30.80
N SER C 940 -12.02 6.15 -30.07
CA SER C 940 -13.07 7.06 -30.50
C SER C 940 -12.98 8.40 -29.78
N ARG C 959 -14.28 13.04 -21.46
CA ARG C 959 -14.90 14.00 -22.37
C ARG C 959 -16.43 13.94 -22.28
N ALA C 960 -17.07 15.07 -22.57
CA ALA C 960 -18.53 15.09 -22.56
C ALA C 960 -19.11 14.21 -23.65
N GLY C 961 -18.46 14.15 -24.81
CA GLY C 961 -18.93 13.31 -25.89
C GLY C 961 -18.95 11.83 -25.55
N ILE C 962 -18.03 11.38 -24.70
CA ILE C 962 -17.99 9.97 -24.32
C ILE C 962 -19.29 9.57 -23.62
N TRP C 963 -19.78 10.41 -22.71
CA TRP C 963 -20.99 10.12 -21.96
C TRP C 963 -22.26 10.65 -22.60
N THR C 964 -22.16 11.44 -23.68
CA THR C 964 -23.35 11.94 -24.33
C THR C 964 -23.61 11.32 -25.69
N LYS C 965 -22.63 11.36 -26.61
CA LYS C 965 -22.86 10.87 -27.96
C LYS C 965 -22.88 9.34 -27.99
N THR C 966 -23.47 8.80 -29.05
CA THR C 966 -23.56 7.37 -29.26
C THR C 966 -22.42 6.89 -30.14
N HIS C 967 -21.85 5.74 -29.80
CA HIS C 967 -20.69 5.19 -30.48
C HIS C 967 -21.06 3.91 -31.21
N THR C 968 -20.22 3.54 -32.18
CA THR C 968 -20.46 2.38 -33.04
C THR C 968 -19.25 1.45 -32.99
N ILE C 969 -19.54 0.15 -32.84
CA ILE C 969 -18.52 -0.90 -32.84
C ILE C 969 -18.91 -1.95 -33.86
N TRP C 970 -17.97 -2.36 -34.70
CA TRP C 970 -18.22 -3.35 -35.73
C TRP C 970 -17.92 -4.74 -35.18
N TYR C 971 -18.69 -5.74 -35.61
CA TYR C 971 -18.53 -7.11 -35.14
C TYR C 971 -18.35 -8.04 -36.33
N LYS C 972 -17.51 -9.05 -36.17
CA LYS C 972 -17.26 -10.00 -37.24
C LYS C 972 -16.79 -11.34 -36.67
N PRO C 973 -17.23 -12.46 -37.23
CA PRO C 973 -16.73 -13.75 -36.75
C PRO C 973 -15.24 -13.90 -37.01
N VAL C 974 -14.58 -14.64 -36.13
CA VAL C 974 -13.14 -14.87 -36.24
C VAL C 974 -12.86 -15.88 -37.34
N LYS C 1006 23.04 -25.36 -39.60
CA LYS C 1006 23.71 -24.47 -38.65
C LYS C 1006 24.91 -25.16 -38.01
N HIS C 1007 26.11 -24.71 -38.38
CA HIS C 1007 27.32 -25.30 -37.83
C HIS C 1007 27.48 -24.89 -36.37
N ASP C 1008 27.79 -25.86 -35.51
CA ASP C 1008 27.98 -25.62 -34.08
C ASP C 1008 29.43 -25.23 -33.87
N GLU C 1009 29.70 -23.92 -33.87
CA GLU C 1009 31.06 -23.44 -33.71
C GLU C 1009 31.60 -23.75 -32.31
N LEU C 1010 30.76 -23.58 -31.28
CA LEU C 1010 31.22 -23.76 -29.92
C LEU C 1010 31.69 -25.18 -29.67
N TRP C 1011 30.95 -26.17 -30.16
CA TRP C 1011 31.29 -27.56 -29.91
C TRP C 1011 32.47 -28.04 -30.75
N HIS C 1012 32.61 -27.55 -31.98
CA HIS C 1012 33.65 -28.03 -32.88
C HIS C 1012 34.95 -27.24 -32.74
N ASP C 1013 34.90 -25.92 -32.95
CA ASP C 1013 36.12 -25.12 -32.94
C ASP C 1013 36.50 -24.70 -31.52
N GLY C 1014 35.55 -24.23 -30.74
CA GLY C 1014 35.82 -23.77 -29.40
C GLY C 1014 35.82 -22.26 -29.25
N VAL C 1015 34.85 -21.60 -29.89
CA VAL C 1015 34.70 -20.15 -29.83
C VAL C 1015 33.40 -19.83 -29.10
N CYS C 1016 33.46 -18.80 -28.24
CA CYS C 1016 32.35 -18.37 -27.42
C CYS C 1016 31.87 -16.98 -27.86
N PRO C 1017 30.60 -16.66 -27.65
CA PRO C 1017 30.11 -15.31 -27.98
C PRO C 1017 30.76 -14.26 -27.09
N SER C 1018 30.91 -13.06 -27.66
CA SER C 1018 31.57 -11.97 -26.95
C SER C 1018 30.69 -11.42 -25.84
N VAL C 1019 31.33 -10.83 -24.84
CA VAL C 1019 30.62 -10.25 -23.71
C VAL C 1019 30.14 -8.86 -24.08
N SER C 1020 28.87 -8.57 -23.80
CA SER C 1020 28.29 -7.28 -24.12
C SER C 1020 28.63 -6.25 -23.04
N ASN C 1021 28.79 -5.01 -23.48
CA ASN C 1021 29.03 -3.89 -22.57
C ASN C 1021 27.75 -3.10 -22.42
N PRO C 1022 27.10 -3.12 -21.25
CA PRO C 1022 25.80 -2.47 -21.12
C PRO C 1022 25.82 -0.96 -21.30
N LEU C 1023 26.99 -0.32 -21.15
CA LEU C 1023 27.05 1.13 -21.18
C LEU C 1023 26.85 1.70 -22.58
N GLU C 1024 27.20 0.93 -23.61
CA GLU C 1024 27.18 1.43 -24.98
C GLU C 1024 25.78 1.68 -25.50
N VAL C 1025 24.76 1.06 -24.90
CA VAL C 1025 23.39 1.36 -25.31
C VAL C 1025 22.86 2.59 -24.58
N TYR C 1026 23.38 2.89 -23.38
CA TYR C 1026 23.00 4.11 -22.68
C TYR C 1026 23.68 5.34 -23.26
N LEU C 1027 24.89 5.21 -23.79
CA LEU C 1027 25.61 6.36 -24.33
C LEU C 1027 25.07 6.69 -25.72
N ILE C 1028 23.92 7.36 -25.74
CA ILE C 1028 23.33 7.87 -26.98
C ILE C 1028 22.89 9.32 -26.75
N PRO C 1029 23.16 10.23 -27.69
CA PRO C 1029 22.74 11.63 -27.49
C PRO C 1029 21.24 11.84 -27.63
N THR C 1030 20.61 11.24 -28.64
CA THR C 1030 19.20 11.42 -28.88
C THR C 1030 18.38 10.72 -27.80
N PRO C 1031 17.15 11.18 -27.55
CA PRO C 1031 16.32 10.54 -26.54
C PRO C 1031 15.95 9.13 -26.96
N PRO C 1032 15.71 8.23 -26.00
CA PRO C 1032 15.26 6.88 -26.35
C PRO C 1032 13.87 6.91 -26.98
N GLU C 1033 13.56 5.83 -27.70
CA GLU C 1033 12.29 5.75 -28.40
C GLU C 1033 11.09 5.71 -27.46
N ASN C 1034 11.30 5.37 -26.19
CA ASN C 1034 10.20 5.28 -25.24
C ASN C 1034 9.73 6.64 -24.73
N ILE C 1035 10.48 7.70 -24.98
CA ILE C 1035 10.16 9.03 -24.46
C ILE C 1035 9.38 9.80 -25.51
N THR C 1036 8.22 10.32 -25.12
CA THR C 1036 7.35 11.10 -26.00
C THR C 1036 7.09 12.50 -25.49
N PHE C 1037 7.10 12.72 -24.17
CA PHE C 1037 6.73 14.00 -23.61
C PHE C 1037 7.72 15.10 -23.98
N GLU C 1038 7.25 16.33 -23.93
CA GLU C 1038 8.05 17.52 -24.21
C GLU C 1038 8.05 18.40 -22.97
N ASP C 1039 9.22 18.54 -22.34
CA ASP C 1039 9.39 19.35 -21.15
C ASP C 1039 10.71 20.10 -21.27
N PRO C 1040 10.85 21.23 -20.57
CA PRO C 1040 12.09 22.01 -20.63
C PRO C 1040 13.25 21.40 -19.86
N SER C 1041 13.12 20.20 -19.29
CA SER C 1041 14.17 19.59 -18.50
C SER C 1041 14.59 18.24 -19.07
N LEU C 1042 14.37 18.02 -20.37
CA LEU C 1042 14.72 16.74 -20.97
C LEU C 1042 16.22 16.52 -20.98
N ASP C 1043 17.00 17.57 -21.24
CA ASP C 1043 18.44 17.45 -21.33
C ASP C 1043 19.04 16.99 -20.00
N VAL C 1044 18.54 17.54 -18.90
CA VAL C 1044 19.06 17.16 -17.59
C VAL C 1044 18.71 15.71 -17.28
N ILE C 1045 17.52 15.26 -17.69
CA ILE C 1045 17.15 13.87 -17.50
C ILE C 1045 18.10 12.95 -18.26
N LEU C 1046 18.41 13.30 -19.51
CA LEU C 1046 19.31 12.48 -20.30
C LEU C 1046 20.71 12.45 -19.69
N LEU C 1047 21.20 13.61 -19.22
CA LEU C 1047 22.53 13.66 -18.62
C LEU C 1047 22.58 12.84 -17.34
N LEU C 1048 21.54 12.89 -16.52
CA LEU C 1048 21.51 12.09 -15.31
C LEU C 1048 21.45 10.60 -15.64
N ARG C 1049 20.74 10.23 -16.69
CA ARG C 1049 20.72 8.84 -17.14
C ARG C 1049 22.11 8.37 -17.53
N VAL C 1050 22.83 9.21 -18.29
CA VAL C 1050 24.19 8.86 -18.70
C VAL C 1050 25.11 8.72 -17.49
N LEU C 1051 25.01 9.65 -16.54
CA LEU C 1051 25.88 9.62 -15.36
C LEU C 1051 25.58 8.39 -14.51
N HIS C 1052 24.31 8.02 -14.34
CA HIS C 1052 23.99 6.81 -13.61
C HIS C 1052 24.50 5.56 -14.31
N ALA C 1053 24.41 5.54 -15.64
CA ALA C 1053 24.98 4.41 -16.38
C ALA C 1053 26.47 4.29 -16.16
N ILE C 1054 27.18 5.43 -16.18
CA ILE C 1054 28.62 5.41 -15.93
C ILE C 1054 28.91 4.92 -14.51
N SER C 1055 28.12 5.39 -13.54
CA SER C 1055 28.34 4.98 -12.15
C SER C 1055 28.14 3.48 -11.98
N ARG C 1056 27.10 2.92 -12.61
CA ARG C 1056 26.85 1.48 -12.45
C ARG C 1056 27.89 0.66 -13.19
N TYR C 1057 28.19 1.02 -14.44
CA TYR C 1057 29.09 0.24 -15.29
C TYR C 1057 30.32 1.07 -15.63
N TRP C 1058 31.34 1.01 -14.78
CA TRP C 1058 32.63 1.63 -15.07
C TRP C 1058 33.78 0.64 -15.09
N TYR C 1059 33.58 -0.58 -14.61
CA TYR C 1059 34.63 -1.59 -14.63
C TYR C 1059 34.70 -2.38 -15.92
N TYR C 1060 33.72 -2.20 -16.82
CA TYR C 1060 33.77 -2.84 -18.11
C TYR C 1060 34.68 -2.12 -19.10
N LEU C 1061 35.18 -0.94 -18.72
CA LEU C 1061 36.08 -0.17 -19.57
C LEU C 1061 37.55 -0.40 -19.25
N TYR C 1062 37.86 -0.94 -18.08
CA TYR C 1062 39.22 -1.21 -17.65
C TYR C 1062 39.44 -2.72 -17.59
N ASP C 1063 40.65 -3.14 -17.94
CA ASP C 1063 40.96 -4.58 -17.96
C ASP C 1063 40.86 -5.17 -16.57
N ASN C 1064 41.38 -4.47 -15.56
CA ASN C 1064 41.35 -4.92 -14.17
C ASN C 1064 40.70 -3.84 -13.33
N ALA C 1065 39.61 -4.18 -12.66
CA ALA C 1065 38.89 -3.21 -11.85
C ALA C 1065 38.05 -3.97 -10.82
N MET C 1066 37.59 -3.25 -9.82
CA MET C 1066 36.78 -3.80 -8.74
C MET C 1066 35.32 -3.41 -8.96
N CYS C 1067 34.43 -4.39 -8.84
CA CYS C 1067 33.00 -4.20 -9.14
C CYS C 1067 32.33 -3.48 -7.98
N LYS C 1068 32.34 -2.15 -8.03
CA LYS C 1068 31.71 -1.32 -7.02
C LYS C 1068 31.12 -0.08 -7.67
N GLU C 1069 29.93 0.30 -7.24
CA GLU C 1069 29.32 1.53 -7.75
C GLU C 1069 30.01 2.75 -7.15
N ILE C 1070 30.23 3.76 -8.00
CA ILE C 1070 30.83 5.00 -7.52
C ILE C 1070 29.92 5.67 -6.50
N ILE C 1071 28.64 5.78 -6.82
CA ILE C 1071 27.64 6.39 -5.96
C ILE C 1071 26.47 5.43 -5.82
N PRO C 1072 26.06 5.07 -4.61
CA PRO C 1072 24.92 4.16 -4.45
C PRO C 1072 23.65 4.78 -5.02
N THR C 1073 22.78 3.91 -5.54
CA THR C 1073 21.60 4.37 -6.27
C THR C 1073 20.59 5.09 -5.39
N SER C 1074 20.72 5.01 -4.07
CA SER C 1074 19.81 5.72 -3.17
C SER C 1074 20.09 7.21 -3.13
N GLU C 1075 21.18 7.67 -3.74
CA GLU C 1075 21.55 9.09 -3.73
C GLU C 1075 21.17 9.79 -5.03
N PHE C 1076 20.42 9.14 -5.90
CA PHE C 1076 19.87 9.75 -7.10
C PHE C 1076 18.40 10.12 -6.95
N ILE C 1077 17.83 9.97 -5.75
CA ILE C 1077 16.41 10.16 -5.58
C ILE C 1077 16.08 11.65 -5.61
N ASN C 1078 15.13 12.03 -6.46
CA ASN C 1078 14.67 13.40 -6.52
C ASN C 1078 13.49 13.58 -5.56
N SER C 1079 13.50 14.69 -4.83
CA SER C 1079 12.56 14.90 -3.74
C SER C 1079 11.23 15.51 -4.19
N LYS C 1080 11.10 15.91 -5.45
CA LYS C 1080 9.85 16.50 -5.94
C LYS C 1080 9.08 15.58 -6.87
N LEU C 1081 9.78 14.87 -7.78
CA LEU C 1081 9.10 13.90 -8.63
C LEU C 1081 8.48 12.80 -7.79
N THR C 1082 9.16 12.39 -6.71
CA THR C 1082 8.59 11.38 -5.83
C THR C 1082 7.30 11.87 -5.18
N ALA C 1083 7.28 13.14 -4.75
CA ALA C 1083 6.07 13.68 -4.13
C ALA C 1083 4.93 13.77 -5.13
N LYS C 1084 5.22 14.23 -6.35
CA LYS C 1084 4.17 14.31 -7.37
C LYS C 1084 3.63 12.92 -7.72
N ALA C 1085 4.52 11.92 -7.84
CA ALA C 1085 4.07 10.57 -8.14
C ALA C 1085 3.22 10.01 -7.00
N ASN C 1086 3.66 10.18 -5.76
CA ASN C 1086 2.90 9.67 -4.63
C ASN C 1086 1.52 10.35 -4.54
N ARG C 1087 1.46 11.65 -4.81
CA ARG C 1087 0.17 12.34 -4.80
C ARG C 1087 -0.73 11.84 -5.92
N GLN C 1088 -0.18 11.62 -7.11
CA GLN C 1088 -0.99 11.13 -8.23
C GLN C 1088 -1.49 9.72 -7.97
N LEU C 1089 -0.75 8.93 -7.18
CA LEU C 1089 -1.14 7.55 -6.88
C LEU C 1089 -2.06 7.45 -5.67
N GLN C 1090 -2.83 8.51 -5.37
CA GLN C 1090 -3.80 8.48 -4.29
C GLN C 1090 -5.21 8.83 -4.71
N ASP C 1091 -5.41 9.40 -5.89
CA ASP C 1091 -6.75 9.75 -6.35
C ASP C 1091 -7.50 8.50 -6.76
N PRO C 1092 -8.65 8.18 -6.15
CA PRO C 1092 -9.37 6.96 -6.54
C PRO C 1092 -9.83 6.95 -7.98
N LEU C 1093 -10.22 8.10 -8.52
CA LEU C 1093 -10.83 8.12 -9.85
C LEU C 1093 -9.84 7.73 -10.94
N VAL C 1094 -8.60 8.20 -10.86
CA VAL C 1094 -7.64 7.89 -11.91
C VAL C 1094 -7.25 6.42 -11.86
N ILE C 1095 -7.11 5.86 -10.66
CA ILE C 1095 -6.82 4.43 -10.54
C ILE C 1095 -7.99 3.59 -11.04
N MET C 1096 -9.21 4.05 -10.79
CA MET C 1096 -10.39 3.30 -11.19
C MET C 1096 -10.66 3.39 -12.69
N THR C 1097 -10.27 4.50 -13.33
CA THR C 1097 -10.48 4.64 -14.77
C THR C 1097 -9.24 4.28 -15.57
N GLY C 1098 -8.05 4.58 -15.07
CA GLY C 1098 -6.83 4.30 -15.79
C GLY C 1098 -6.35 5.47 -16.62
N ASN C 1099 -6.28 6.65 -16.01
CA ASN C 1099 -5.85 7.88 -16.68
C ASN C 1099 -4.52 8.38 -16.13
N ILE C 1100 -3.62 7.47 -15.79
CA ILE C 1100 -2.32 7.86 -15.26
C ILE C 1100 -1.52 8.57 -16.34
N PRO C 1101 -0.93 9.73 -16.06
CA PRO C 1101 -0.30 10.52 -17.12
C PRO C 1101 0.89 9.77 -17.73
N THR C 1102 1.15 10.07 -19.00
CA THR C 1102 2.16 9.36 -19.76
C THR C 1102 3.55 9.55 -19.18
N TRP C 1103 3.85 10.75 -18.70
CA TRP C 1103 5.19 11.03 -18.21
C TRP C 1103 5.56 10.12 -17.04
N LEU C 1104 4.59 9.81 -16.18
CA LEU C 1104 4.89 9.00 -15.01
C LEU C 1104 5.33 7.59 -15.40
N THR C 1105 4.55 6.92 -16.26
CA THR C 1105 4.93 5.58 -16.70
C THR C 1105 6.21 5.60 -17.52
N GLU C 1106 6.37 6.60 -18.40
CA GLU C 1106 7.57 6.65 -19.23
C GLU C 1106 8.82 6.84 -18.38
N LEU C 1107 8.77 7.73 -17.39
CA LEU C 1107 9.92 7.89 -16.50
C LEU C 1107 10.12 6.66 -15.63
N GLY C 1108 9.04 6.00 -15.20
CA GLY C 1108 9.18 4.80 -14.41
C GLY C 1108 9.87 3.69 -15.16
N LYS C 1109 9.65 3.61 -16.48
CA LYS C 1109 10.28 2.55 -17.27
C LYS C 1109 11.66 2.92 -17.80
N THR C 1110 11.92 4.21 -18.05
CA THR C 1110 13.19 4.63 -18.62
C THR C 1110 14.21 5.06 -17.57
N CYS C 1111 13.79 5.87 -16.59
CA CYS C 1111 14.69 6.41 -15.57
C CYS C 1111 14.09 6.10 -14.20
N PRO C 1112 14.26 4.86 -13.71
CA PRO C 1112 13.64 4.48 -12.43
C PRO C 1112 14.43 4.86 -11.20
N PHE C 1113 15.61 5.47 -11.33
CA PHE C 1113 16.40 5.83 -10.15
C PHE C 1113 15.88 7.08 -9.44
N PHE C 1114 14.95 7.81 -10.06
CA PHE C 1114 14.42 9.01 -9.42
C PHE C 1114 13.47 8.68 -8.28
N PHE C 1115 12.78 7.54 -8.36
CA PHE C 1115 11.75 7.17 -7.40
C PHE C 1115 12.25 6.09 -6.46
N PRO C 1116 11.76 6.07 -5.21
CA PRO C 1116 12.11 4.98 -4.30
C PRO C 1116 11.38 3.69 -4.65
N PHE C 1117 11.55 2.66 -3.81
CA PHE C 1117 11.02 1.34 -4.13
C PHE C 1117 9.51 1.27 -3.96
N ASP C 1118 8.97 1.93 -2.93
CA ASP C 1118 7.55 1.84 -2.65
C ASP C 1118 6.72 2.45 -3.77
N THR C 1119 7.15 3.60 -4.29
CA THR C 1119 6.43 4.25 -5.39
C THR C 1119 6.39 3.36 -6.62
N ARG C 1120 7.53 2.74 -6.96
CA ARG C 1120 7.57 1.87 -8.13
C ARG C 1120 6.74 0.61 -7.91
N GLN C 1121 6.73 0.07 -6.68
CA GLN C 1121 5.91 -1.10 -6.39
C GLN C 1121 4.42 -0.78 -6.55
N MET C 1122 3.99 0.36 -6.02
CA MET C 1122 2.59 0.75 -6.17
C MET C 1122 2.23 1.00 -7.63
N LEU C 1123 3.13 1.64 -8.38
CA LEU C 1123 2.89 1.88 -9.79
C LEU C 1123 2.77 0.57 -10.56
N PHE C 1124 3.62 -0.40 -10.22
CA PHE C 1124 3.54 -1.72 -10.85
C PHE C 1124 2.20 -2.38 -10.56
N TYR C 1125 1.77 -2.39 -9.30
CA TYR C 1125 0.51 -3.04 -8.95
C TYR C 1125 -0.69 -2.32 -9.56
N VAL C 1126 -0.57 -1.03 -9.83
CA VAL C 1126 -1.70 -0.28 -10.39
C VAL C 1126 -1.76 -0.41 -11.91
N THR C 1127 -0.61 -0.42 -12.59
CA THR C 1127 -0.60 -0.42 -14.05
C THR C 1127 -0.34 -1.77 -14.69
N ALA C 1128 -0.15 -2.84 -13.90
CA ALA C 1128 0.17 -4.13 -14.48
C ALA C 1128 -1.01 -5.09 -14.53
N PHE C 1129 -2.10 -4.80 -13.84
CA PHE C 1129 -3.19 -5.76 -13.71
C PHE C 1129 -4.53 -5.04 -13.90
N ASP C 1130 -5.62 -5.73 -13.57
CA ASP C 1130 -6.95 -5.21 -13.76
C ASP C 1130 -7.26 -4.13 -12.73
N ARG C 1131 -8.45 -3.54 -12.84
CA ARG C 1131 -8.84 -2.45 -11.97
C ARG C 1131 -9.20 -2.92 -10.56
N ASP C 1132 -9.73 -4.14 -10.44
CA ASP C 1132 -10.11 -4.65 -9.13
C ASP C 1132 -8.91 -4.80 -8.20
N ARG C 1133 -7.81 -5.34 -8.73
CA ARG C 1133 -6.60 -5.48 -7.93
C ARG C 1133 -6.01 -4.13 -7.58
N ALA C 1134 -6.10 -3.17 -8.49
CA ALA C 1134 -5.62 -1.82 -8.21
C ALA C 1134 -6.41 -1.19 -7.07
N MET C 1135 -7.73 -1.31 -7.10
CA MET C 1135 -8.56 -0.75 -6.04
C MET C 1135 -8.33 -1.47 -4.72
N GLN C 1136 -8.12 -2.78 -4.75
CA GLN C 1136 -7.81 -3.52 -3.52
C GLN C 1136 -6.49 -3.04 -2.93
N ARG C 1137 -5.48 -2.85 -3.77
CA ARG C 1137 -4.19 -2.34 -3.29
C ARG C 1137 -4.34 -0.95 -2.69
N LEU C 1138 -5.11 -0.08 -3.34
CA LEU C 1138 -5.32 1.27 -2.83
C LEU C 1138 -6.01 1.24 -1.48
N LEU C 1139 -7.04 0.40 -1.33
CA LEU C 1139 -7.73 0.31 -0.05
C LEU C 1139 -6.82 -0.24 1.04
N ASP C 1140 -5.99 -1.25 0.71
CA ASP C 1140 -5.09 -1.81 1.70
C ASP C 1140 -4.04 -0.79 2.14
N THR C 1141 -3.50 -0.02 1.20
CA THR C 1141 -2.43 0.91 1.54
C THR C 1141 -2.94 2.15 2.27
N ASN C 1142 -4.13 2.65 1.89
CA ASN C 1142 -4.70 3.88 2.44
C ASN C 1142 -6.07 3.56 3.03
N PRO C 1143 -6.13 3.21 4.31
CA PRO C 1143 -7.43 2.86 4.93
C PRO C 1143 -8.32 4.04 5.23
N GLU C 1144 -7.91 5.26 4.89
CA GLU C 1144 -8.73 6.44 5.19
C GLU C 1144 -10.06 6.39 4.45
N ILE C 1145 -10.03 5.99 3.18
CA ILE C 1145 -11.25 5.90 2.39
C ILE C 1145 -11.77 4.46 2.37
N SER C 1153 -21.37 7.17 -3.50
CA SER C 1153 -20.05 7.49 -4.03
C SER C 1153 -18.95 6.85 -3.19
N ARG C 1154 -18.98 5.52 -3.09
CA ARG C 1154 -17.98 4.77 -2.35
C ARG C 1154 -17.40 3.69 -3.26
N VAL C 1155 -16.08 3.57 -3.27
CA VAL C 1155 -15.42 2.54 -4.06
C VAL C 1155 -15.63 1.19 -3.42
N ALA C 1156 -15.87 0.17 -4.25
CA ALA C 1156 -16.13 -1.18 -3.76
C ALA C 1156 -15.67 -2.17 -4.82
N PRO C 1157 -14.51 -2.80 -4.64
CA PRO C 1157 -14.05 -3.81 -5.60
C PRO C 1157 -14.92 -5.04 -5.57
N ARG C 1158 -14.96 -5.73 -6.71
CA ARG C 1158 -15.70 -6.98 -6.86
C ARG C 1158 -14.80 -8.00 -7.52
N LEU C 1159 -14.48 -9.07 -6.80
CA LEU C 1159 -13.55 -10.08 -7.28
C LEU C 1159 -14.14 -11.47 -7.11
N ASP C 1160 -13.78 -12.35 -8.04
CA ASP C 1160 -14.21 -13.73 -8.00
C ASP C 1160 -13.22 -14.57 -7.20
N ARG C 1161 -13.69 -15.74 -6.75
CA ARG C 1161 -12.86 -16.62 -5.92
C ARG C 1161 -13.09 -18.07 -6.35
N LYS C 1162 -11.99 -18.80 -6.49
CA LYS C 1162 -12.04 -20.22 -6.81
C LYS C 1162 -11.44 -21.02 -5.66
N LYS C 1163 -12.16 -22.06 -5.24
CA LYS C 1163 -11.77 -22.86 -4.09
C LYS C 1163 -11.34 -24.25 -4.54
N ARG C 1164 -10.25 -24.75 -3.94
CA ARG C 1164 -9.73 -26.07 -4.29
C ARG C 1164 -9.27 -26.76 -3.02
N THR C 1165 -9.35 -28.09 -3.03
CA THR C 1165 -9.02 -28.92 -1.88
C THR C 1165 -7.78 -29.74 -2.18
N VAL C 1166 -6.86 -29.83 -1.22
CA VAL C 1166 -5.61 -30.54 -1.37
C VAL C 1166 -5.46 -31.51 -0.20
N ASN C 1167 -4.40 -32.33 -0.28
CA ASN C 1167 -4.06 -33.30 0.74
C ASN C 1167 -2.60 -33.12 1.15
N ARG C 1168 -2.32 -33.23 2.44
CA ARG C 1168 -0.96 -33.03 2.94
C ARG C 1168 -0.17 -34.35 2.93
N GLU C 1169 -0.23 -35.08 1.82
CA GLU C 1169 0.63 -36.24 1.61
C GLU C 1169 1.18 -36.34 0.21
N GLU C 1170 0.61 -35.63 -0.76
CA GLU C 1170 1.09 -35.59 -2.14
C GLU C 1170 1.05 -34.14 -2.60
N LEU C 1171 1.62 -33.25 -1.79
CA LEU C 1171 1.42 -31.81 -1.99
C LEU C 1171 1.96 -31.34 -3.34
N LEU C 1172 3.08 -31.92 -3.80
CA LEU C 1172 3.67 -31.48 -5.05
C LEU C 1172 2.78 -31.82 -6.24
N LYS C 1173 2.30 -33.06 -6.30
CA LYS C 1173 1.49 -33.49 -7.45
C LYS C 1173 0.20 -32.67 -7.54
N GLN C 1174 -0.49 -32.53 -6.41
CA GLN C 1174 -1.75 -31.78 -6.41
C GLN C 1174 -1.50 -30.30 -6.65
N ALA C 1175 -0.38 -29.75 -6.18
CA ALA C 1175 -0.03 -28.37 -6.50
C ALA C 1175 0.19 -28.20 -7.99
N GLU C 1176 0.85 -29.17 -8.62
CA GLU C 1176 1.06 -29.11 -10.07
C GLU C 1176 -0.27 -29.16 -10.81
N SER C 1177 -1.19 -30.02 -10.37
CA SER C 1177 -2.50 -30.08 -11.00
C SER C 1177 -3.26 -28.76 -10.83
N VAL C 1178 -3.21 -28.18 -9.63
CA VAL C 1178 -3.88 -26.91 -9.37
C VAL C 1178 -3.33 -25.83 -10.28
N MET C 1179 -2.01 -25.75 -10.38
CA MET C 1179 -1.39 -24.69 -11.20
C MET C 1179 -1.57 -24.95 -12.69
N GLN C 1180 -1.80 -26.20 -13.10
CA GLN C 1180 -2.10 -26.47 -14.49
C GLN C 1180 -3.53 -26.06 -14.83
N ASP C 1181 -4.48 -26.27 -13.91
CA ASP C 1181 -5.87 -25.92 -14.20
C ASP C 1181 -6.13 -24.42 -14.02
N LEU C 1182 -5.97 -23.91 -12.80
CA LEU C 1182 -6.33 -22.54 -12.47
C LEU C 1182 -5.12 -21.64 -12.25
N GLY C 1183 -3.95 -22.02 -12.78
CA GLY C 1183 -2.77 -21.20 -12.60
C GLY C 1183 -2.84 -19.87 -13.32
N SER C 1184 -3.45 -19.84 -14.50
CA SER C 1184 -3.48 -18.65 -15.33
C SER C 1184 -4.81 -17.90 -15.28
N SER C 1185 -5.73 -18.32 -14.42
CA SER C 1185 -7.03 -17.67 -14.35
C SER C 1185 -6.92 -16.30 -13.70
N ARG C 1186 -7.93 -15.47 -13.93
CA ARG C 1186 -7.97 -14.10 -13.42
C ARG C 1186 -8.85 -13.96 -12.18
N ALA C 1187 -8.87 -14.98 -11.33
CA ALA C 1187 -9.66 -14.96 -10.11
C ALA C 1187 -8.80 -15.42 -8.94
N MET C 1188 -9.10 -14.91 -7.76
CA MET C 1188 -8.36 -15.29 -6.56
C MET C 1188 -8.51 -16.77 -6.28
N LEU C 1189 -7.45 -17.36 -5.74
CA LEU C 1189 -7.40 -18.78 -5.42
C LEU C 1189 -7.31 -18.97 -3.92
N GLU C 1190 -8.19 -19.81 -3.38
CA GLU C 1190 -8.18 -20.16 -1.97
C GLU C 1190 -8.10 -21.67 -1.84
N ILE C 1191 -7.21 -22.14 -0.97
CA ILE C 1191 -6.90 -23.55 -0.84
C ILE C 1191 -7.39 -24.04 0.52
N GLN C 1192 -8.20 -25.09 0.50
CA GLN C 1192 -8.71 -25.76 1.68
C GLN C 1192 -8.13 -27.16 1.73
N TYR C 1193 -8.24 -27.82 2.88
CA TYR C 1193 -7.72 -29.17 3.05
C TYR C 1193 -8.86 -30.14 3.32
N GLU C 1194 -8.54 -31.43 3.28
CA GLU C 1194 -9.58 -32.45 3.24
C GLU C 1194 -10.28 -32.60 4.60
N ASN C 1195 -9.54 -33.02 5.61
CA ASN C 1195 -10.11 -33.34 6.92
C ASN C 1195 -9.97 -32.19 7.91
N GLU C 1196 -10.10 -30.96 7.44
CA GLU C 1196 -9.98 -29.79 8.30
C GLU C 1196 -11.09 -28.81 7.99
N VAL C 1197 -11.43 -27.98 8.98
CA VAL C 1197 -12.55 -27.07 8.91
C VAL C 1197 -12.11 -25.63 8.77
N GLY C 1198 -10.84 -25.39 8.45
CA GLY C 1198 -10.34 -24.03 8.28
C GLY C 1198 -10.28 -23.63 6.82
N THR C 1199 -10.69 -22.39 6.54
CA THR C 1199 -10.66 -21.83 5.20
C THR C 1199 -10.47 -20.33 5.30
N GLY C 1200 -9.87 -19.76 4.26
CA GLY C 1200 -9.65 -18.33 4.23
C GLY C 1200 -8.29 -17.91 3.72
N LEU C 1201 -7.64 -16.99 4.44
CA LEU C 1201 -6.36 -16.43 4.05
C LEU C 1201 -5.17 -17.06 4.79
N GLY C 1202 -5.43 -17.98 5.72
CA GLY C 1202 -4.38 -18.67 6.42
C GLY C 1202 -3.86 -19.89 5.68
N PRO C 1203 -4.77 -20.82 5.38
CA PRO C 1203 -4.37 -21.99 4.57
C PRO C 1203 -3.80 -21.62 3.21
N THR C 1204 -4.31 -20.56 2.58
CA THR C 1204 -3.79 -20.15 1.28
C THR C 1204 -2.32 -19.78 1.38
N LEU C 1205 -1.95 -19.00 2.40
CA LEU C 1205 -0.55 -18.62 2.58
C LEU C 1205 0.29 -19.81 2.97
N GLU C 1206 -0.25 -20.70 3.80
CA GLU C 1206 0.49 -21.89 4.19
C GLU C 1206 0.77 -22.80 3.00
N PHE C 1207 -0.11 -22.79 2.00
CA PHE C 1207 0.10 -23.59 0.80
C PHE C 1207 1.39 -23.19 0.09
N TYR C 1208 1.58 -21.88 -0.15
CA TYR C 1208 2.82 -21.42 -0.75
C TYR C 1208 4.01 -21.66 0.17
N ALA C 1209 3.83 -21.42 1.48
CA ALA C 1209 4.94 -21.60 2.40
C ALA C 1209 5.42 -23.05 2.44
N LEU C 1210 4.53 -24.01 2.17
CA LEU C 1210 4.92 -25.41 2.15
C LEU C 1210 5.42 -25.88 0.79
N VAL C 1211 4.80 -25.42 -0.30
CA VAL C 1211 5.27 -25.80 -1.63
C VAL C 1211 6.67 -25.25 -1.89
N SER C 1212 6.93 -24.02 -1.42
CA SER C 1212 8.26 -23.44 -1.60
C SER C 1212 9.32 -24.23 -0.84
N GLN C 1213 8.98 -24.73 0.34
CA GLN C 1213 9.92 -25.57 1.08
C GLN C 1213 10.11 -26.91 0.37
N GLU C 1214 9.03 -27.46 -0.20
CA GLU C 1214 9.13 -28.73 -0.91
C GLU C 1214 10.00 -28.63 -2.15
N LEU C 1215 9.98 -27.49 -2.81
CA LEU C 1215 10.79 -27.31 -4.03
C LEU C 1215 12.29 -27.25 -3.76
N GLN C 1216 12.78 -27.47 -2.55
CA GLN C 1216 14.20 -27.41 -2.24
C GLN C 1216 14.78 -28.77 -1.87
N ARG C 1217 14.06 -29.85 -2.16
CA ARG C 1217 14.51 -31.18 -1.77
C ARG C 1217 15.74 -31.59 -2.57
N ALA C 1218 16.60 -32.38 -1.93
CA ALA C 1218 17.80 -32.86 -2.60
C ALA C 1218 17.51 -33.98 -3.59
N ASP C 1219 16.38 -34.67 -3.44
CA ASP C 1219 16.06 -35.77 -4.34
C ASP C 1219 15.78 -35.28 -5.76
N LEU C 1220 15.19 -34.10 -5.89
CA LEU C 1220 14.86 -33.58 -7.22
C LEU C 1220 16.13 -33.34 -8.04
N GLY C 1221 17.17 -32.81 -7.42
CA GLY C 1221 18.41 -32.54 -8.12
C GLY C 1221 18.31 -31.35 -9.05
N LEU C 1222 18.07 -30.18 -8.48
CA LEU C 1222 17.87 -28.96 -9.27
C LEU C 1222 18.94 -27.90 -9.04
N TRP C 1223 19.28 -27.62 -7.78
CA TRP C 1223 20.14 -26.49 -7.45
C TRP C 1223 21.51 -26.95 -6.98
N ARG C 1224 22.40 -25.98 -6.80
CA ARG C 1224 23.71 -26.18 -6.19
C ARG C 1224 23.59 -26.05 -4.67
N GLY C 1225 24.63 -26.50 -3.98
CA GLY C 1225 24.71 -26.30 -2.55
C GLY C 1225 25.03 -27.58 -1.81
N GLU C 1226 24.77 -27.57 -0.51
CA GLU C 1226 25.01 -28.73 0.34
C GLU C 1226 23.70 -29.30 0.84
N GLU C 1227 23.78 -30.48 1.45
CA GLU C 1227 22.63 -31.20 1.98
C GLU C 1227 22.57 -31.02 3.49
N VAL C 1228 21.43 -30.52 3.98
CA VAL C 1228 21.22 -30.29 5.41
C VAL C 1228 19.88 -30.91 5.80
N THR C 1229 19.60 -30.88 7.09
CA THR C 1229 18.34 -31.37 7.64
C THR C 1229 17.61 -30.22 8.34
N LEU C 1230 16.30 -30.12 8.08
CA LEU C 1230 15.52 -29.02 8.62
C LEU C 1230 15.38 -29.15 10.14
N SER C 1231 15.18 -28.00 10.79
CA SER C 1231 14.98 -27.95 12.22
C SER C 1231 13.49 -28.02 12.56
N ASN C 1232 13.16 -28.79 13.59
CA ASN C 1232 11.79 -29.02 14.04
C ASN C 1232 10.92 -29.54 12.89
N PRO C 1233 11.16 -30.77 12.42
CA PRO C 1233 10.35 -31.29 11.31
C PRO C 1233 9.07 -31.95 11.80
N LYS C 1234 8.29 -32.49 10.87
CA LYS C 1234 7.07 -33.21 11.21
C LYS C 1234 7.40 -34.69 11.45
N GLY C 1235 6.37 -35.53 11.54
CA GLY C 1235 6.61 -36.94 11.78
C GLY C 1235 7.33 -37.62 10.63
N SER C 1236 6.95 -37.29 9.39
CA SER C 1236 7.56 -37.90 8.21
C SER C 1236 8.64 -37.02 7.59
N GLN C 1237 8.69 -35.73 7.92
CA GLN C 1237 9.69 -34.84 7.35
C GLN C 1237 11.09 -35.07 7.90
N GLU C 1238 11.22 -35.84 8.98
CA GLU C 1238 12.53 -36.11 9.56
C GLU C 1238 13.36 -36.98 8.62
N GLY C 1239 14.65 -36.67 8.53
CA GLY C 1239 15.56 -37.42 7.68
C GLY C 1239 15.57 -37.01 6.23
N THR C 1240 14.80 -36.00 5.85
CA THR C 1240 14.75 -35.55 4.46
C THR C 1240 15.83 -34.48 4.23
N LYS C 1241 16.65 -34.69 3.20
CA LYS C 1241 17.72 -33.76 2.90
C LYS C 1241 17.19 -32.57 2.11
N TYR C 1242 17.64 -31.38 2.49
CA TYR C 1242 17.26 -30.14 1.82
C TYR C 1242 18.51 -29.40 1.36
N ILE C 1243 18.39 -28.70 0.25
CA ILE C 1243 19.51 -27.97 -0.33
C ILE C 1243 19.68 -26.65 0.41
N GLN C 1244 20.89 -26.39 0.88
CA GLN C 1244 21.22 -25.16 1.58
C GLN C 1244 22.44 -24.53 0.94
N ASN C 1245 22.37 -23.23 0.69
CA ASN C 1245 23.46 -22.45 0.14
C ASN C 1245 23.43 -21.07 0.79
N LEU C 1246 24.59 -20.57 1.19
CA LEU C 1246 24.68 -19.34 1.97
C LEU C 1246 24.79 -18.09 1.09
N GLN C 1247 24.77 -18.24 -0.23
CA GLN C 1247 24.72 -17.10 -1.14
C GLN C 1247 23.49 -17.09 -2.04
N GLY C 1248 22.65 -18.12 -1.97
CA GLY C 1248 21.49 -18.24 -2.83
C GLY C 1248 21.55 -19.52 -3.67
N LEU C 1249 20.48 -19.72 -4.41
CA LEU C 1249 20.27 -20.95 -5.18
C LEU C 1249 20.46 -20.66 -6.66
N PHE C 1250 21.26 -21.50 -7.33
CA PHE C 1250 21.46 -21.41 -8.76
C PHE C 1250 21.41 -22.82 -9.35
N ALA C 1251 21.04 -22.89 -10.63
CA ALA C 1251 20.79 -24.17 -11.28
C ALA C 1251 22.08 -24.91 -11.60
N LEU C 1252 21.99 -26.24 -11.62
CA LEU C 1252 23.09 -27.12 -11.97
C LEU C 1252 23.27 -27.19 -13.49
N PRO C 1253 24.50 -27.40 -13.96
CA PRO C 1253 24.75 -27.52 -15.40
C PRO C 1253 24.49 -28.93 -15.92
N PHE C 1254 23.96 -28.98 -17.14
CA PHE C 1254 23.73 -30.23 -17.85
C PHE C 1254 24.51 -30.21 -19.15
N GLY C 1255 25.29 -31.25 -19.39
CA GLY C 1255 26.14 -31.32 -20.56
C GLY C 1255 25.39 -31.76 -21.80
N ARG C 1256 26.16 -32.28 -22.75
CA ARG C 1256 25.61 -32.77 -24.02
C ARG C 1256 25.35 -34.28 -24.00
N THR C 1257 25.57 -34.95 -22.88
CA THR C 1257 25.33 -36.39 -22.77
C THR C 1257 24.16 -36.71 -21.85
N ALA C 1258 23.39 -35.71 -21.42
CA ALA C 1258 22.28 -35.96 -20.51
C ALA C 1258 21.15 -36.69 -21.22
N LYS C 1259 20.52 -37.62 -20.50
CA LYS C 1259 19.40 -38.35 -21.06
C LYS C 1259 18.19 -37.41 -21.22
N PRO C 1260 17.36 -37.64 -22.23
CA PRO C 1260 16.18 -36.78 -22.41
C PRO C 1260 15.20 -36.81 -21.24
N ALA C 1261 15.09 -37.94 -20.53
CA ALA C 1261 14.15 -38.03 -19.42
C ALA C 1261 14.51 -37.05 -18.30
N HIS C 1262 15.79 -37.00 -17.93
CA HIS C 1262 16.23 -36.09 -16.87
C HIS C 1262 15.97 -34.64 -17.26
N ILE C 1263 16.32 -34.28 -18.49
CA ILE C 1263 16.13 -32.90 -18.95
C ILE C 1263 14.65 -32.54 -18.95
N ALA C 1264 13.80 -33.45 -19.43
CA ALA C 1264 12.36 -33.18 -19.45
C ALA C 1264 11.81 -32.99 -18.04
N LYS C 1265 12.25 -33.84 -17.10
CA LYS C 1265 11.79 -33.70 -15.72
C LYS C 1265 12.19 -32.36 -15.13
N VAL C 1266 13.46 -31.97 -15.32
CA VAL C 1266 13.93 -30.69 -14.79
C VAL C 1266 13.17 -29.53 -15.43
N LYS C 1267 12.91 -29.63 -16.74
CA LYS C 1267 12.22 -28.55 -17.43
C LYS C 1267 10.78 -28.40 -16.94
N MET C 1268 10.08 -29.52 -16.69
CA MET C 1268 8.71 -29.40 -16.21
C MET C 1268 8.67 -28.86 -14.78
N LYS C 1269 9.64 -29.26 -13.95
CA LYS C 1269 9.70 -28.69 -12.60
C LYS C 1269 9.93 -27.19 -12.65
N PHE C 1270 10.84 -26.73 -13.53
CA PHE C 1270 11.12 -25.30 -13.62
C PHE C 1270 9.91 -24.54 -14.18
N ARG C 1271 9.19 -25.14 -15.12
CA ARG C 1271 7.98 -24.51 -15.63
C ARG C 1271 6.93 -24.34 -14.53
N PHE C 1272 6.75 -25.38 -13.71
CA PHE C 1272 5.83 -25.27 -12.58
C PHE C 1272 6.26 -24.18 -11.61
N LEU C 1273 7.56 -24.11 -11.32
CA LEU C 1273 8.06 -23.07 -10.42
C LEU C 1273 7.79 -21.68 -10.96
N GLY C 1274 8.03 -21.47 -12.26
CA GLY C 1274 7.78 -20.17 -12.84
C GLY C 1274 6.31 -19.78 -12.78
N LYS C 1275 5.42 -20.71 -13.11
CA LYS C 1275 3.99 -20.42 -13.02
C LYS C 1275 3.59 -20.13 -11.59
N LEU C 1276 4.17 -20.85 -10.63
CA LEU C 1276 3.88 -20.62 -9.22
C LEU C 1276 4.24 -19.21 -8.80
N MET C 1277 5.44 -18.74 -9.14
CA MET C 1277 5.83 -17.39 -8.74
C MET C 1277 4.98 -16.34 -9.45
N ALA C 1278 4.69 -16.56 -10.74
CA ALA C 1278 3.87 -15.59 -11.47
C ALA C 1278 2.48 -15.48 -10.87
N LYS C 1279 1.92 -16.60 -10.40
CA LYS C 1279 0.61 -16.56 -9.77
C LYS C 1279 0.66 -15.97 -8.36
N ALA C 1280 1.74 -16.24 -7.63
CA ALA C 1280 1.88 -15.70 -6.28
C ALA C 1280 1.98 -14.18 -6.30
N ILE C 1281 2.70 -13.62 -7.27
CA ILE C 1281 2.83 -12.17 -7.34
C ILE C 1281 1.47 -11.51 -7.59
N MET C 1282 0.66 -12.12 -8.46
CA MET C 1282 -0.59 -11.49 -8.86
C MET C 1282 -1.63 -11.47 -7.74
N ASP C 1283 -1.55 -12.43 -6.80
CA ASP C 1283 -2.53 -12.54 -5.72
C ASP C 1283 -2.07 -11.91 -4.42
N PHE C 1284 -0.96 -11.17 -4.44
CA PHE C 1284 -0.42 -10.50 -3.25
C PHE C 1284 0.00 -11.48 -2.17
N ARG C 1285 0.42 -12.68 -2.55
CA ARG C 1285 1.01 -13.64 -1.63
C ARG C 1285 2.53 -13.55 -1.65
N LEU C 1286 3.15 -14.25 -0.72
CA LEU C 1286 4.60 -14.23 -0.56
C LEU C 1286 5.13 -15.66 -0.56
N VAL C 1287 6.28 -15.85 -1.18
CA VAL C 1287 6.93 -17.14 -1.25
C VAL C 1287 8.13 -17.14 -0.31
N ASP C 1288 8.73 -18.31 -0.14
CA ASP C 1288 9.83 -18.52 0.80
C ASP C 1288 11.00 -19.21 0.11
N LEU C 1289 11.41 -18.70 -1.04
CA LEU C 1289 12.48 -19.29 -1.83
C LEU C 1289 13.65 -18.33 -1.92
N PRO C 1290 14.79 -18.65 -1.28
CA PRO C 1290 15.95 -17.74 -1.32
C PRO C 1290 16.80 -17.86 -2.58
N LEU C 1291 16.43 -17.16 -3.64
CA LEU C 1291 17.16 -17.21 -4.89
C LEU C 1291 18.35 -16.24 -4.89
N GLY C 1292 19.14 -16.30 -5.96
CA GLY C 1292 20.36 -15.53 -6.06
C GLY C 1292 20.30 -14.43 -7.12
N LEU C 1293 21.32 -13.57 -7.08
CA LEU C 1293 21.36 -12.42 -7.99
C LEU C 1293 21.48 -12.82 -9.46
N PRO C 1294 22.36 -13.75 -9.85
CA PRO C 1294 22.37 -14.17 -11.26
C PRO C 1294 21.04 -14.72 -11.74
N PHE C 1295 20.26 -15.33 -10.85
CA PHE C 1295 18.92 -15.79 -11.21
C PHE C 1295 18.06 -14.62 -11.67
N TYR C 1296 18.08 -13.52 -10.92
CA TYR C 1296 17.26 -12.37 -11.30
C TYR C 1296 17.84 -11.65 -12.52
N LYS C 1297 19.16 -11.69 -12.69
CA LYS C 1297 19.75 -11.16 -13.92
C LYS C 1297 19.26 -11.94 -15.13
N TRP C 1298 19.19 -13.27 -15.01
CA TRP C 1298 18.61 -14.08 -16.08
C TRP C 1298 17.14 -13.75 -16.29
N MET C 1299 16.41 -13.53 -15.20
CA MET C 1299 14.98 -13.20 -15.30
C MET C 1299 14.76 -11.91 -16.06
N LEU C 1300 15.57 -10.89 -15.80
CA LEU C 1300 15.41 -9.59 -16.44
C LEU C 1300 16.10 -9.50 -17.80
N ARG C 1301 16.48 -10.64 -18.39
CA ARG C 1301 17.14 -10.70 -19.69
C ARG C 1301 18.42 -9.85 -19.70
N GLN C 1302 19.36 -10.26 -18.84
CA GLN C 1302 20.69 -9.65 -18.79
C GLN C 1302 21.76 -10.74 -18.75
N GLU C 1303 21.47 -11.91 -19.30
CA GLU C 1303 22.38 -13.04 -19.23
C GLU C 1303 23.60 -12.89 -20.14
N THR C 1304 23.60 -11.92 -21.05
CA THR C 1304 24.69 -11.74 -22.01
C THR C 1304 25.79 -10.84 -21.48
N SER C 1305 25.70 -10.38 -20.24
CA SER C 1305 26.67 -9.47 -19.64
C SER C 1305 27.13 -10.01 -18.29
N LEU C 1306 27.45 -11.30 -18.24
CA LEU C 1306 27.93 -11.94 -17.02
C LEU C 1306 29.42 -12.23 -17.16
N THR C 1307 30.18 -11.90 -16.11
CA THR C 1307 31.63 -11.95 -16.18
C THR C 1307 32.15 -12.75 -14.99
N SER C 1308 33.48 -12.78 -14.79
CA SER C 1308 34.07 -13.57 -13.71
C SER C 1308 33.69 -13.05 -12.33
N HIS C 1309 33.18 -11.82 -12.23
CA HIS C 1309 32.77 -11.31 -10.93
C HIS C 1309 31.59 -12.10 -10.38
N ASP C 1310 30.73 -12.63 -11.24
CA ASP C 1310 29.52 -13.31 -10.82
C ASP C 1310 29.76 -14.76 -10.38
N LEU C 1311 30.95 -15.31 -10.58
CA LEU C 1311 31.21 -16.65 -10.10
C LEU C 1311 31.33 -16.71 -8.58
N PHE C 1312 31.54 -15.57 -7.91
CA PHE C 1312 31.56 -15.57 -6.46
C PHE C 1312 30.17 -15.80 -5.87
N ASP C 1313 29.11 -15.55 -6.65
CA ASP C 1313 27.75 -15.78 -6.20
C ASP C 1313 27.26 -17.21 -6.46
N ILE C 1314 28.02 -18.03 -7.20
CA ILE C 1314 27.63 -19.39 -7.50
C ILE C 1314 28.60 -20.41 -6.93
N ASP C 1315 29.90 -20.13 -6.97
CA ASP C 1315 30.93 -21.08 -6.53
C ASP C 1315 32.12 -20.31 -5.98
N PRO C 1316 32.22 -20.19 -4.66
CA PRO C 1316 33.35 -19.42 -4.09
C PRO C 1316 34.72 -19.98 -4.41
N VAL C 1317 34.86 -21.30 -4.49
CA VAL C 1317 36.20 -21.89 -4.59
C VAL C 1317 36.72 -21.87 -6.03
N VAL C 1318 35.83 -21.98 -7.03
CA VAL C 1318 36.27 -21.91 -8.41
C VAL C 1318 36.68 -20.48 -8.78
N ALA C 1319 36.03 -19.48 -8.18
CA ALA C 1319 36.33 -18.09 -8.53
C ALA C 1319 37.76 -17.72 -8.17
N ARG C 1320 38.25 -18.22 -7.03
CA ARG C 1320 39.63 -17.93 -6.64
C ARG C 1320 40.63 -18.52 -7.63
N SER C 1321 40.40 -19.75 -8.08
CA SER C 1321 41.28 -20.36 -9.07
C SER C 1321 41.23 -19.58 -10.38
N VAL C 1322 40.04 -19.17 -10.80
CA VAL C 1322 39.91 -18.39 -12.04
C VAL C 1322 40.66 -17.07 -11.91
N TYR C 1323 40.58 -16.42 -10.75
CA TYR C 1323 41.26 -15.15 -10.55
C TYR C 1323 42.77 -15.33 -10.57
N HIS C 1324 43.28 -16.34 -9.86
CA HIS C 1324 44.72 -16.57 -9.86
C HIS C 1324 45.23 -16.95 -11.25
N LEU C 1325 44.41 -17.64 -12.05
CA LEU C 1325 44.82 -17.96 -13.41
C LEU C 1325 44.77 -16.75 -14.32
N GLU C 1326 43.78 -15.87 -14.13
CA GLU C 1326 43.75 -14.61 -14.89
C GLU C 1326 44.90 -13.70 -14.51
N ASP C 1327 45.47 -13.90 -13.33
CA ASP C 1327 46.69 -13.17 -12.97
C ASP C 1327 47.90 -13.56 -13.81
N ILE C 1328 47.80 -14.64 -14.60
CA ILE C 1328 48.95 -15.13 -15.37
C ILE C 1328 48.85 -14.68 -16.83
N VAL C 1329 47.63 -14.60 -17.36
CA VAL C 1329 47.48 -14.22 -18.76
C VAL C 1329 47.94 -12.78 -18.97
N ARG C 1330 47.69 -11.90 -17.99
CA ARG C 1330 48.16 -10.53 -18.10
C ARG C 1330 49.68 -10.47 -18.15
N GLN C 1331 50.34 -11.25 -17.29
CA GLN C 1331 51.80 -11.29 -17.32
C GLN C 1331 52.31 -11.84 -18.66
N LYS C 1332 51.66 -12.88 -19.17
CA LYS C 1332 52.08 -13.48 -20.43
C LYS C 1332 51.94 -12.48 -21.57
N LYS C 1333 50.81 -11.77 -21.64
CA LYS C 1333 50.62 -10.78 -22.69
C LYS C 1333 51.63 -9.64 -22.57
N ARG C 1334 51.85 -9.15 -21.36
CA ARG C 1334 52.82 -8.08 -21.16
C ARG C 1334 54.22 -8.50 -21.58
N LEU C 1335 54.62 -9.72 -21.21
CA LEU C 1335 55.96 -10.18 -21.55
C LEU C 1335 56.11 -10.45 -23.04
N GLU C 1336 55.05 -10.90 -23.70
CA GLU C 1336 55.09 -11.07 -25.15
C GLU C 1336 55.07 -9.75 -25.89
N GLN C 1337 54.53 -8.69 -25.28
CA GLN C 1337 54.51 -7.39 -25.93
C GLN C 1337 55.89 -6.75 -26.04
N ASP C 1338 56.90 -7.28 -25.34
CA ASP C 1338 58.25 -6.75 -25.41
C ASP C 1338 58.95 -7.33 -26.64
N LYS C 1339 59.30 -6.47 -27.59
CA LYS C 1339 59.93 -6.91 -28.82
C LYS C 1339 61.43 -7.12 -28.68
N SER C 1340 62.03 -6.72 -27.56
CA SER C 1340 63.48 -6.85 -27.39
C SER C 1340 63.85 -8.22 -26.85
N GLN C 1341 63.40 -9.28 -27.53
CA GLN C 1341 63.71 -10.64 -27.14
C GLN C 1341 63.71 -11.53 -28.37
N THR C 1342 64.05 -12.80 -28.17
CA THR C 1342 64.10 -13.79 -29.23
C THR C 1342 63.07 -14.89 -28.96
N LYS C 1343 62.94 -15.81 -29.91
CA LYS C 1343 61.98 -16.90 -29.77
C LYS C 1343 62.32 -17.80 -28.59
N GLU C 1344 63.60 -18.14 -28.44
CA GLU C 1344 64.01 -19.00 -27.33
C GLU C 1344 63.81 -18.31 -25.99
N SER C 1345 64.14 -17.02 -25.92
CA SER C 1345 63.92 -16.27 -24.68
C SER C 1345 62.44 -16.18 -24.34
N LEU C 1346 61.60 -15.92 -25.36
CA LEU C 1346 60.16 -15.90 -25.14
C LEU C 1346 59.66 -17.24 -24.63
N GLN C 1347 60.12 -18.34 -25.24
CA GLN C 1347 59.65 -19.66 -24.83
C GLN C 1347 60.08 -19.98 -23.41
N TYR C 1348 61.33 -19.67 -23.06
CA TYR C 1348 61.79 -19.95 -21.71
C TYR C 1348 61.04 -19.12 -20.68
N ALA C 1349 60.80 -17.84 -20.99
CA ALA C 1349 60.07 -16.98 -20.07
C ALA C 1349 58.63 -17.46 -19.88
N LEU C 1350 57.98 -17.86 -20.97
CA LEU C 1350 56.60 -18.36 -20.86
C LEU C 1350 56.55 -19.66 -20.08
N GLU C 1351 57.51 -20.56 -20.29
CA GLU C 1351 57.51 -21.82 -19.56
C GLU C 1351 57.91 -21.63 -18.10
N THR C 1352 58.58 -20.53 -17.77
CA THR C 1352 59.03 -20.32 -16.40
C THR C 1352 57.93 -19.79 -15.49
N LEU C 1353 56.85 -19.25 -16.04
CA LEU C 1353 55.80 -18.65 -15.21
C LEU C 1353 55.19 -19.70 -14.29
N THR C 1354 55.05 -19.34 -13.02
CA THR C 1354 54.55 -20.26 -11.99
C THR C 1354 53.49 -19.56 -11.15
N MET C 1355 52.58 -20.37 -10.61
CA MET C 1355 51.51 -19.90 -9.74
C MET C 1355 51.57 -20.71 -8.44
N ASN C 1356 51.99 -20.05 -7.35
CA ASN C 1356 52.12 -20.69 -6.04
C ASN C 1356 53.04 -21.90 -6.08
N GLY C 1357 54.13 -21.78 -6.83
CA GLY C 1357 55.14 -22.82 -6.90
C GLY C 1357 54.90 -23.90 -7.94
N CYS C 1358 53.78 -23.87 -8.63
CA CYS C 1358 53.48 -24.86 -9.66
C CYS C 1358 53.09 -24.16 -10.95
N SER C 1359 53.58 -24.69 -12.06
CA SER C 1359 53.27 -24.12 -13.37
C SER C 1359 51.93 -24.63 -13.88
N VAL C 1360 51.47 -24.04 -14.99
CA VAL C 1360 50.22 -24.46 -15.60
C VAL C 1360 50.30 -25.90 -16.07
N GLU C 1361 51.48 -26.34 -16.49
CA GLU C 1361 51.66 -27.76 -16.81
C GLU C 1361 51.64 -28.63 -15.56
N ASP C 1362 52.17 -28.12 -14.45
CA ASP C 1362 52.16 -28.89 -13.21
C ASP C 1362 50.76 -29.00 -12.60
N LEU C 1363 49.86 -28.07 -12.93
CA LEU C 1363 48.48 -28.19 -12.46
C LEU C 1363 47.82 -29.45 -12.99
N GLY C 1364 48.04 -29.78 -14.26
CA GLY C 1364 47.51 -31.00 -14.84
C GLY C 1364 46.00 -31.05 -14.97
N LEU C 1365 45.38 -29.98 -15.46
CA LEU C 1365 43.93 -29.93 -15.63
C LEU C 1365 43.57 -30.45 -17.03
N ASP C 1366 42.29 -30.30 -17.39
CA ASP C 1366 41.80 -30.71 -18.70
C ASP C 1366 40.66 -29.78 -19.09
N PHE C 1367 39.90 -30.17 -20.11
CA PHE C 1367 38.79 -29.37 -20.64
C PHE C 1367 37.45 -29.85 -20.08
N THR C 1368 37.43 -30.25 -18.83
CA THR C 1368 36.22 -30.63 -18.11
C THR C 1368 35.92 -29.54 -17.09
N LEU C 1369 34.64 -29.18 -16.98
CA LEU C 1369 34.27 -28.09 -16.09
C LEU C 1369 34.61 -28.47 -14.65
N PRO C 1370 35.30 -27.60 -13.90
CA PRO C 1370 35.82 -28.01 -12.58
C PRO C 1370 34.71 -28.36 -11.61
N GLY C 1371 34.98 -29.36 -10.77
CA GLY C 1371 34.02 -29.87 -9.83
C GLY C 1371 33.08 -30.91 -10.40
N PHE C 1372 32.78 -30.82 -11.69
CA PHE C 1372 31.85 -31.72 -12.38
C PHE C 1372 32.61 -32.42 -13.49
N PRO C 1373 33.28 -33.54 -13.19
CA PRO C 1373 34.11 -34.20 -14.20
C PRO C 1373 33.32 -35.02 -15.19
N ASN C 1374 32.22 -34.47 -15.70
CA ASN C 1374 31.47 -35.08 -16.79
C ASN C 1374 30.99 -34.09 -17.81
N ILE C 1375 31.32 -32.81 -17.69
CA ILE C 1375 30.86 -31.77 -18.59
C ILE C 1375 32.04 -31.30 -19.43
N GLU C 1376 31.99 -31.60 -20.72
CA GLU C 1376 33.06 -31.30 -21.65
C GLU C 1376 32.89 -29.88 -22.18
N LEU C 1377 33.95 -29.08 -22.09
CA LEU C 1377 33.89 -27.74 -22.67
C LEU C 1377 33.78 -27.80 -24.19
N LYS C 1378 34.51 -28.72 -24.80
CA LYS C 1378 34.42 -28.95 -26.24
C LYS C 1378 34.78 -30.39 -26.53
N LYS C 1379 34.62 -30.79 -27.79
CA LYS C 1379 34.80 -32.19 -28.18
C LYS C 1379 36.24 -32.64 -27.93
N GLY C 1380 36.38 -33.83 -27.38
CA GLY C 1380 37.68 -34.38 -27.08
C GLY C 1380 38.36 -33.79 -25.85
N GLY C 1381 37.59 -33.24 -24.91
CA GLY C 1381 38.16 -32.61 -23.75
C GLY C 1381 38.59 -33.56 -22.64
N LYS C 1382 39.29 -34.63 -23.00
CA LYS C 1382 39.84 -35.54 -22.00
C LYS C 1382 41.34 -35.76 -22.25
N ASP C 1383 41.74 -35.66 -23.51
CA ASP C 1383 43.14 -35.82 -23.90
C ASP C 1383 43.77 -34.50 -24.33
N ILE C 1384 43.15 -33.38 -23.99
CA ILE C 1384 43.66 -32.05 -24.32
C ILE C 1384 43.99 -31.33 -23.02
N PRO C 1385 45.25 -31.34 -22.60
CA PRO C 1385 45.62 -30.64 -21.37
C PRO C 1385 45.79 -29.15 -21.60
N VAL C 1386 45.49 -28.38 -20.56
CA VAL C 1386 45.63 -26.92 -20.64
C VAL C 1386 47.10 -26.57 -20.53
N THR C 1387 47.58 -25.76 -21.47
CA THR C 1387 48.94 -25.25 -21.46
C THR C 1387 48.89 -23.73 -21.47
N ILE C 1388 50.07 -23.12 -21.32
CA ILE C 1388 50.17 -21.67 -21.29
C ILE C 1388 49.74 -21.05 -22.62
N HIS C 1389 49.83 -21.82 -23.72
CA HIS C 1389 49.46 -21.28 -25.02
C HIS C 1389 47.96 -21.15 -25.19
N ASN C 1390 47.17 -22.07 -24.61
CA ASN C 1390 45.70 -22.03 -24.69
C ASN C 1390 45.11 -22.04 -23.28
N LEU C 1391 45.03 -20.86 -22.68
CA LEU C 1391 44.49 -20.77 -21.33
C LEU C 1391 43.34 -19.76 -21.29
N GLU C 1392 43.44 -18.72 -22.12
CA GLU C 1392 42.35 -17.76 -22.21
C GLU C 1392 41.08 -18.43 -22.72
N GLU C 1393 41.21 -19.30 -23.72
CA GLU C 1393 40.07 -20.04 -24.22
C GLU C 1393 39.48 -20.93 -23.13
N TYR C 1394 40.34 -21.56 -22.33
CA TYR C 1394 39.86 -22.41 -21.25
C TYR C 1394 39.06 -21.61 -20.23
N LEU C 1395 39.57 -20.44 -19.83
CA LEU C 1395 38.84 -19.62 -18.86
C LEU C 1395 37.51 -19.13 -19.42
N ARG C 1396 37.51 -18.67 -20.67
CA ARG C 1396 36.27 -18.19 -21.26
C ARG C 1396 35.24 -19.31 -21.38
N LEU C 1397 35.69 -20.50 -21.79
CA LEU C 1397 34.77 -21.64 -21.86
C LEU C 1397 34.23 -22.00 -20.50
N VAL C 1398 35.08 -21.97 -19.46
CA VAL C 1398 34.62 -22.30 -18.11
C VAL C 1398 33.52 -21.35 -17.69
N ILE C 1399 33.76 -20.04 -17.85
CA ILE C 1399 32.76 -19.06 -17.44
C ILE C 1399 31.46 -19.22 -18.23
N PHE C 1400 31.58 -19.41 -19.55
CA PHE C 1400 30.38 -19.53 -20.38
C PHE C 1400 29.57 -20.77 -20.03
N TRP C 1401 30.24 -21.91 -19.86
CA TRP C 1401 29.53 -23.14 -19.54
C TRP C 1401 28.95 -23.10 -18.14
N ALA C 1402 29.54 -22.33 -17.24
CA ALA C 1402 29.00 -22.26 -15.89
C ALA C 1402 27.87 -21.25 -15.77
N LEU C 1403 27.81 -20.25 -16.64
CA LEU C 1403 26.82 -19.18 -16.46
C LEU C 1403 25.71 -19.13 -17.50
N ASN C 1404 25.99 -19.50 -18.76
CA ASN C 1404 25.00 -19.37 -19.83
C ASN C 1404 24.64 -20.67 -20.51
N GLU C 1405 25.62 -21.53 -20.80
CA GLU C 1405 25.36 -22.67 -21.68
C GLU C 1405 24.55 -23.75 -20.99
N GLY C 1406 25.09 -24.32 -19.92
CA GLY C 1406 24.43 -25.42 -19.25
C GLY C 1406 23.17 -25.05 -18.49
N VAL C 1407 22.83 -23.77 -18.42
CA VAL C 1407 21.67 -23.31 -17.67
C VAL C 1407 20.75 -22.54 -18.60
N SER C 1408 20.68 -22.97 -19.86
CA SER C 1408 19.83 -22.32 -20.86
C SER C 1408 18.47 -22.99 -21.03
N ARG C 1409 18.47 -24.31 -21.26
CA ARG C 1409 17.21 -25.03 -21.42
C ARG C 1409 16.39 -25.00 -20.14
N GLN C 1410 17.06 -24.91 -18.98
CA GLN C 1410 16.36 -24.88 -17.70
C GLN C 1410 15.75 -23.52 -17.39
N PHE C 1411 16.19 -22.46 -18.08
CA PHE C 1411 15.61 -21.13 -17.90
C PHE C 1411 14.63 -20.75 -19.01
N ASP C 1412 14.77 -21.33 -20.20
CA ASP C 1412 13.76 -21.11 -21.24
C ASP C 1412 12.39 -21.62 -20.80
N SER C 1413 12.36 -22.78 -20.14
CA SER C 1413 11.09 -23.32 -19.63
C SER C 1413 10.52 -22.41 -18.54
N PHE C 1414 11.39 -21.87 -17.68
CA PHE C 1414 10.93 -20.93 -16.66
C PHE C 1414 10.30 -19.69 -17.31
N ARG C 1415 10.94 -19.17 -18.35
CA ARG C 1415 10.39 -18.00 -19.03
C ARG C 1415 9.06 -18.32 -19.71
N ASP C 1416 8.96 -19.51 -20.33
CA ASP C 1416 7.69 -19.90 -20.95
C ASP C 1416 6.58 -20.04 -19.92
N GLY C 1417 6.90 -20.61 -18.76
CA GLY C 1417 5.90 -20.74 -17.71
C GLY C 1417 5.48 -19.40 -17.13
N PHE C 1418 6.43 -18.51 -16.88
CA PHE C 1418 6.11 -17.21 -16.28
C PHE C 1418 5.20 -16.39 -17.19
N GLU C 1419 5.50 -16.39 -18.49
CA GLU C 1419 4.71 -15.58 -19.42
C GLU C 1419 3.31 -16.14 -19.65
N SER C 1420 3.02 -17.34 -19.14
CA SER C 1420 1.67 -17.88 -19.23
C SER C 1420 0.70 -17.15 -18.31
N VAL C 1421 1.20 -16.38 -17.34
CA VAL C 1421 0.35 -15.65 -16.41
C VAL C 1421 0.32 -14.18 -16.80
N PHE C 1422 1.47 -13.51 -16.74
CA PHE C 1422 1.59 -12.14 -17.21
C PHE C 1422 3.03 -11.91 -17.66
N PRO C 1423 3.24 -10.99 -18.61
CA PRO C 1423 4.57 -10.87 -19.23
C PRO C 1423 5.65 -10.42 -18.27
N LEU C 1424 6.89 -10.82 -18.58
CA LEU C 1424 8.05 -10.36 -17.83
C LEU C 1424 8.38 -8.90 -18.07
N SER C 1425 7.86 -8.30 -19.14
CA SER C 1425 8.19 -6.92 -19.47
C SER C 1425 7.65 -5.91 -18.46
N HIS C 1426 6.78 -6.33 -17.56
CA HIS C 1426 6.27 -5.46 -16.51
C HIS C 1426 7.17 -5.41 -15.30
N LEU C 1427 8.30 -6.13 -15.31
CA LEU C 1427 9.26 -6.13 -14.23
C LEU C 1427 10.42 -5.17 -14.49
N GLN C 1428 10.24 -4.21 -15.40
CA GLN C 1428 11.31 -3.27 -15.73
C GLN C 1428 11.41 -2.11 -14.73
N TYR C 1429 10.51 -2.03 -13.76
CA TYR C 1429 10.61 -1.00 -12.74
C TYR C 1429 11.60 -1.34 -11.65
N PHE C 1430 12.16 -2.55 -11.65
CA PHE C 1430 12.99 -3.01 -10.56
C PHE C 1430 14.37 -3.40 -11.06
N TYR C 1431 15.34 -3.35 -10.16
CA TYR C 1431 16.69 -3.80 -10.36
C TYR C 1431 16.88 -5.21 -9.82
N PRO C 1432 17.91 -5.92 -10.24
CA PRO C 1432 18.07 -7.31 -9.81
C PRO C 1432 18.16 -7.49 -8.30
N GLU C 1433 18.61 -6.49 -7.57
CA GLU C 1433 18.74 -6.58 -6.12
C GLU C 1433 17.47 -6.16 -5.37
N GLU C 1434 16.39 -5.84 -6.09
CA GLU C 1434 15.14 -5.43 -5.47
C GLU C 1434 14.02 -6.44 -5.64
N LEU C 1435 14.23 -7.50 -6.42
CA LEU C 1435 13.16 -8.47 -6.65
C LEU C 1435 12.95 -9.40 -5.46
N ASP C 1436 13.95 -9.54 -4.59
CA ASP C 1436 13.80 -10.40 -3.41
C ASP C 1436 12.71 -9.86 -2.49
N GLN C 1437 12.68 -8.54 -2.28
CA GLN C 1437 11.64 -7.95 -1.45
C GLN C 1437 10.26 -8.05 -2.10
N LEU C 1438 10.21 -7.98 -3.43
CA LEU C 1438 8.92 -8.11 -4.12
C LEU C 1438 8.37 -9.53 -3.99
N LEU C 1439 9.23 -10.54 -4.17
CA LEU C 1439 8.75 -11.92 -4.13
C LEU C 1439 8.61 -12.42 -2.69
N CYS C 1440 9.71 -12.49 -1.96
CA CYS C 1440 9.73 -12.93 -0.58
C CYS C 1440 9.44 -11.74 0.33
N GLY C 1441 9.67 -11.90 1.62
CA GLY C 1441 9.42 -10.86 2.59
C GLY C 1441 10.60 -9.93 2.77
N SER C 1442 10.55 -9.16 3.86
CA SER C 1442 11.60 -8.22 4.17
C SER C 1442 12.79 -8.93 4.82
N LYS C 1443 13.87 -8.18 5.00
CA LYS C 1443 15.07 -8.72 5.61
C LYS C 1443 14.87 -8.93 7.11
N ALA C 1444 15.65 -9.86 7.66
CA ALA C 1444 15.56 -10.16 9.08
C ALA C 1444 16.06 -9.00 9.93
N ASP C 1445 15.41 -8.77 11.06
CA ASP C 1445 15.79 -7.70 11.97
C ASP C 1445 15.34 -8.07 13.38
N THR C 1446 16.07 -7.56 14.36
CA THR C 1446 15.76 -7.82 15.77
C THR C 1446 14.76 -6.81 16.29
N TRP C 1447 13.69 -7.30 16.89
CA TRP C 1447 12.62 -6.43 17.38
C TRP C 1447 12.99 -5.81 18.72
N ASP C 1448 12.20 -4.81 19.11
CA ASP C 1448 12.32 -4.20 20.43
C ASP C 1448 10.96 -3.66 20.83
N ALA C 1449 10.83 -3.32 22.12
CA ALA C 1449 9.54 -2.88 22.64
C ALA C 1449 9.06 -1.61 21.97
N LYS C 1450 9.98 -0.78 21.46
CA LYS C 1450 9.60 0.50 20.86
C LYS C 1450 8.73 0.29 19.63
N THR C 1451 9.14 -0.59 18.72
CA THR C 1451 8.34 -0.83 17.52
C THR C 1451 7.12 -1.70 17.81
N LEU C 1452 7.20 -2.57 18.83
CA LEU C 1452 6.05 -3.40 19.16
C LEU C 1452 4.91 -2.59 19.74
N MET C 1453 5.21 -1.64 20.63
CA MET C 1453 4.16 -0.82 21.23
C MET C 1453 3.85 0.40 20.38
N GLU C 1454 3.73 0.20 19.08
CA GLU C 1454 3.24 1.23 18.16
C GLU C 1454 2.28 0.71 17.11
N CYS C 1455 2.19 -0.60 16.90
CA CYS C 1455 1.26 -1.19 15.95
C CYS C 1455 0.40 -2.30 16.56
N CYS C 1456 0.92 -3.02 17.55
CA CYS C 1456 0.11 -4.01 18.26
C CYS C 1456 -1.02 -3.32 19.00
N ARG C 1457 -2.23 -3.84 18.87
CA ARG C 1457 -3.42 -3.23 19.47
C ARG C 1457 -4.02 -4.18 20.49
N PRO C 1458 -3.72 -4.00 21.77
CA PRO C 1458 -4.32 -4.86 22.80
C PRO C 1458 -5.67 -4.33 23.28
N ASP C 1459 -6.62 -5.24 23.41
CA ASP C 1459 -7.98 -4.90 23.81
C ASP C 1459 -8.63 -6.12 24.41
N HIS C 1460 -9.85 -5.93 24.92
CA HIS C 1460 -10.65 -7.00 25.52
C HIS C 1460 -9.90 -7.68 26.67
N GLY C 1461 -9.69 -6.90 27.73
CA GLY C 1461 -9.11 -7.39 28.96
C GLY C 1461 -7.66 -7.01 29.18
N TYR C 1462 -6.97 -6.56 28.14
CA TYR C 1462 -5.53 -6.26 28.20
C TYR C 1462 -5.26 -4.86 27.69
N THR C 1463 -5.99 -3.87 28.22
CA THR C 1463 -5.69 -2.48 27.92
C THR C 1463 -4.20 -2.20 28.15
N HIS C 1464 -3.67 -1.23 27.40
CA HIS C 1464 -2.24 -0.99 27.34
C HIS C 1464 -1.62 -0.80 28.73
N ASP C 1465 -0.31 -1.06 28.84
CA ASP C 1465 0.40 -0.99 30.11
C ASP C 1465 -0.17 -1.99 31.12
N SER C 1466 -0.49 -3.19 30.64
CA SER C 1466 -0.89 -4.29 31.50
C SER C 1466 0.34 -5.16 31.79
N ARG C 1467 0.13 -6.31 32.40
CA ARG C 1467 1.23 -7.21 32.74
C ARG C 1467 1.51 -8.25 31.67
N ALA C 1468 0.45 -8.88 31.15
CA ALA C 1468 0.64 -9.89 30.10
C ALA C 1468 1.24 -9.27 28.84
N VAL C 1469 0.77 -8.08 28.45
CA VAL C 1469 1.31 -7.43 27.26
C VAL C 1469 2.77 -7.07 27.47
N LYS C 1470 3.13 -6.63 28.69
CA LYS C 1470 4.51 -6.30 28.97
C LYS C 1470 5.41 -7.52 28.88
N PHE C 1471 4.98 -8.63 29.49
CA PHE C 1471 5.77 -9.86 29.42
C PHE C 1471 5.93 -10.31 27.98
N LEU C 1472 4.86 -10.24 27.19
CA LEU C 1472 4.92 -10.67 25.80
C LEU C 1472 5.86 -9.78 24.98
N PHE C 1473 5.77 -8.47 25.15
CA PHE C 1473 6.65 -7.59 24.39
C PHE C 1473 8.11 -7.78 24.80
N GLU C 1474 8.36 -8.10 26.06
CA GLU C 1474 9.72 -8.42 26.46
C GLU C 1474 10.18 -9.75 25.87
N ILE C 1475 9.26 -10.71 25.72
CA ILE C 1475 9.70 -12.05 25.33
C ILE C 1475 9.87 -12.19 23.82
N LEU C 1476 9.11 -11.44 23.00
CA LEU C 1476 9.37 -11.52 21.56
C LEU C 1476 10.72 -10.94 21.20
N SER C 1477 11.12 -9.84 21.83
CA SER C 1477 12.35 -9.16 21.45
C SER C 1477 13.57 -9.84 22.06
N SER C 1478 13.60 -11.18 22.00
CA SER C 1478 14.76 -11.93 22.47
C SER C 1478 15.07 -13.14 21.60
N PHE C 1479 14.49 -13.27 20.41
CA PHE C 1479 14.62 -14.48 19.61
C PHE C 1479 15.86 -14.44 18.73
N ASP C 1480 16.05 -15.48 17.92
CA ASP C 1480 17.19 -15.63 17.03
C ASP C 1480 16.75 -15.92 15.59
N ASN C 1481 15.59 -15.39 15.21
CA ASN C 1481 15.01 -15.44 13.87
C ASN C 1481 14.46 -16.82 13.52
N GLU C 1482 14.87 -17.85 14.26
CA GLU C 1482 14.24 -19.16 14.09
C GLU C 1482 12.95 -19.22 14.88
N GLN C 1483 13.00 -18.78 16.13
CA GLN C 1483 11.78 -18.60 16.90
C GLN C 1483 10.92 -17.50 16.32
N GLN C 1484 11.53 -16.52 15.66
CA GLN C 1484 10.75 -15.52 14.93
C GLN C 1484 9.97 -16.16 13.80
N ARG C 1485 10.62 -17.04 13.03
CA ARG C 1485 9.92 -17.75 11.97
C ARG C 1485 8.80 -18.62 12.54
N LEU C 1486 9.07 -19.32 13.65
CA LEU C 1486 8.04 -20.16 14.26
C LEU C 1486 6.84 -19.34 14.70
N PHE C 1487 7.07 -18.21 15.37
CA PHE C 1487 5.97 -17.38 15.83
C PHE C 1487 5.18 -16.80 14.68
N LEU C 1488 5.87 -16.32 13.63
CA LEU C 1488 5.17 -15.76 12.49
C LEU C 1488 4.34 -16.82 11.77
N GLN C 1489 4.86 -18.03 11.64
CA GLN C 1489 4.09 -19.10 11.01
C GLN C 1489 2.90 -19.49 11.87
N PHE C 1490 3.07 -19.48 13.20
CA PHE C 1490 1.98 -19.85 14.09
C PHE C 1490 0.85 -18.83 14.07
N VAL C 1491 1.18 -17.54 14.03
CA VAL C 1491 0.14 -16.51 14.10
C VAL C 1491 -0.36 -16.15 12.71
N THR C 1492 0.53 -15.65 11.86
CA THR C 1492 0.09 -15.15 10.55
C THR C 1492 -0.25 -16.30 9.60
N GLY C 1493 0.58 -17.34 9.58
CA GLY C 1493 0.45 -18.43 8.62
C GLY C 1493 1.59 -18.52 7.64
N SER C 1494 2.42 -17.48 7.53
CA SER C 1494 3.57 -17.45 6.66
C SER C 1494 4.79 -16.98 7.44
N PRO C 1495 5.97 -17.56 7.19
CA PRO C 1495 7.14 -17.19 7.98
C PRO C 1495 7.84 -15.94 7.45
N ARG C 1496 7.07 -14.92 7.09
CA ARG C 1496 7.61 -13.71 6.52
C ARG C 1496 6.67 -12.55 6.85
N LEU C 1497 7.18 -11.34 6.66
CA LEU C 1497 6.41 -10.14 6.90
C LEU C 1497 6.49 -9.23 5.67
N PRO C 1498 5.45 -8.44 5.42
CA PRO C 1498 5.51 -7.50 4.30
C PRO C 1498 6.58 -6.45 4.53
N VAL C 1499 6.93 -5.75 3.45
CA VAL C 1499 7.93 -4.69 3.55
C VAL C 1499 7.40 -3.60 4.48
N GLY C 1500 8.22 -3.20 5.44
CA GLY C 1500 7.83 -2.26 6.47
C GLY C 1500 7.71 -2.83 7.85
N GLY C 1501 7.71 -4.16 7.99
CA GLY C 1501 7.65 -4.78 9.30
C GLY C 1501 6.25 -4.93 9.85
N PHE C 1502 6.10 -4.75 11.16
CA PHE C 1502 4.79 -4.89 11.79
C PHE C 1502 3.82 -3.80 11.35
N ARG C 1503 4.32 -2.59 11.09
CA ARG C 1503 3.47 -1.47 10.73
C ARG C 1503 2.77 -1.66 9.38
N SER C 1504 3.22 -2.59 8.56
CA SER C 1504 2.64 -2.80 7.24
C SER C 1504 1.55 -3.86 7.22
N LEU C 1505 1.33 -4.57 8.32
CA LEU C 1505 0.24 -5.55 8.38
C LEU C 1505 -1.09 -4.83 8.45
N ASN C 1506 -1.95 -5.09 7.46
CA ASN C 1506 -3.24 -4.39 7.42
C ASN C 1506 -4.10 -4.69 8.65
N PRO C 1507 -4.31 -5.93 9.07
CA PRO C 1507 -4.89 -6.16 10.39
C PRO C 1507 -3.80 -6.19 11.44
N PRO C 1508 -3.77 -5.20 12.33
CA PRO C 1508 -2.74 -5.20 13.37
C PRO C 1508 -2.92 -6.37 14.32
N LEU C 1509 -1.79 -6.86 14.85
CA LEU C 1509 -1.84 -7.97 15.78
C LEU C 1509 -2.64 -7.58 17.01
N THR C 1510 -3.84 -8.15 17.17
CA THR C 1510 -4.70 -7.82 18.28
C THR C 1510 -4.50 -8.84 19.39
N ILE C 1511 -4.40 -8.38 20.63
CA ILE C 1511 -4.19 -9.23 21.78
C ILE C 1511 -5.41 -9.12 22.69
N VAL C 1512 -5.99 -10.27 23.04
CA VAL C 1512 -7.20 -10.31 23.88
C VAL C 1512 -6.99 -11.32 24.99
N ARG C 1513 -7.81 -11.18 26.04
CA ARG C 1513 -7.71 -12.01 27.22
C ARG C 1513 -8.59 -13.25 27.07
N LYS C 1514 -8.02 -14.42 27.32
CA LYS C 1514 -8.77 -15.65 27.25
C LYS C 1514 -9.67 -15.79 28.47
N THR C 1515 -10.90 -16.24 28.23
CA THR C 1515 -11.92 -16.32 29.28
C THR C 1515 -11.95 -17.73 29.85
N PHE C 1516 -11.75 -17.84 31.16
CA PHE C 1516 -11.68 -19.12 31.85
C PHE C 1516 -12.80 -19.21 32.88
N GLU C 1517 -12.76 -20.27 33.68
CA GLU C 1517 -13.71 -20.48 34.76
C GLU C 1517 -13.02 -20.20 36.10
N SER C 1518 -13.78 -20.42 37.18
CA SER C 1518 -13.27 -20.19 38.53
C SER C 1518 -12.58 -21.40 39.13
N THR C 1519 -12.57 -22.54 38.43
CA THR C 1519 -11.96 -23.77 38.94
C THR C 1519 -10.58 -24.01 38.33
N GLU C 1520 -10.51 -24.08 37.00
CA GLU C 1520 -9.24 -24.33 36.34
C GLU C 1520 -8.35 -23.10 36.40
N ASN C 1521 -7.09 -23.31 36.75
CA ASN C 1521 -6.15 -22.20 36.79
C ASN C 1521 -5.88 -21.68 35.38
N PRO C 1522 -5.88 -20.37 35.18
CA PRO C 1522 -5.50 -19.82 33.88
C PRO C 1522 -4.00 -19.82 33.69
N ASP C 1523 -3.34 -20.91 34.09
CA ASP C 1523 -1.90 -21.06 34.00
C ASP C 1523 -1.49 -22.27 33.20
N ASP C 1524 -2.14 -23.42 33.41
CA ASP C 1524 -1.80 -24.62 32.64
C ASP C 1524 -2.66 -24.77 31.40
N PHE C 1525 -2.77 -23.70 30.62
CA PHE C 1525 -3.44 -23.71 29.33
C PHE C 1525 -2.48 -23.20 28.25
N LEU C 1526 -2.97 -23.13 27.03
CA LEU C 1526 -2.17 -22.76 25.88
C LEU C 1526 -2.83 -21.62 25.12
N PRO C 1527 -2.05 -20.77 24.48
CA PRO C 1527 -2.63 -19.63 23.75
C PRO C 1527 -3.30 -20.09 22.46
N SER C 1528 -4.10 -19.19 21.89
CA SER C 1528 -4.82 -19.48 20.66
C SER C 1528 -4.71 -18.31 19.70
N VAL C 1529 -4.96 -18.57 18.43
CA VAL C 1529 -4.82 -17.54 17.41
C VAL C 1529 -5.84 -17.78 16.31
N MET C 1530 -6.45 -16.70 15.84
CA MET C 1530 -7.20 -16.67 14.60
C MET C 1530 -6.30 -16.01 13.56
N THR C 1531 -5.84 -16.82 12.60
CA THR C 1531 -4.82 -16.38 11.64
C THR C 1531 -5.39 -15.49 10.55
N CYS C 1532 -6.71 -15.52 10.35
CA CYS C 1532 -7.31 -14.69 9.31
C CYS C 1532 -7.24 -13.21 9.66
N VAL C 1533 -7.25 -12.88 10.96
CA VAL C 1533 -7.30 -11.49 11.40
C VAL C 1533 -6.26 -11.19 12.48
N ASN C 1534 -5.28 -12.09 12.64
CA ASN C 1534 -4.18 -11.91 13.61
C ASN C 1534 -4.70 -11.65 15.02
N TYR C 1535 -5.61 -12.51 15.46
CA TYR C 1535 -6.30 -12.36 16.73
C TYR C 1535 -5.68 -13.33 17.73
N LEU C 1536 -4.89 -12.82 18.68
CA LEU C 1536 -4.15 -13.65 19.62
C LEU C 1536 -4.84 -13.63 20.97
N LYS C 1537 -5.33 -14.79 21.39
CA LYS C 1537 -5.96 -14.99 22.69
C LYS C 1537 -4.93 -15.54 23.66
N LEU C 1538 -4.69 -14.80 24.74
CA LEU C 1538 -3.56 -15.06 25.62
C LEU C 1538 -3.98 -15.12 27.08
N PRO C 1539 -3.67 -16.20 27.79
CA PRO C 1539 -4.02 -16.27 29.22
C PRO C 1539 -3.18 -15.31 30.05
N ASP C 1540 -3.67 -15.04 31.25
CA ASP C 1540 -2.97 -14.19 32.21
C ASP C 1540 -2.07 -15.07 33.07
N TYR C 1541 -0.85 -15.30 32.60
CA TYR C 1541 0.07 -16.17 33.31
C TYR C 1541 0.64 -15.46 34.54
N SER C 1542 1.10 -16.27 35.49
CA SER C 1542 1.63 -15.77 36.75
C SER C 1542 3.14 -15.61 36.76
N SER C 1543 3.82 -15.91 35.66
CA SER C 1543 5.27 -15.80 35.61
C SER C 1543 5.71 -15.69 34.15
N ILE C 1544 6.95 -15.29 33.96
CA ILE C 1544 7.51 -15.19 32.61
C ILE C 1544 8.09 -16.51 32.13
N GLU C 1545 8.58 -17.35 33.05
CA GLU C 1545 9.08 -18.66 32.66
C GLU C 1545 7.96 -19.54 32.14
N ILE C 1546 6.79 -19.47 32.79
CA ILE C 1546 5.64 -20.25 32.32
C ILE C 1546 5.20 -19.75 30.95
N MET C 1547 5.21 -18.44 30.73
CA MET C 1547 4.89 -17.91 29.41
C MET C 1547 5.86 -18.40 28.36
N ARG C 1548 7.16 -18.41 28.69
CA ARG C 1548 8.16 -18.90 27.75
C ARG C 1548 7.95 -20.39 27.43
N GLU C 1549 7.66 -21.19 28.45
CA GLU C 1549 7.54 -22.62 28.23
C GLU C 1549 6.20 -23.02 27.62
N LYS C 1550 5.20 -22.14 27.65
CA LYS C 1550 3.91 -22.47 27.06
C LYS C 1550 3.59 -21.66 25.81
N LEU C 1551 4.48 -20.77 25.37
CA LEU C 1551 4.35 -20.16 24.06
C LEU C 1551 5.16 -20.87 23.00
N LEU C 1552 6.15 -21.67 23.39
CA LEU C 1552 6.92 -22.46 22.45
C LEU C 1552 6.27 -23.79 22.12
N ILE C 1553 5.58 -24.40 23.08
CA ILE C 1553 4.87 -25.65 22.81
C ILE C 1553 3.80 -25.43 21.75
N ALA C 1554 3.06 -24.31 21.86
CA ALA C 1554 2.05 -24.01 20.85
C ALA C 1554 2.67 -23.80 19.48
N ALA C 1555 3.80 -23.09 19.41
CA ALA C 1555 4.40 -22.79 18.12
C ALA C 1555 5.09 -23.99 17.49
N ARG C 1556 5.50 -24.96 18.30
CA ARG C 1556 6.24 -26.10 17.77
C ARG C 1556 5.34 -27.32 17.54
N GLU C 1557 4.57 -27.73 18.54
CA GLU C 1557 3.69 -28.89 18.43
C GLU C 1557 2.28 -28.55 17.96
N GLY C 1558 2.00 -27.29 17.67
CA GLY C 1558 0.69 -26.90 17.20
C GLY C 1558 0.72 -26.28 15.81
N GLN C 1559 1.56 -26.82 14.94
CA GLN C 1559 1.73 -26.31 13.59
C GLN C 1559 1.13 -27.29 12.59
N GLN C 1560 0.87 -26.77 11.39
CA GLN C 1560 0.30 -27.55 10.29
C GLN C 1560 -1.04 -28.18 10.68
N SER C 1561 -1.96 -27.35 11.16
CA SER C 1561 -3.28 -27.81 11.52
C SER C 1561 -4.24 -26.63 11.64
N PHE C 1562 -5.44 -26.78 11.08
CA PHE C 1562 -6.53 -25.82 11.21
C PHE C 1562 -7.76 -26.61 11.64
N HIS C 1563 -7.89 -26.83 12.95
CA HIS C 1563 -8.96 -27.66 13.49
C HIS C 1563 -10.04 -26.85 14.21
N LEU C 1564 -10.00 -25.52 14.10
CA LEU C 1564 -10.92 -24.68 14.88
C LEU C 1564 -11.20 -23.42 14.05
N SER C 1565 -12.28 -23.46 13.28
CA SER C 1565 -12.65 -22.33 12.45
C SER C 1565 -14.15 -22.24 12.25
#